data_7VB6
#
_entry.id   7VB6
#
_cell.length_a   94.178
_cell.length_b   52.103
_cell.length_c   169.850
_cell.angle_alpha   90.000
_cell.angle_beta   94.800
_cell.angle_gamma   90.000
#
_symmetry.space_group_name_H-M   'P 1 21 1'
#
loop_
_entity.id
_entity.type
_entity.pdbx_description
1 polymer 'Aliphatic (R)-hydroxynitrile lyase'
2 non-polymer NICOTINAMIDE-ADENINE-DINUCLEOTIDE
3 non-polymer 'ZINC ION'
4 non-polymer 'MAGNESIUM ION'
5 non-polymer (2R)-2-methyl-2-oxidanyl-butanenitrile
6 non-polymer 1,2-ETHANEDIOL
7 non-polymer GLYCEROL
8 non-polymer 2-[BIS-(2-HYDROXY-ETHYL)-AMINO]-2-HYDROXYMETHYL-PROPANE-1,3-DIOL
9 water water
#
_entity_poly.entity_id   1
_entity_poly.type   'polypeptide(L)'
_entity_poly.pdbx_seq_one_letter_code
;MGSSHHHHHHSSGLVPRGSHMMASLPVSFAKPDKNGVITCKAIMLKEAKLPGMSYADTVQIIDIQVDPPQNVELRVKMLC
ASVCRTDILTIEGFMAPTQFPKINGHEGVGIIESMGPDTKNFKVGDVIVAPTLGECQTCSSCRSGRTNFCQNYGANESAL
EPDGTSRFSYIDSDGKKKLLYYKLGCSTWTQYMVVDSNYATKLNEIAPELPPPHGSILSCAFATGYGAVWLDAAVQEGDS
VAIFGVGSVGISAVIAAKELKAKQIIVVDRNEYKLKMAMELGATH(SNC)INSEKLPEGVTPSQAVRKLTPKEVGVDASI
ESSGYDVFMNEAMKAAIHGKAKTVITGEGIYENDRIFFDFKDFLFGGNVVGNVTGRVRIHSDFPGLLRKAQEPVIRAGMD
KILGYDAATMKCKYEVDIREGTPALLKALEEVENVDCVKLVIKLNDY
;
_entity_poly.pdbx_strand_id   A,B,C,D
#
loop_
_chem_comp.id
_chem_comp.type
_chem_comp.name
_chem_comp.formula
5Z9 non-polymer (2R)-2-methyl-2-oxidanyl-butanenitrile 'C5 H9 N O'
BTB non-polymer 2-[BIS-(2-HYDROXY-ETHYL)-AMINO]-2-HYDROXYMETHYL-PROPANE-1,3-DIOL 'C8 H19 N O5'
EDO non-polymer 1,2-ETHANEDIOL 'C2 H6 O2'
GOL non-polymer GLYCEROL 'C3 H8 O3'
MG non-polymer 'MAGNESIUM ION' 'Mg 2'
NAD non-polymer NICOTINAMIDE-ADENINE-DINUCLEOTIDE 'C21 H27 N7 O14 P2'
ZN non-polymer 'ZINC ION' 'Zn 2'
#
# COMPACT_ATOMS: atom_id res chain seq x y z
N GLY A 36 44.66 25.56 -14.74
CA GLY A 36 46.00 25.05 -14.36
C GLY A 36 46.02 23.55 -14.07
N VAL A 37 47.16 22.92 -14.32
CA VAL A 37 47.40 21.49 -14.03
C VAL A 37 47.81 21.35 -12.57
N ILE A 38 47.13 20.48 -11.84
CA ILE A 38 47.44 20.15 -10.43
C ILE A 38 48.39 18.95 -10.41
N THR A 39 49.44 19.05 -9.61
CA THR A 39 50.26 17.85 -9.25
C THR A 39 49.82 17.39 -7.88
N CYS A 40 49.51 16.11 -7.71
CA CYS A 40 49.06 15.56 -6.43
C CYS A 40 49.42 14.08 -6.34
N LYS A 41 49.14 13.50 -5.17
CA LYS A 41 49.36 12.07 -4.92
C LYS A 41 48.13 11.34 -5.43
N ALA A 42 48.37 10.15 -5.97
CA ALA A 42 47.29 9.21 -6.36
C ALA A 42 47.79 7.80 -6.26
N ILE A 43 46.87 6.87 -6.17
CA ILE A 43 47.25 5.45 -6.07
C ILE A 43 47.09 4.81 -7.43
N MET A 44 48.21 4.50 -8.07
CA MET A 44 48.31 3.93 -9.42
C MET A 44 48.36 2.41 -9.31
N LEU A 45 47.59 1.78 -10.17
CA LEU A 45 47.61 0.32 -10.43
C LEU A 45 48.32 0.10 -11.77
N LYS A 46 49.50 -0.54 -11.74
CA LYS A 46 50.37 -0.69 -12.94
C LYS A 46 49.77 -1.70 -13.90
N GLU A 47 49.16 -2.74 -13.37
CA GLU A 47 48.61 -3.91 -14.09
C GLU A 47 47.72 -4.67 -13.11
N ALA A 48 46.92 -5.55 -13.63
CA ALA A 48 46.03 -6.43 -12.85
C ALA A 48 46.93 -7.25 -11.91
N LYS A 49 46.49 -7.34 -10.66
CA LYS A 49 47.04 -8.28 -9.64
C LYS A 49 46.35 -9.61 -9.84
N LEU A 50 46.96 -10.49 -10.61
CA LEU A 50 46.40 -11.84 -10.88
C LEU A 50 46.80 -12.78 -9.75
N PRO A 51 46.09 -13.91 -9.61
CA PRO A 51 46.37 -14.82 -8.49
C PRO A 51 47.84 -15.20 -8.46
N GLY A 52 48.45 -15.17 -7.29
CA GLY A 52 49.90 -15.41 -7.15
C GLY A 52 50.68 -14.12 -7.02
N MET A 53 50.13 -12.99 -7.45
CA MET A 53 50.83 -11.68 -7.35
C MET A 53 50.52 -10.97 -6.04
N SER A 54 51.37 -10.01 -5.63
CA SER A 54 51.21 -9.23 -4.37
C SER A 54 50.68 -7.82 -4.70
N TYR A 55 50.14 -7.14 -3.72
CA TYR A 55 49.87 -5.70 -3.90
C TYR A 55 51.15 -4.94 -4.26
N ALA A 56 52.30 -5.31 -3.67
CA ALA A 56 53.60 -4.67 -3.95
C ALA A 56 53.92 -4.70 -5.45
N ASP A 57 53.53 -5.75 -6.15
CA ASP A 57 53.79 -5.99 -7.60
C ASP A 57 53.06 -4.92 -8.42
N THR A 58 51.93 -4.39 -7.95
CA THR A 58 51.10 -3.56 -8.85
C THR A 58 50.69 -2.19 -8.29
N VAL A 59 50.68 -1.95 -6.97
CA VAL A 59 50.08 -0.75 -6.36
C VAL A 59 51.16 0.20 -5.86
N GLN A 60 51.10 1.46 -6.28
CA GLN A 60 52.08 2.46 -5.82
C GLN A 60 51.40 3.81 -5.64
N ILE A 61 51.77 4.56 -4.59
CA ILE A 61 51.42 6.01 -4.51
C ILE A 61 52.45 6.77 -5.35
N ILE A 62 51.97 7.49 -6.35
CA ILE A 62 52.82 8.36 -7.22
C ILE A 62 52.30 9.78 -7.24
N ASP A 63 53.14 10.69 -7.74
CA ASP A 63 52.70 12.05 -8.14
C ASP A 63 52.10 11.98 -9.53
N ILE A 64 50.90 12.51 -9.67
CA ILE A 64 50.23 12.60 -10.99
C ILE A 64 49.92 14.06 -11.32
N GLN A 65 49.56 14.26 -12.59
CA GLN A 65 49.13 15.56 -13.15
C GLN A 65 47.65 15.42 -13.48
N VAL A 66 46.86 16.33 -12.95
CA VAL A 66 45.39 16.41 -13.12
C VAL A 66 45.13 17.69 -13.94
N ASP A 67 44.62 17.49 -15.12
CA ASP A 67 44.30 18.58 -16.08
C ASP A 67 43.08 19.32 -15.55
N PRO A 68 42.90 20.57 -15.99
CA PRO A 68 41.73 21.35 -15.58
C PRO A 68 40.47 20.75 -16.20
N PRO A 69 39.31 20.95 -15.56
CA PRO A 69 38.05 20.43 -16.08
C PRO A 69 37.63 21.17 -17.35
N GLN A 70 36.98 20.42 -18.24
CA GLN A 70 36.41 20.95 -19.50
C GLN A 70 34.91 20.74 -19.47
N ASN A 71 34.19 21.34 -20.43
CA ASN A 71 32.74 21.14 -20.62
C ASN A 71 31.98 21.26 -19.29
N VAL A 72 31.31 20.20 -18.84
CA VAL A 72 30.47 20.20 -17.62
C VAL A 72 31.17 19.44 -16.48
N GLU A 73 32.48 19.29 -16.56
CA GLU A 73 33.24 18.54 -15.54
C GLU A 73 33.41 19.33 -14.25
N LEU A 74 33.51 18.61 -13.13
CA LEU A 74 34.02 19.11 -11.83
C LEU A 74 35.43 18.59 -11.60
N ARG A 75 36.40 19.44 -11.26
CA ARG A 75 37.64 18.99 -10.60
C ARG A 75 37.43 19.14 -9.09
N VAL A 76 37.76 18.09 -8.34
CA VAL A 76 37.25 17.87 -6.97
C VAL A 76 38.43 17.55 -6.07
N LYS A 77 38.59 18.34 -5.01
CA LYS A 77 39.58 18.08 -3.96
C LYS A 77 38.99 17.01 -3.06
N MET A 78 39.60 15.85 -3.07
CA MET A 78 39.03 14.68 -2.38
C MET A 78 39.38 14.77 -0.89
N LEU A 79 38.41 14.50 -0.03
CA LEU A 79 38.60 14.48 1.44
C LEU A 79 39.05 13.07 1.81
N CYS A 80 38.28 12.06 1.45
CA CYS A 80 38.67 10.64 1.67
C CYS A 80 37.98 9.75 0.67
N ALA A 81 38.58 8.59 0.42
CA ALA A 81 37.97 7.49 -0.33
C ALA A 81 37.75 6.42 0.72
N SER A 82 36.87 5.48 0.47
CA SER A 82 36.77 4.32 1.35
C SER A 82 36.76 3.10 0.45
N VAL A 83 37.16 1.96 0.98
CA VAL A 83 37.49 0.77 0.17
C VAL A 83 36.26 -0.13 0.12
N CYS A 84 35.64 -0.12 -1.04
CA CYS A 84 34.63 -1.09 -1.47
C CYS A 84 35.34 -2.39 -1.86
N ARG A 85 34.72 -3.57 -1.63
CA ARG A 85 35.29 -4.85 -2.15
C ARG A 85 35.54 -4.71 -3.66
N THR A 86 34.71 -3.95 -4.38
CA THR A 86 34.92 -3.77 -5.85
C THR A 86 36.21 -3.00 -6.16
N ASP A 87 36.69 -2.20 -5.23
CA ASP A 87 38.02 -1.55 -5.39
C ASP A 87 39.09 -2.64 -5.38
N ILE A 88 39.00 -3.62 -4.49
CA ILE A 88 39.99 -4.74 -4.51
C ILE A 88 39.79 -5.59 -5.76
N LEU A 89 38.56 -5.86 -6.19
CA LEU A 89 38.36 -6.55 -7.49
C LEU A 89 39.02 -5.77 -8.61
N THR A 90 38.96 -4.42 -8.58
CA THR A 90 39.57 -3.60 -9.64
C THR A 90 41.08 -3.88 -9.64
N ILE A 91 41.65 -3.91 -8.47
CA ILE A 91 43.12 -4.20 -8.34
C ILE A 91 43.44 -5.54 -9.00
N GLU A 92 42.52 -6.49 -8.89
CA GLU A 92 42.66 -7.85 -9.52
C GLU A 92 42.26 -7.87 -11.03
N GLY A 93 41.86 -6.74 -11.63
CA GLY A 93 41.62 -6.61 -13.09
C GLY A 93 40.16 -6.56 -13.47
N PHE A 94 39.25 -6.57 -12.48
CA PHE A 94 37.80 -6.62 -12.72
C PHE A 94 37.35 -5.44 -13.58
N MET A 95 36.66 -5.77 -14.66
CA MET A 95 36.11 -4.82 -15.65
C MET A 95 37.20 -3.96 -16.26
N ALA A 96 38.47 -4.38 -16.19
CA ALA A 96 39.57 -3.57 -16.77
C ALA A 96 40.53 -4.47 -17.53
N PRO A 97 40.05 -5.11 -18.61
CA PRO A 97 40.90 -6.00 -19.41
C PRO A 97 42.07 -5.30 -20.11
N THR A 98 41.91 -4.00 -20.39
CA THR A 98 42.97 -3.22 -21.08
C THR A 98 43.24 -1.93 -20.34
N GLN A 99 42.44 -1.58 -19.31
CA GLN A 99 42.46 -0.19 -18.81
C GLN A 99 43.41 -0.04 -17.62
N PHE A 100 44.66 -0.39 -17.87
CA PHE A 100 45.82 -0.12 -16.99
C PHE A 100 46.88 0.55 -17.81
N PRO A 101 47.75 1.38 -17.19
CA PRO A 101 47.69 1.71 -15.78
C PRO A 101 46.55 2.68 -15.47
N LYS A 102 45.98 2.57 -14.26
CA LYS A 102 44.83 3.40 -13.82
C LYS A 102 45.09 3.95 -12.40
N ILE A 103 44.27 4.94 -12.03
CA ILE A 103 44.03 5.35 -10.64
C ILE A 103 42.74 4.67 -10.19
N ASN A 104 42.84 4.05 -9.04
CA ASN A 104 41.76 3.19 -8.52
C ASN A 104 40.71 4.07 -7.88
N GLY A 105 39.55 3.45 -7.63
CA GLY A 105 38.60 3.87 -6.61
C GLY A 105 37.33 4.46 -7.22
N HIS A 106 36.17 4.13 -6.65
CA HIS A 106 34.87 4.73 -7.05
C HIS A 106 34.11 5.21 -5.83
N GLU A 107 34.58 4.93 -4.61
CA GLU A 107 33.84 5.31 -3.38
C GLU A 107 34.60 6.44 -2.69
N GLY A 108 34.01 7.64 -2.55
CA GLY A 108 34.70 8.76 -1.92
C GLY A 108 33.88 10.01 -1.98
N VAL A 109 34.43 11.09 -1.46
CA VAL A 109 33.72 12.38 -1.36
C VAL A 109 34.77 13.46 -1.47
N GLY A 110 34.36 14.60 -1.98
CA GLY A 110 35.26 15.75 -1.95
C GLY A 110 34.56 17.05 -2.25
N ILE A 111 35.37 18.10 -2.41
CA ILE A 111 34.89 19.49 -2.51
C ILE A 111 35.23 19.97 -3.92
N ILE A 112 34.29 20.64 -4.56
CA ILE A 112 34.53 21.21 -5.92
C ILE A 112 35.61 22.29 -5.81
N GLU A 113 36.68 22.12 -6.58
CA GLU A 113 37.80 23.10 -6.65
C GLU A 113 37.57 24.02 -7.86
N SER A 114 37.09 23.47 -8.98
CA SER A 114 36.90 24.23 -10.24
C SER A 114 35.90 23.48 -11.12
N MET A 115 35.34 24.17 -12.13
CA MET A 115 34.30 23.55 -12.98
C MET A 115 34.62 23.91 -14.43
N GLY A 116 34.24 23.05 -15.37
CA GLY A 116 34.29 23.39 -16.79
C GLY A 116 33.33 24.54 -17.06
N PRO A 117 33.47 25.23 -18.21
CA PRO A 117 32.69 26.44 -18.49
C PRO A 117 31.18 26.25 -18.69
N ASP A 118 30.71 25.03 -19.02
CA ASP A 118 29.28 24.74 -19.31
C ASP A 118 28.54 24.17 -18.10
N THR A 119 29.20 23.99 -16.95
CA THR A 119 28.62 23.30 -15.78
C THR A 119 27.47 24.12 -15.25
N LYS A 120 26.37 23.46 -14.85
CA LYS A 120 25.20 24.09 -14.18
C LYS A 120 24.93 23.37 -12.84
N ASN A 121 24.31 24.08 -11.87
CA ASN A 121 23.68 23.47 -10.67
C ASN A 121 24.74 23.07 -9.64
N PHE A 122 25.99 23.49 -9.82
CA PHE A 122 27.09 23.30 -8.83
C PHE A 122 27.86 24.61 -8.64
N LYS A 123 28.49 24.73 -7.49
CA LYS A 123 29.35 25.90 -7.15
C LYS A 123 30.70 25.37 -6.64
N VAL A 124 31.80 26.07 -6.90
CA VAL A 124 33.07 25.84 -6.16
C VAL A 124 32.78 25.80 -4.65
N GLY A 125 33.36 24.84 -3.90
CA GLY A 125 33.08 24.65 -2.46
C GLY A 125 31.96 23.66 -2.12
N ASP A 126 31.05 23.34 -3.05
CA ASP A 126 30.07 22.27 -2.81
C ASP A 126 30.80 20.95 -2.51
N VAL A 127 30.22 20.17 -1.62
CA VAL A 127 30.67 18.80 -1.27
C VAL A 127 29.86 17.85 -2.15
N ILE A 128 30.51 16.97 -2.92
CA ILE A 128 29.81 16.08 -3.87
C ILE A 128 30.32 14.64 -3.75
N VAL A 129 29.42 13.74 -4.09
CA VAL A 129 29.75 12.33 -4.46
C VAL A 129 29.34 12.14 -5.92
N ALA A 130 29.94 11.17 -6.59
CA ALA A 130 29.69 10.94 -8.02
C ALA A 130 29.74 9.45 -8.29
N PRO A 131 28.61 8.73 -8.09
CA PRO A 131 28.56 7.29 -8.35
C PRO A 131 28.56 6.97 -9.84
N THR A 132 28.32 5.71 -10.17
CA THR A 132 28.55 5.16 -11.51
C THR A 132 27.45 5.61 -12.49
N LEU A 133 26.22 5.89 -12.01
CA LEU A 133 25.08 6.19 -12.92
C LEU A 133 24.49 7.57 -12.64
N GLY A 134 24.31 8.33 -13.70
CA GLY A 134 23.58 9.61 -13.61
C GLY A 134 22.08 9.43 -13.78
N GLU A 135 21.36 10.54 -13.92
CA GLU A 135 19.89 10.47 -13.95
C GLU A 135 19.39 11.61 -14.83
N CYS A 136 19.28 11.34 -16.13
CA CYS A 136 18.90 12.37 -17.13
C CYS A 136 17.45 12.82 -16.89
N GLN A 137 16.60 11.93 -16.38
CA GLN A 137 15.17 12.14 -16.05
C GLN A 137 14.29 12.18 -17.31
N THR A 138 14.83 12.00 -18.53
CA THR A 138 14.04 12.09 -19.80
C THR A 138 14.00 10.80 -20.62
N CYS A 139 14.91 9.83 -20.40
CA CYS A 139 14.99 8.56 -21.17
C CYS A 139 13.88 7.66 -20.64
N SER A 140 13.52 6.61 -21.37
CA SER A 140 12.37 5.77 -20.93
C SER A 140 12.68 5.03 -19.65
N SER A 141 13.95 4.75 -19.36
CA SER A 141 14.35 4.08 -18.09
C SER A 141 14.12 5.04 -16.92
N CYS A 142 14.63 6.27 -17.00
CA CYS A 142 14.36 7.30 -15.98
C CYS A 142 12.85 7.49 -15.82
N ARG A 143 12.14 7.61 -16.95
CA ARG A 143 10.69 7.94 -16.93
C ARG A 143 9.89 6.77 -16.37
N SER A 144 10.43 5.55 -16.37
CA SER A 144 9.71 4.38 -15.80
C SER A 144 9.43 4.58 -14.29
N GLY A 145 10.31 5.31 -13.58
CA GLY A 145 10.27 5.51 -12.13
C GLY A 145 10.75 4.31 -11.32
N ARG A 146 11.25 3.26 -11.96
CA ARG A 146 11.54 2.02 -11.21
C ARG A 146 12.97 1.55 -11.45
N THR A 147 13.84 2.38 -12.01
CA THR A 147 15.25 1.98 -12.19
C THR A 147 16.17 3.21 -12.16
N ASN A 148 17.44 2.97 -11.84
CA ASN A 148 18.50 3.99 -11.94
C ASN A 148 19.40 3.73 -13.15
N PHE A 149 19.12 2.73 -13.99
CA PHE A 149 19.95 2.44 -15.21
C PHE A 149 19.57 3.42 -16.34
N CYS A 150 20.05 4.63 -16.18
CA CYS A 150 19.87 5.75 -17.13
C CYS A 150 20.53 5.41 -18.47
N GLN A 151 19.80 5.61 -19.58
CA GLN A 151 20.31 5.26 -20.92
C GLN A 151 21.33 6.28 -21.38
N ASN A 152 21.30 7.50 -20.85
CA ASN A 152 22.13 8.65 -21.34
C ASN A 152 23.40 8.82 -20.48
N TYR A 153 23.33 8.53 -19.19
CA TYR A 153 24.40 8.64 -18.18
C TYR A 153 24.62 7.29 -17.51
N GLY A 154 24.98 6.32 -18.34
CA GLY A 154 25.33 4.95 -17.94
C GLY A 154 26.78 4.84 -17.48
N ALA A 155 27.19 3.62 -17.19
CA ALA A 155 28.53 3.35 -16.63
C ALA A 155 29.59 3.69 -17.70
N ASN A 156 30.61 4.43 -17.33
CA ASN A 156 31.69 4.78 -18.29
C ASN A 156 32.75 3.65 -18.37
N GLU A 157 32.42 2.57 -19.05
CA GLU A 157 33.23 1.32 -19.05
C GLU A 157 34.58 1.57 -19.71
N SER A 158 34.72 2.59 -20.57
CA SER A 158 36.00 2.90 -21.27
C SER A 158 37.09 3.32 -20.27
N ALA A 159 36.72 3.82 -19.09
CA ALA A 159 37.66 4.43 -18.11
C ALA A 159 38.44 5.58 -18.74
N LEU A 160 37.86 6.24 -19.76
CA LEU A 160 38.48 7.39 -20.45
C LEU A 160 37.44 8.49 -20.65
N GLU A 161 37.91 9.69 -20.95
CA GLU A 161 37.04 10.75 -21.52
C GLU A 161 36.47 10.26 -22.85
N PRO A 162 35.31 10.81 -23.30
CA PRO A 162 34.67 10.33 -24.52
C PRO A 162 35.50 10.52 -25.81
N ASP A 163 36.51 11.35 -25.75
CA ASP A 163 37.44 11.58 -26.89
C ASP A 163 38.63 10.61 -26.84
N GLY A 164 38.66 9.69 -25.87
CA GLY A 164 39.73 8.69 -25.72
C GLY A 164 40.93 9.19 -24.93
N THR A 165 40.92 10.42 -24.44
CA THR A 165 42.01 11.01 -23.59
C THR A 165 41.64 10.85 -22.10
N SER A 166 42.51 11.30 -21.20
CA SER A 166 42.31 11.28 -19.74
C SER A 166 42.76 12.62 -19.14
N ARG A 167 42.11 13.06 -18.07
CA ARG A 167 42.56 14.24 -17.28
C ARG A 167 43.76 13.82 -16.41
N PHE A 168 44.07 12.54 -16.30
CA PHE A 168 45.20 12.06 -15.47
C PHE A 168 46.39 11.68 -16.35
N SER A 169 47.58 12.07 -15.96
CA SER A 169 48.83 11.57 -16.56
C SER A 169 49.92 11.49 -15.48
N TYR A 170 51.04 10.86 -15.79
CA TYR A 170 52.24 10.93 -14.91
C TYR A 170 53.49 10.90 -15.79
N ILE A 171 54.60 11.29 -15.18
CA ILE A 171 55.96 11.21 -15.80
C ILE A 171 56.60 9.91 -15.34
N ASP A 172 56.92 9.02 -16.28
CA ASP A 172 57.48 7.69 -15.92
C ASP A 172 58.96 7.89 -15.54
N SER A 173 59.59 6.87 -14.99
CA SER A 173 61.02 6.89 -14.56
C SER A 173 61.93 6.99 -15.79
N ASP A 174 61.35 6.88 -17.00
CA ASP A 174 61.99 7.09 -18.31
C ASP A 174 61.80 8.55 -18.75
N GLY A 175 61.09 9.38 -17.96
CA GLY A 175 60.85 10.81 -18.25
C GLY A 175 59.67 11.08 -19.17
N LYS A 176 58.96 10.05 -19.67
CA LYS A 176 57.88 10.24 -20.68
C LYS A 176 56.53 10.46 -19.96
N LYS A 177 55.70 11.38 -20.49
CA LYS A 177 54.30 11.60 -20.03
C LYS A 177 53.43 10.43 -20.51
N LYS A 178 52.74 9.79 -19.58
CA LYS A 178 51.96 8.56 -19.85
C LYS A 178 50.52 8.77 -19.36
N LEU A 179 49.56 8.25 -20.11
CA LEU A 179 48.13 8.35 -19.73
C LEU A 179 47.84 7.40 -18.56
N LEU A 180 46.91 7.84 -17.69
CA LEU A 180 46.29 7.00 -16.63
C LEU A 180 44.81 6.92 -16.89
N TYR A 181 44.33 5.69 -16.93
CA TYR A 181 42.88 5.41 -16.99
C TYR A 181 42.25 5.79 -15.64
N TYR A 182 40.98 6.10 -15.74
CA TYR A 182 40.06 6.15 -14.56
C TYR A 182 39.67 4.75 -14.05
N LYS A 183 38.84 4.71 -12.99
CA LYS A 183 38.09 3.50 -12.65
C LYS A 183 36.94 3.38 -13.67
N LEU A 184 35.91 4.24 -13.60
CA LEU A 184 34.90 4.29 -14.71
C LEU A 184 34.85 5.72 -15.25
N GLY A 185 33.98 6.57 -14.73
CA GLY A 185 33.91 8.01 -15.09
C GLY A 185 34.92 8.88 -14.33
N CYS A 186 35.59 8.33 -13.31
CA CYS A 186 36.44 9.11 -12.38
C CYS A 186 37.28 8.12 -11.59
N SER A 187 38.23 8.61 -10.79
CA SER A 187 38.97 7.80 -9.79
C SER A 187 38.93 8.57 -8.45
N THR A 188 38.71 7.87 -7.34
CA THR A 188 38.60 8.52 -6.02
C THR A 188 39.89 8.37 -5.22
N TRP A 189 40.83 7.49 -5.63
CA TRP A 189 42.05 7.21 -4.81
C TRP A 189 43.14 8.20 -5.24
N THR A 190 42.81 9.47 -5.08
CA THR A 190 43.60 10.63 -5.56
C THR A 190 43.21 11.87 -4.81
N GLN A 191 44.17 12.78 -4.64
CA GLN A 191 43.90 14.04 -3.92
C GLN A 191 42.98 14.94 -4.72
N TYR A 192 42.99 14.81 -6.04
CA TYR A 192 42.13 15.56 -6.97
C TYR A 192 41.59 14.61 -8.03
N MET A 193 40.30 14.68 -8.27
CA MET A 193 39.69 13.87 -9.37
C MET A 193 38.97 14.83 -10.33
N VAL A 194 38.67 14.34 -11.52
CA VAL A 194 37.78 15.06 -12.46
C VAL A 194 36.59 14.15 -12.79
N VAL A 195 35.36 14.69 -12.78
CA VAL A 195 34.16 13.87 -13.11
C VAL A 195 33.16 14.76 -13.85
N ASP A 196 32.48 14.17 -14.81
CA ASP A 196 31.31 14.75 -15.51
C ASP A 196 30.25 15.06 -14.43
N SER A 197 29.78 16.33 -14.33
CA SER A 197 28.82 16.74 -13.28
C SER A 197 27.46 16.07 -13.46
N ASN A 198 27.18 15.45 -14.62
CA ASN A 198 25.89 14.70 -14.77
C ASN A 198 25.89 13.46 -13.88
N TYR A 199 27.00 13.16 -13.21
CA TYR A 199 27.10 12.01 -12.26
C TYR A 199 27.19 12.46 -10.82
N ALA A 200 27.17 13.77 -10.55
CA ALA A 200 27.49 14.27 -9.21
C ALA A 200 26.17 14.62 -8.53
N THR A 201 26.22 14.60 -7.21
CA THR A 201 25.09 15.04 -6.36
C THR A 201 25.65 15.63 -5.07
N LYS A 202 25.10 16.75 -4.60
CA LYS A 202 25.77 17.51 -3.52
C LYS A 202 25.24 17.16 -2.13
N LEU A 203 26.12 17.26 -1.14
CA LEU A 203 25.82 16.90 0.27
C LEU A 203 25.63 18.16 1.14
N ASN A 204 26.18 19.29 0.75
CA ASN A 204 26.46 20.41 1.68
C ASN A 204 25.17 21.15 2.07
N GLU A 205 24.12 21.11 1.26
CA GLU A 205 22.89 21.90 1.56
C GLU A 205 22.06 21.10 2.56
N ILE A 206 21.96 19.78 2.38
CA ILE A 206 21.11 18.93 3.26
C ILE A 206 21.90 18.50 4.49
N ALA A 207 23.22 18.26 4.33
CA ALA A 207 24.07 17.60 5.36
C ALA A 207 25.38 18.35 5.52
N PRO A 208 25.30 19.66 5.88
CA PRO A 208 26.47 20.51 6.02
C PRO A 208 27.50 19.94 7.00
N GLU A 209 27.08 19.22 8.04
CA GLU A 209 27.99 18.71 9.10
C GLU A 209 28.39 17.25 8.87
N LEU A 210 27.99 16.62 7.76
CA LEU A 210 28.27 15.18 7.57
C LEU A 210 29.79 14.95 7.52
N PRO A 211 30.38 14.10 8.38
CA PRO A 211 31.83 13.85 8.29
C PRO A 211 32.21 13.19 6.97
N PRO A 212 33.46 13.36 6.51
CA PRO A 212 33.88 12.80 5.24
C PRO A 212 33.68 11.29 5.11
N PRO A 213 34.07 10.41 6.07
CA PRO A 213 33.94 8.98 5.81
C PRO A 213 32.48 8.55 5.59
N HIS A 214 31.54 9.22 6.27
CA HIS A 214 30.09 8.99 6.04
C HIS A 214 29.66 9.38 4.61
N GLY A 215 30.10 10.54 4.11
CA GLY A 215 29.92 10.95 2.71
C GLY A 215 30.50 9.90 1.78
N SER A 216 31.66 9.36 2.13
CA SER A 216 32.38 8.38 1.30
C SER A 216 31.54 7.11 1.18
N ILE A 217 31.00 6.57 2.28
CA ILE A 217 30.22 5.32 2.20
C ILE A 217 28.85 5.63 1.56
N LEU A 218 28.29 6.83 1.66
CA LEU A 218 27.06 7.17 0.89
C LEU A 218 27.27 7.08 -0.61
N SER A 219 28.49 7.25 -1.09
CA SER A 219 28.75 7.25 -2.54
C SER A 219 28.70 5.85 -3.16
N CYS A 220 28.81 4.81 -2.35
CA CYS A 220 28.63 3.42 -2.84
C CYS A 220 28.07 2.49 -1.77
N ALA A 221 28.88 2.02 -0.83
CA ALA A 221 28.55 0.85 0.03
C ALA A 221 27.19 1.07 0.72
N PHE A 222 27.03 2.22 1.34
CA PHE A 222 25.81 2.46 2.18
C PHE A 222 24.58 2.67 1.29
N ALA A 223 24.70 3.44 0.21
CA ALA A 223 23.60 3.64 -0.77
C ALA A 223 23.22 2.28 -1.35
N THR A 224 24.20 1.37 -1.54
CA THR A 224 23.92 0.10 -2.20
C THR A 224 23.07 -0.77 -1.28
N GLY A 225 23.55 -1.02 -0.08
CA GLY A 225 22.84 -1.88 0.88
C GLY A 225 21.52 -1.31 1.30
N TYR A 226 21.48 0.00 1.60
CA TYR A 226 20.24 0.67 2.08
C TYR A 226 19.18 0.64 0.96
N GLY A 227 19.56 1.06 -0.25
CA GLY A 227 18.68 1.12 -1.42
C GLY A 227 18.23 -0.27 -1.87
N ALA A 228 19.07 -1.28 -1.76
CA ALA A 228 18.67 -2.64 -2.18
C ALA A 228 17.43 -3.05 -1.38
N VAL A 229 17.40 -2.70 -0.11
CA VAL A 229 16.25 -2.98 0.81
C VAL A 229 15.11 -1.99 0.58
N TRP A 230 15.43 -0.71 0.58
CA TRP A 230 14.41 0.37 0.58
C TRP A 230 13.71 0.43 -0.78
N LEU A 231 14.49 0.52 -1.86
CA LEU A 231 13.94 0.78 -3.21
C LEU A 231 13.70 -0.53 -3.98
N ASP A 232 14.70 -1.40 -4.06
CA ASP A 232 14.67 -2.50 -5.05
C ASP A 232 13.78 -3.63 -4.53
N ALA A 233 14.09 -4.20 -3.38
CA ALA A 233 13.26 -5.23 -2.71
C ALA A 233 11.97 -4.60 -2.18
N ALA A 234 11.95 -3.29 -1.99
CA ALA A 234 10.72 -2.53 -1.60
C ALA A 234 10.17 -3.10 -0.28
N VAL A 235 11.04 -3.23 0.70
CA VAL A 235 10.67 -3.84 2.02
C VAL A 235 9.66 -2.91 2.71
N GLN A 236 8.58 -3.53 3.14
CA GLN A 236 7.49 -2.94 3.95
C GLN A 236 7.57 -3.40 5.41
N GLU A 237 6.90 -2.62 6.27
CA GLU A 237 6.66 -2.99 7.66
C GLU A 237 6.10 -4.41 7.64
N GLY A 238 6.69 -5.28 8.46
CA GLY A 238 6.21 -6.63 8.71
C GLY A 238 6.80 -7.62 7.72
N ASP A 239 7.62 -7.17 6.78
CA ASP A 239 8.29 -8.11 5.84
C ASP A 239 9.47 -8.86 6.49
N SER A 240 9.78 -10.04 6.00
CA SER A 240 10.98 -10.82 6.40
C SER A 240 12.04 -10.57 5.34
N VAL A 241 13.27 -10.42 5.79
CA VAL A 241 14.44 -10.10 4.94
C VAL A 241 15.57 -11.06 5.26
N ALA A 242 16.26 -11.59 4.23
CA ALA A 242 17.52 -12.33 4.36
C ALA A 242 18.59 -11.54 3.62
N ILE A 243 19.73 -11.35 4.30
CA ILE A 243 20.93 -10.66 3.76
C ILE A 243 22.09 -11.67 3.77
N PHE A 244 22.63 -11.94 2.60
CA PHE A 244 23.75 -12.87 2.38
C PHE A 244 25.02 -12.06 2.20
N GLY A 245 25.86 -11.97 3.25
CA GLY A 245 27.08 -11.18 3.31
C GLY A 245 26.84 -9.91 4.11
N VAL A 246 27.44 -9.83 5.30
CA VAL A 246 27.33 -8.61 6.13
C VAL A 246 28.69 -7.94 6.18
N GLY A 247 29.24 -7.62 5.00
CA GLY A 247 30.24 -6.55 4.91
C GLY A 247 29.54 -5.20 5.03
N SER A 248 30.19 -4.12 4.58
CA SER A 248 29.62 -2.76 4.73
C SER A 248 28.27 -2.68 4.00
N VAL A 249 28.14 -3.29 2.83
CA VAL A 249 26.86 -3.32 2.05
C VAL A 249 25.78 -4.04 2.85
N GLY A 250 26.04 -5.27 3.28
CA GLY A 250 25.02 -6.03 4.01
C GLY A 250 24.62 -5.36 5.31
N ILE A 251 25.55 -4.75 6.02
CA ILE A 251 25.21 -4.07 7.31
C ILE A 251 24.34 -2.86 6.97
N SER A 252 24.58 -2.18 5.86
CA SER A 252 23.74 -1.04 5.43
C SER A 252 22.32 -1.53 5.16
N ALA A 253 22.20 -2.73 4.59
CA ALA A 253 20.90 -3.39 4.32
C ALA A 253 20.21 -3.69 5.67
N VAL A 254 20.94 -4.15 6.67
CA VAL A 254 20.35 -4.46 8.01
C VAL A 254 19.77 -3.17 8.58
N ILE A 255 20.56 -2.10 8.52
CA ILE A 255 20.14 -0.77 9.00
C ILE A 255 18.83 -0.37 8.31
N ALA A 256 18.72 -0.49 6.97
CA ALA A 256 17.47 -0.19 6.23
C ALA A 256 16.31 -1.09 6.69
N ALA A 257 16.54 -2.40 6.81
CA ALA A 257 15.50 -3.37 7.16
C ALA A 257 14.95 -2.99 8.55
N LYS A 258 15.82 -2.61 9.48
CA LYS A 258 15.37 -2.23 10.85
C LYS A 258 14.57 -0.92 10.74
N GLU A 259 15.05 0.03 9.95
CA GLU A 259 14.40 1.35 9.81
C GLU A 259 12.99 1.14 9.23
N LEU A 260 12.82 0.18 8.31
CA LEU A 260 11.53 -0.03 7.63
C LEU A 260 10.63 -0.99 8.41
N LYS A 261 11.07 -1.41 9.58
CA LYS A 261 10.28 -2.24 10.53
C LYS A 261 10.00 -3.63 9.92
N ALA A 262 11.02 -4.26 9.31
CA ALA A 262 10.99 -5.70 8.96
C ALA A 262 10.68 -6.50 10.22
N LYS A 263 9.79 -7.49 10.14
CA LYS A 263 9.45 -8.38 11.28
C LYS A 263 10.65 -9.29 11.58
N GLN A 264 11.47 -9.59 10.59
CA GLN A 264 12.51 -10.60 10.72
C GLN A 264 13.67 -10.22 9.77
N ILE A 265 14.87 -10.19 10.29
CA ILE A 265 16.09 -9.81 9.51
C ILE A 265 17.10 -10.91 9.75
N ILE A 266 17.35 -11.74 8.74
CA ILE A 266 18.23 -12.92 8.83
C ILE A 266 19.53 -12.57 8.12
N VAL A 267 20.66 -12.76 8.80
CA VAL A 267 21.99 -12.49 8.20
C VAL A 267 22.79 -13.79 8.08
N VAL A 268 23.53 -13.92 6.97
CA VAL A 268 24.30 -15.13 6.60
C VAL A 268 25.68 -14.68 6.22
N ASP A 269 26.70 -15.26 6.83
CA ASP A 269 28.12 -14.93 6.54
C ASP A 269 29.00 -16.03 7.17
N ARG A 270 30.29 -16.05 6.86
CA ARG A 270 31.28 -16.95 7.56
C ARG A 270 31.97 -16.17 8.69
N ASN A 271 31.80 -14.85 8.74
CA ASN A 271 32.54 -13.96 9.65
C ASN A 271 31.71 -13.69 10.91
N GLU A 272 32.08 -14.26 12.05
CA GLU A 272 31.26 -14.13 13.30
C GLU A 272 31.26 -12.67 13.85
N TYR A 273 32.35 -11.92 13.65
CA TYR A 273 32.49 -10.52 14.12
C TYR A 273 31.45 -9.64 13.41
N LYS A 274 31.32 -9.82 12.10
CA LYS A 274 30.39 -8.99 11.31
C LYS A 274 28.96 -9.47 11.53
N LEU A 275 28.73 -10.78 11.65
CA LEU A 275 27.38 -11.29 12.05
C LEU A 275 26.93 -10.62 13.37
N LYS A 276 27.82 -10.54 14.36
CA LYS A 276 27.51 -9.97 15.70
C LYS A 276 27.22 -8.48 15.51
N MET A 277 27.97 -7.81 14.64
CA MET A 277 27.75 -6.37 14.37
C MET A 277 26.38 -6.22 13.71
N ALA A 278 26.03 -7.11 12.76
CA ALA A 278 24.69 -7.09 12.12
C ALA A 278 23.59 -7.21 13.20
N MET A 279 23.71 -8.16 14.11
CA MET A 279 22.74 -8.41 15.20
C MET A 279 22.62 -7.14 16.05
N GLU A 280 23.74 -6.52 16.41
CA GLU A 280 23.75 -5.31 17.26
C GLU A 280 22.97 -4.19 16.57
N LEU A 281 23.01 -4.12 15.24
CA LEU A 281 22.39 -3.04 14.46
C LEU A 281 21.00 -3.40 13.94
N GLY A 282 20.40 -4.52 14.37
CA GLY A 282 18.98 -4.77 14.10
C GLY A 282 18.63 -6.16 13.65
N ALA A 283 19.61 -7.01 13.25
CA ALA A 283 19.30 -8.33 12.69
C ALA A 283 18.67 -9.15 13.82
N THR A 284 17.72 -10.04 13.49
CA THR A 284 17.01 -10.86 14.48
C THR A 284 17.57 -12.31 14.53
N HIS A 285 18.19 -12.81 13.46
CA HIS A 285 18.68 -14.20 13.40
C HIS A 285 19.94 -14.22 12.57
N SNC A 286 20.94 -14.99 13.00
CA SNC A 286 22.18 -15.11 12.26
CB SNC A 286 23.31 -14.40 12.98
SG SNC A 286 23.53 -14.91 14.69
ND SNC A 286 24.38 -16.33 14.61
OE SNC A 286 25.56 -16.46 14.22
C SNC A 286 22.50 -16.56 12.00
O SNC A 286 22.21 -17.45 12.82
N ILE A 287 23.13 -16.76 10.85
CA ILE A 287 23.60 -18.06 10.39
C ILE A 287 25.04 -17.93 9.93
N ASN A 288 25.93 -18.70 10.56
CA ASN A 288 27.30 -18.90 10.05
C ASN A 288 27.27 -20.01 9.02
N SER A 289 27.30 -19.64 7.73
CA SER A 289 27.25 -20.59 6.61
C SER A 289 28.38 -21.62 6.70
N GLU A 290 29.53 -21.32 7.30
CA GLU A 290 30.67 -22.27 7.34
C GLU A 290 30.52 -23.24 8.51
N LYS A 291 29.46 -23.09 9.31
CA LYS A 291 29.17 -23.97 10.46
C LYS A 291 27.87 -24.77 10.22
N LEU A 292 27.23 -24.61 9.07
CA LEU A 292 26.05 -25.46 8.76
C LEU A 292 26.54 -26.89 8.55
N PRO A 293 25.68 -27.87 8.89
CA PRO A 293 25.91 -29.24 8.42
C PRO A 293 26.09 -29.31 6.89
N GLU A 294 26.91 -30.23 6.38
CA GLU A 294 27.28 -30.32 4.92
C GLU A 294 26.03 -30.49 4.05
N GLY A 295 24.98 -31.17 4.56
CA GLY A 295 23.74 -31.47 3.80
C GLY A 295 22.68 -30.37 3.90
N VAL A 296 22.95 -29.27 4.60
CA VAL A 296 21.99 -28.14 4.79
C VAL A 296 22.54 -26.93 4.04
N THR A 297 21.87 -26.50 3.00
CA THR A 297 22.32 -25.32 2.21
C THR A 297 21.97 -24.06 3.00
N PRO A 298 22.63 -22.91 2.72
CA PRO A 298 22.21 -21.63 3.29
C PRO A 298 20.72 -21.32 3.05
N SER A 299 20.21 -21.61 1.86
CA SER A 299 18.80 -21.27 1.57
C SER A 299 17.88 -22.15 2.44
N GLN A 300 18.24 -23.42 2.62
CA GLN A 300 17.47 -24.34 3.50
C GLN A 300 17.48 -23.80 4.94
N ALA A 301 18.64 -23.39 5.44
CA ALA A 301 18.75 -22.84 6.81
C ALA A 301 17.89 -21.59 6.92
N VAL A 302 17.92 -20.71 5.91
CA VAL A 302 17.08 -19.48 5.96
C VAL A 302 15.60 -19.86 5.97
N ARG A 303 15.19 -20.76 5.07
CA ARG A 303 13.75 -21.12 4.97
C ARG A 303 13.27 -21.74 6.29
N LYS A 304 14.10 -22.50 7.00
CA LYS A 304 13.74 -23.16 8.29
C LYS A 304 13.40 -22.11 9.35
N LEU A 305 13.89 -20.87 9.23
CA LEU A 305 13.55 -19.77 10.17
C LEU A 305 12.19 -19.14 9.87
N THR A 306 11.55 -19.44 8.73
CA THR A 306 10.34 -18.75 8.27
C THR A 306 9.15 -19.70 8.44
N PRO A 307 7.93 -19.20 8.70
CA PRO A 307 6.80 -20.09 8.98
C PRO A 307 6.46 -20.95 7.76
N LYS A 308 6.29 -22.25 7.97
CA LYS A 308 5.94 -23.23 6.92
C LYS A 308 7.07 -23.31 5.89
N GLU A 309 8.28 -22.93 6.28
CA GLU A 309 9.49 -22.89 5.42
C GLU A 309 9.15 -22.15 4.12
N VAL A 310 8.36 -21.08 4.20
CA VAL A 310 7.88 -20.35 2.99
C VAL A 310 9.01 -19.48 2.40
N GLY A 311 10.04 -19.15 3.19
CA GLY A 311 11.12 -18.22 2.76
C GLY A 311 10.83 -16.77 3.08
N VAL A 312 11.62 -15.83 2.55
CA VAL A 312 11.57 -14.42 2.99
C VAL A 312 10.88 -13.55 1.93
N ASP A 313 10.34 -12.42 2.36
CA ASP A 313 9.66 -11.43 1.48
C ASP A 313 10.67 -10.71 0.60
N ALA A 314 11.93 -10.66 1.01
CA ALA A 314 13.01 -9.90 0.31
C ALA A 314 14.32 -10.61 0.57
N SER A 315 15.11 -10.80 -0.49
CA SER A 315 16.37 -11.55 -0.34
C SER A 315 17.48 -10.73 -0.98
N ILE A 316 18.47 -10.33 -0.19
CA ILE A 316 19.58 -9.43 -0.63
C ILE A 316 20.84 -10.26 -0.68
N GLU A 317 21.55 -10.20 -1.79
CA GLU A 317 22.91 -10.77 -1.82
C GLU A 317 23.89 -9.61 -1.89
N SER A 318 24.87 -9.65 -0.99
CA SER A 318 25.87 -8.57 -0.75
C SER A 318 27.16 -9.23 -0.32
N SER A 319 27.58 -10.26 -1.02
CA SER A 319 28.75 -11.11 -0.62
C SER A 319 29.80 -11.15 -1.74
N GLY A 320 29.36 -11.23 -2.98
CA GLY A 320 30.28 -11.49 -4.11
C GLY A 320 30.54 -12.98 -4.29
N TYR A 321 29.96 -13.83 -3.43
CA TYR A 321 30.09 -15.29 -3.49
C TYR A 321 29.02 -15.82 -4.44
N ASP A 322 29.45 -16.38 -5.57
CA ASP A 322 28.47 -16.73 -6.62
C ASP A 322 27.47 -17.73 -6.05
N VAL A 323 27.93 -18.63 -5.17
CA VAL A 323 27.01 -19.59 -4.50
C VAL A 323 25.89 -18.82 -3.74
N PHE A 324 26.22 -17.75 -3.04
CA PHE A 324 25.20 -16.98 -2.27
C PHE A 324 24.19 -16.33 -3.23
N MET A 325 24.55 -16.04 -4.49
CA MET A 325 23.58 -15.46 -5.45
C MET A 325 22.49 -16.50 -5.75
N ASN A 326 22.87 -17.76 -5.87
CA ASN A 326 21.92 -18.88 -6.08
C ASN A 326 21.15 -19.11 -4.78
N GLU A 327 21.81 -19.13 -3.63
CA GLU A 327 21.10 -19.40 -2.34
C GLU A 327 20.14 -18.26 -2.04
N ALA A 328 20.50 -17.01 -2.33
CA ALA A 328 19.59 -15.87 -2.09
C ALA A 328 18.33 -16.08 -2.95
N MET A 329 18.49 -16.44 -4.22
CA MET A 329 17.35 -16.67 -5.13
C MET A 329 16.42 -17.75 -4.54
N LYS A 330 17.00 -18.81 -3.95
CA LYS A 330 16.22 -19.94 -3.42
C LYS A 330 15.51 -19.57 -2.11
N ALA A 331 16.06 -18.65 -1.31
CA ALA A 331 15.51 -18.31 0.04
C ALA A 331 14.26 -17.45 -0.08
N ALA A 332 14.07 -16.83 -1.23
CA ALA A 332 12.92 -15.93 -1.51
C ALA A 332 11.60 -16.72 -1.58
N ILE A 333 10.53 -16.15 -1.06
CA ILE A 333 9.14 -16.67 -1.29
C ILE A 333 8.91 -16.72 -2.80
N HIS A 334 8.59 -17.89 -3.33
CA HIS A 334 8.39 -18.12 -4.78
C HIS A 334 7.46 -17.04 -5.35
N GLY A 335 7.89 -16.39 -6.43
CA GLY A 335 7.07 -15.43 -7.21
C GLY A 335 6.95 -14.08 -6.52
N LYS A 336 6.51 -14.04 -5.25
CA LYS A 336 6.16 -12.81 -4.51
C LYS A 336 7.40 -11.94 -4.25
N ALA A 337 8.47 -12.56 -3.77
CA ALA A 337 9.68 -11.90 -3.24
C ALA A 337 10.65 -11.64 -4.39
N LYS A 338 11.39 -10.57 -4.28
CA LYS A 338 12.51 -10.21 -5.19
C LYS A 338 13.80 -10.53 -4.48
N THR A 339 14.75 -11.09 -5.24
CA THR A 339 16.14 -11.30 -4.86
C THR A 339 16.95 -10.20 -5.54
N VAL A 340 17.65 -9.42 -4.74
CA VAL A 340 18.43 -8.26 -5.24
C VAL A 340 19.89 -8.66 -5.12
N ILE A 341 20.56 -8.78 -6.27
CA ILE A 341 22.00 -9.11 -6.37
C ILE A 341 22.82 -7.81 -6.45
N THR A 342 23.63 -7.54 -5.42
CA THR A 342 24.59 -6.40 -5.37
C THR A 342 26.02 -6.94 -5.54
N GLY A 343 26.25 -8.21 -5.31
CA GLY A 343 27.60 -8.79 -5.22
C GLY A 343 28.33 -8.70 -6.52
N GLU A 344 29.66 -8.63 -6.43
CA GLU A 344 30.52 -8.73 -7.61
C GLU A 344 31.70 -9.63 -7.28
N GLY A 345 32.28 -10.19 -8.33
CA GLY A 345 33.49 -11.01 -8.22
C GLY A 345 34.02 -11.29 -9.59
N ILE A 346 35.16 -11.95 -9.61
CA ILE A 346 35.81 -12.39 -10.88
C ILE A 346 35.45 -13.87 -11.08
N TYR A 347 34.51 -14.10 -11.97
CA TYR A 347 33.85 -15.43 -12.15
C TYR A 347 34.43 -16.02 -13.42
N GLU A 348 34.59 -17.34 -13.46
CA GLU A 348 35.04 -18.02 -14.69
C GLU A 348 34.07 -17.69 -15.85
N ASN A 349 34.57 -17.25 -17.00
CA ASN A 349 33.79 -16.86 -18.21
C ASN A 349 32.84 -15.69 -17.88
N ASP A 350 33.06 -14.99 -16.78
CA ASP A 350 32.16 -13.91 -16.28
C ASP A 350 30.73 -14.45 -16.29
N ARG A 351 30.51 -15.66 -15.79
CA ARG A 351 29.15 -16.23 -15.70
C ARG A 351 28.82 -16.60 -14.26
N ILE A 352 27.56 -16.43 -13.92
CA ILE A 352 26.94 -16.96 -12.67
C ILE A 352 25.86 -17.97 -13.07
N PHE A 353 25.47 -18.79 -12.10
CA PHE A 353 24.61 -19.99 -12.26
CA PHE A 353 24.54 -19.92 -12.35
C PHE A 353 23.41 -19.88 -11.32
N PHE A 354 22.28 -20.44 -11.73
CA PHE A 354 21.14 -20.66 -10.82
C PHE A 354 20.67 -22.10 -10.99
N ASP A 355 20.23 -22.71 -9.89
CA ASP A 355 19.54 -24.02 -9.89
C ASP A 355 18.21 -23.83 -10.66
N PHE A 356 18.02 -24.60 -11.73
CA PHE A 356 17.01 -24.26 -12.77
C PHE A 356 15.59 -24.49 -12.26
N LYS A 357 15.33 -25.65 -11.69
CA LYS A 357 13.96 -25.93 -11.21
C LYS A 357 13.51 -24.90 -10.19
N ASP A 358 14.37 -24.55 -9.21
CA ASP A 358 14.02 -23.56 -8.15
C ASP A 358 13.85 -22.19 -8.79
N PHE A 359 14.60 -21.89 -9.86
CA PHE A 359 14.47 -20.61 -10.59
C PHE A 359 13.13 -20.53 -11.34
N LEU A 360 12.77 -21.57 -12.11
CA LEU A 360 11.53 -21.55 -12.93
C LEU A 360 10.32 -21.39 -12.00
N PHE A 361 10.32 -22.13 -10.90
CA PHE A 361 9.21 -22.18 -9.92
C PHE A 361 9.34 -21.02 -8.92
N GLY A 362 9.43 -19.79 -9.42
CA GLY A 362 9.21 -18.59 -8.61
C GLY A 362 10.45 -17.73 -8.36
N GLY A 363 11.56 -17.97 -9.05
CA GLY A 363 12.74 -17.11 -8.90
C GLY A 363 12.46 -15.76 -9.49
N ASN A 364 13.11 -14.76 -8.93
CA ASN A 364 12.85 -13.34 -9.29
C ASN A 364 14.12 -12.60 -8.89
N VAL A 365 15.02 -12.38 -9.85
CA VAL A 365 16.40 -11.94 -9.53
C VAL A 365 16.69 -10.66 -10.34
N VAL A 366 17.22 -9.64 -9.67
CA VAL A 366 17.60 -8.38 -10.35
C VAL A 366 19.04 -8.05 -10.02
N GLY A 367 19.77 -7.54 -11.03
CA GLY A 367 21.05 -6.88 -10.77
C GLY A 367 20.83 -5.46 -10.26
N ASN A 368 21.69 -5.03 -9.34
CA ASN A 368 21.53 -3.77 -8.60
C ASN A 368 22.88 -3.10 -8.56
N VAL A 369 22.88 -1.82 -8.86
CA VAL A 369 24.06 -0.95 -8.83
C VAL A 369 23.67 0.25 -7.99
N THR A 370 24.43 0.50 -6.91
CA THR A 370 24.24 1.66 -6.02
C THR A 370 22.81 1.65 -5.44
N GLY A 371 22.27 0.46 -5.19
CA GLY A 371 21.03 0.33 -4.40
C GLY A 371 19.83 0.86 -5.15
N ARG A 372 19.95 1.03 -6.44
CA ARG A 372 18.92 1.67 -7.31
C ARG A 372 18.66 3.10 -6.80
N VAL A 373 19.64 3.73 -6.13
CA VAL A 373 19.45 5.06 -5.51
C VAL A 373 19.76 6.12 -6.59
N ARG A 374 18.73 6.72 -7.17
CA ARG A 374 18.91 7.68 -8.30
C ARG A 374 19.48 8.98 -7.73
N ILE A 375 20.47 9.57 -8.37
CA ILE A 375 21.28 10.64 -7.70
C ILE A 375 20.45 11.91 -7.46
N HIS A 376 19.40 12.16 -8.23
CA HIS A 376 18.54 13.37 -8.08
C HIS A 376 17.26 12.96 -7.37
N SER A 377 16.63 11.85 -7.78
CA SER A 377 15.28 11.50 -7.26
C SER A 377 15.35 10.90 -5.86
N ASP A 378 16.37 10.10 -5.56
CA ASP A 378 16.37 9.28 -4.31
C ASP A 378 17.47 9.74 -3.35
N PHE A 379 18.63 10.12 -3.85
CA PHE A 379 19.80 10.36 -2.99
C PHE A 379 19.50 11.43 -1.94
N PRO A 380 18.85 12.57 -2.27
CA PRO A 380 18.54 13.59 -1.26
C PRO A 380 17.79 13.01 -0.07
N GLY A 381 16.84 12.12 -0.32
CA GLY A 381 16.05 11.54 0.76
C GLY A 381 16.91 10.62 1.62
N LEU A 382 17.77 9.82 1.00
CA LEU A 382 18.71 8.93 1.69
C LEU A 382 19.66 9.76 2.56
N LEU A 383 20.16 10.86 2.02
CA LEU A 383 21.06 11.78 2.77
C LEU A 383 20.35 12.30 4.04
N ARG A 384 19.09 12.71 3.92
N ARG A 384 19.09 12.70 3.91
CA ARG A 384 18.33 13.19 5.10
CA ARG A 384 18.31 13.20 5.08
C ARG A 384 18.21 12.05 6.11
C ARG A 384 18.18 12.06 6.10
N LYS A 385 17.83 10.87 5.63
CA LYS A 385 17.66 9.68 6.49
C LYS A 385 18.98 9.38 7.20
N ALA A 386 20.11 9.50 6.52
CA ALA A 386 21.43 9.14 7.07
C ALA A 386 21.76 10.00 8.29
N GLN A 387 21.13 11.17 8.43
CA GLN A 387 21.41 12.09 9.56
C GLN A 387 20.54 11.80 10.78
N GLU A 388 19.53 10.94 10.66
CA GLU A 388 18.74 10.53 11.84
C GLU A 388 19.64 9.74 12.78
N PRO A 389 19.49 9.88 14.10
CA PRO A 389 20.46 9.34 15.04
C PRO A 389 20.73 7.83 14.96
N VAL A 390 19.70 7.00 14.75
CA VAL A 390 19.92 5.52 14.73
C VAL A 390 20.72 5.22 13.45
N ILE A 391 20.40 5.89 12.36
CA ILE A 391 21.10 5.61 11.06
C ILE A 391 22.55 6.09 11.19
N ARG A 392 22.77 7.29 11.70
CA ARG A 392 24.12 7.83 11.96
C ARG A 392 24.88 6.87 12.88
N ALA A 393 24.27 6.35 13.94
CA ALA A 393 24.91 5.38 14.86
C ALA A 393 25.33 4.11 14.09
N GLY A 394 24.51 3.70 13.12
CA GLY A 394 24.80 2.49 12.34
C GLY A 394 25.99 2.77 11.45
N MET A 395 26.04 3.95 10.82
CA MET A 395 27.19 4.32 9.94
C MET A 395 28.47 4.42 10.79
N ASP A 396 28.35 4.98 11.99
CA ASP A 396 29.46 5.12 12.97
C ASP A 396 30.00 3.73 13.29
N LYS A 397 29.13 2.75 13.45
CA LYS A 397 29.56 1.39 13.83
C LYS A 397 30.22 0.74 12.63
N ILE A 398 29.66 0.89 11.41
CA ILE A 398 30.33 0.34 10.20
C ILE A 398 31.76 0.88 10.15
N LEU A 399 31.89 2.19 10.27
CA LEU A 399 33.20 2.89 10.11
C LEU A 399 34.10 2.70 11.34
N GLY A 400 33.55 2.41 12.53
CA GLY A 400 34.26 2.60 13.81
C GLY A 400 34.74 4.05 13.97
N TYR A 401 33.84 4.98 13.74
CA TYR A 401 34.19 6.42 13.66
C TYR A 401 34.27 6.99 15.07
N ASP A 402 35.31 7.79 15.31
CA ASP A 402 35.47 8.58 16.55
C ASP A 402 35.27 10.07 16.18
N ALA A 403 34.14 10.66 16.59
CA ALA A 403 33.70 12.04 16.27
C ALA A 403 34.73 13.07 16.72
N ALA A 404 35.35 12.84 17.88
CA ALA A 404 36.30 13.77 18.52
C ALA A 404 37.59 13.88 17.69
N THR A 405 38.05 12.78 17.08
CA THR A 405 39.34 12.75 16.33
C THR A 405 39.11 12.67 14.83
N MET A 406 37.88 12.37 14.44
CA MET A 406 37.43 12.18 13.03
C MET A 406 38.23 11.02 12.39
N LYS A 407 38.64 10.04 13.21
CA LYS A 407 39.41 8.84 12.76
C LYS A 407 38.45 7.64 12.67
N CYS A 408 38.71 6.77 11.71
CA CYS A 408 37.98 5.48 11.61
C CYS A 408 38.91 4.38 12.14
N LYS A 409 38.32 3.27 12.55
CA LYS A 409 39.06 2.13 13.14
C LYS A 409 40.19 1.70 12.19
N TYR A 410 39.86 1.50 10.93
CA TYR A 410 40.84 1.12 9.86
C TYR A 410 40.98 2.33 8.92
N GLU A 411 42.12 3.01 8.98
CA GLU A 411 42.33 4.22 8.18
C GLU A 411 43.81 4.29 7.79
N VAL A 412 44.06 4.70 6.57
CA VAL A 412 45.42 4.94 6.07
C VAL A 412 45.39 6.28 5.35
N ASP A 413 46.48 7.04 5.40
CA ASP A 413 46.53 8.38 4.79
C ASP A 413 47.42 8.27 3.55
N ILE A 414 46.98 8.73 2.38
CA ILE A 414 47.80 8.66 1.13
C ILE A 414 49.14 9.40 1.28
N ARG A 415 49.23 10.34 2.20
CA ARG A 415 50.44 11.17 2.35
C ARG A 415 51.50 10.41 3.18
N GLU A 416 51.22 9.21 3.66
CA GLU A 416 52.13 8.52 4.61
C GLU A 416 52.85 7.32 3.95
N GLY A 417 52.79 7.18 2.63
CA GLY A 417 53.73 6.29 1.93
C GLY A 417 53.12 4.97 1.50
N THR A 418 53.73 4.38 0.47
CA THR A 418 53.23 3.16 -0.18
C THR A 418 53.29 2.03 0.84
N PRO A 419 54.35 1.86 1.67
CA PRO A 419 54.32 0.69 2.56
C PRO A 419 53.11 0.64 3.53
N ALA A 420 52.69 1.79 4.04
CA ALA A 420 51.54 1.85 4.98
C ALA A 420 50.26 1.47 4.20
N LEU A 421 50.20 1.89 2.95
CA LEU A 421 49.03 1.56 2.09
C LEU A 421 48.99 0.05 1.83
N LEU A 422 50.12 -0.56 1.48
CA LEU A 422 50.15 -2.00 1.13
C LEU A 422 49.70 -2.80 2.34
N LYS A 423 50.17 -2.43 3.52
CA LYS A 423 49.73 -3.08 4.79
C LYS A 423 48.23 -2.89 5.02
N ALA A 424 47.72 -1.69 4.77
CA ALA A 424 46.27 -1.41 4.95
C ALA A 424 45.47 -2.31 4.00
N LEU A 425 45.92 -2.51 2.77
CA LEU A 425 45.17 -3.29 1.75
C LEU A 425 45.16 -4.75 2.17
N GLU A 426 46.26 -5.26 2.73
CA GLU A 426 46.25 -6.64 3.32
C GLU A 426 45.23 -6.72 4.45
N GLU A 427 45.15 -5.67 5.28
CA GLU A 427 44.31 -5.62 6.51
C GLU A 427 42.83 -5.42 6.18
N VAL A 428 42.50 -5.17 4.93
CA VAL A 428 41.09 -5.21 4.47
C VAL A 428 40.50 -6.60 4.78
N GLU A 429 41.33 -7.66 4.79
CA GLU A 429 40.86 -9.04 5.07
C GLU A 429 40.77 -9.31 6.59
N ASN A 430 41.20 -8.39 7.44
CA ASN A 430 41.14 -8.59 8.91
C ASN A 430 39.68 -8.84 9.31
N VAL A 431 39.46 -9.75 10.26
CA VAL A 431 38.08 -10.17 10.65
C VAL A 431 37.23 -8.95 11.02
N ASP A 432 37.81 -7.91 11.64
CA ASP A 432 37.08 -6.75 12.21
C ASP A 432 37.24 -5.52 11.32
N CYS A 433 37.82 -5.64 10.12
CA CYS A 433 37.86 -4.54 9.13
C CYS A 433 36.55 -4.57 8.33
N VAL A 434 35.59 -3.72 8.67
CA VAL A 434 34.33 -3.59 7.90
C VAL A 434 34.56 -2.63 6.73
N LYS A 435 35.20 -1.51 7.00
CA LYS A 435 35.38 -0.44 6.01
C LYS A 435 36.68 0.28 6.28
N LEU A 436 37.66 0.07 5.40
CA LEU A 436 38.92 0.85 5.40
C LEU A 436 38.67 2.20 4.74
N VAL A 437 39.19 3.26 5.34
CA VAL A 437 39.10 4.65 4.85
C VAL A 437 40.50 5.05 4.43
N ILE A 438 40.61 5.70 3.27
CA ILE A 438 41.88 6.27 2.76
C ILE A 438 41.73 7.80 2.85
N LYS A 439 42.36 8.39 3.85
CA LYS A 439 42.37 9.86 3.95
C LYS A 439 43.23 10.45 2.84
N LEU A 440 42.78 11.53 2.21
CA LEU A 440 43.46 12.08 1.00
C LEU A 440 43.93 13.52 1.26
N ASN A 441 43.26 14.24 2.15
CA ASN A 441 43.57 15.66 2.48
C ASN A 441 43.07 15.93 3.89
N ASP A 442 43.53 17.04 4.50
CA ASP A 442 43.00 17.53 5.79
C ASP A 442 41.48 17.75 5.63
N TYR A 443 40.72 17.44 6.68
CA TYR A 443 39.28 17.72 6.75
C TYR A 443 38.92 19.18 7.08
N ALA B 30 -16.05 -45.99 -20.06
CA ALA B 30 -16.51 -44.70 -19.47
C ALA B 30 -17.60 -44.93 -18.42
N LYS B 31 -17.89 -46.17 -18.01
CA LYS B 31 -18.87 -46.49 -16.93
C LYS B 31 -18.15 -47.14 -15.74
N PRO B 32 -18.34 -46.65 -14.49
CA PRO B 32 -17.72 -47.28 -13.32
C PRO B 32 -18.27 -48.70 -13.08
N ASP B 33 -17.46 -49.62 -12.53
CA ASP B 33 -17.92 -50.92 -11.99
C ASP B 33 -18.66 -50.65 -10.67
N LYS B 34 -19.11 -51.71 -9.99
CA LYS B 34 -19.96 -51.59 -8.76
C LYS B 34 -19.19 -50.88 -7.62
N ASN B 35 -17.86 -50.80 -7.69
CA ASN B 35 -17.01 -50.13 -6.65
C ASN B 35 -16.61 -48.70 -7.09
N GLY B 36 -17.20 -48.19 -8.19
CA GLY B 36 -16.99 -46.85 -8.74
C GLY B 36 -15.66 -46.77 -9.48
N VAL B 37 -14.99 -47.89 -9.73
CA VAL B 37 -13.69 -47.88 -10.45
C VAL B 37 -13.94 -47.85 -11.96
N ILE B 38 -13.26 -46.99 -12.69
CA ILE B 38 -13.36 -46.91 -14.17
C ILE B 38 -12.12 -47.61 -14.72
N THR B 39 -12.31 -48.42 -15.76
CA THR B 39 -11.22 -48.95 -16.61
C THR B 39 -11.19 -48.14 -17.90
N CYS B 40 -10.04 -47.60 -18.27
CA CYS B 40 -9.97 -46.80 -19.51
C CYS B 40 -8.57 -46.87 -20.05
N LYS B 41 -8.34 -46.27 -21.18
CA LYS B 41 -7.00 -46.18 -21.77
C LYS B 41 -6.22 -45.02 -21.14
N ALA B 42 -4.91 -45.21 -20.94
CA ALA B 42 -4.00 -44.15 -20.49
C ALA B 42 -2.65 -44.41 -21.13
N ILE B 43 -1.85 -43.36 -21.22
CA ILE B 43 -0.47 -43.48 -21.78
C ILE B 43 0.50 -43.57 -20.61
N MET B 44 1.06 -44.76 -20.44
CA MET B 44 2.03 -45.11 -19.39
C MET B 44 3.43 -44.82 -19.90
N LEU B 45 4.22 -44.20 -19.01
CA LEU B 45 5.68 -44.07 -19.13
C LEU B 45 6.27 -45.07 -18.13
N LYS B 46 7.02 -46.03 -18.63
CA LYS B 46 7.57 -47.16 -17.86
C LYS B 46 8.72 -46.65 -16.98
N GLU B 47 9.59 -45.83 -17.57
CA GLU B 47 10.81 -45.26 -16.96
C GLU B 47 11.24 -44.10 -17.85
N ALA B 48 12.28 -43.38 -17.44
CA ALA B 48 12.82 -42.25 -18.19
C ALA B 48 13.39 -42.73 -19.53
N LYS B 49 13.04 -42.00 -20.59
CA LYS B 49 13.65 -42.17 -21.92
C LYS B 49 14.94 -41.35 -21.93
N LEU B 50 16.04 -42.00 -21.60
CA LEU B 50 17.36 -41.34 -21.50
C LEU B 50 17.90 -41.19 -22.93
N PRO B 51 18.92 -40.35 -23.15
CA PRO B 51 19.50 -40.16 -24.48
C PRO B 51 19.84 -41.49 -25.13
N GLY B 52 19.40 -41.65 -26.37
CA GLY B 52 19.62 -42.81 -27.23
C GLY B 52 18.52 -43.83 -27.10
N MET B 53 17.63 -43.71 -26.10
CA MET B 53 16.51 -44.66 -25.98
C MET B 53 15.39 -44.21 -26.94
N SER B 54 14.50 -45.13 -27.31
CA SER B 54 13.33 -44.89 -28.19
C SER B 54 12.05 -44.57 -27.38
N TYR B 55 11.06 -43.95 -28.05
CA TYR B 55 9.68 -43.90 -27.50
C TYR B 55 9.18 -45.33 -27.22
N ALA B 56 9.51 -46.26 -28.09
CA ALA B 56 9.03 -47.65 -27.98
C ALA B 56 9.57 -48.25 -26.68
N ASP B 57 10.74 -47.83 -26.21
CA ASP B 57 11.34 -48.36 -24.95
C ASP B 57 10.42 -48.05 -23.75
N THR B 58 9.73 -46.91 -23.73
CA THR B 58 9.14 -46.42 -22.45
C THR B 58 7.66 -46.11 -22.54
N VAL B 59 7.13 -45.89 -23.75
CA VAL B 59 5.74 -45.33 -23.90
C VAL B 59 4.80 -46.44 -24.35
N GLN B 60 3.68 -46.61 -23.66
CA GLN B 60 2.73 -47.65 -24.05
C GLN B 60 1.32 -47.24 -23.65
N ILE B 61 0.37 -47.42 -24.55
CA ILE B 61 -1.05 -47.26 -24.19
C ILE B 61 -1.51 -48.53 -23.51
N ILE B 62 -2.08 -48.40 -22.32
CA ILE B 62 -2.54 -49.60 -21.57
C ILE B 62 -3.92 -49.33 -21.01
N ASP B 63 -4.59 -50.38 -20.57
CA ASP B 63 -5.79 -50.25 -19.70
C ASP B 63 -5.38 -49.99 -18.26
N ILE B 64 -5.94 -48.94 -17.65
CA ILE B 64 -5.74 -48.57 -16.21
C ILE B 64 -7.08 -48.54 -15.48
N GLN B 65 -7.00 -48.64 -14.17
CA GLN B 65 -8.12 -48.50 -13.20
C GLN B 65 -7.97 -47.13 -12.57
N VAL B 66 -9.02 -46.33 -12.67
CA VAL B 66 -9.12 -44.97 -12.08
C VAL B 66 -10.11 -45.09 -10.91
N ASP B 67 -9.60 -44.93 -9.68
CA ASP B 67 -10.42 -45.01 -8.45
C ASP B 67 -11.36 -43.82 -8.39
N PRO B 68 -12.43 -43.91 -7.57
CA PRO B 68 -13.36 -42.79 -7.44
C PRO B 68 -12.73 -41.63 -6.70
N PRO B 69 -13.22 -40.40 -6.93
CA PRO B 69 -12.67 -39.22 -6.26
C PRO B 69 -13.01 -39.24 -4.77
N GLN B 70 -12.07 -38.76 -3.96
CA GLN B 70 -12.12 -38.57 -2.50
C GLN B 70 -12.15 -37.08 -2.19
N ASN B 71 -12.60 -36.72 -0.99
CA ASN B 71 -12.42 -35.38 -0.39
C ASN B 71 -12.95 -34.32 -1.37
N VAL B 72 -12.08 -33.47 -1.93
CA VAL B 72 -12.50 -32.36 -2.84
C VAL B 72 -12.05 -32.67 -4.28
N GLU B 73 -11.80 -33.95 -4.61
CA GLU B 73 -11.30 -34.32 -5.95
C GLU B 73 -12.43 -34.30 -6.98
N LEU B 74 -12.07 -34.02 -8.22
CA LEU B 74 -12.86 -34.20 -9.45
C LEU B 74 -12.34 -35.42 -10.19
N ARG B 75 -13.22 -36.31 -10.62
CA ARG B 75 -12.85 -37.33 -11.62
C ARG B 75 -13.42 -36.84 -12.95
N VAL B 76 -12.56 -36.73 -13.95
CA VAL B 76 -12.83 -35.93 -15.17
C VAL B 76 -12.73 -36.84 -16.38
N LYS B 77 -13.79 -36.84 -17.18
CA LYS B 77 -13.77 -37.50 -18.49
C LYS B 77 -13.03 -36.59 -19.44
N MET B 78 -11.82 -36.97 -19.85
CA MET B 78 -10.98 -36.09 -20.67
C MET B 78 -11.47 -36.09 -22.12
N LEU B 79 -11.49 -34.92 -22.75
CA LEU B 79 -11.87 -34.77 -24.16
C LEU B 79 -10.61 -34.92 -25.02
N CYS B 80 -9.60 -34.12 -24.73
CA CYS B 80 -8.30 -34.23 -25.39
C CYS B 80 -7.23 -33.70 -24.43
N ALA B 81 -6.02 -34.12 -24.67
CA ALA B 81 -4.79 -33.51 -24.15
C ALA B 81 -4.05 -32.97 -25.36
N SER B 82 -3.14 -32.09 -25.12
CA SER B 82 -2.28 -31.61 -26.23
C SER B 82 -0.87 -31.55 -25.68
N VAL B 83 0.10 -31.63 -26.57
CA VAL B 83 1.47 -32.05 -26.22
C VAL B 83 2.25 -30.75 -26.00
N CYS B 84 2.59 -30.50 -24.76
CA CYS B 84 3.51 -29.40 -24.37
C CYS B 84 4.94 -29.95 -24.44
N ARG B 85 5.95 -29.12 -24.72
CA ARG B 85 7.35 -29.64 -24.86
C ARG B 85 7.68 -30.29 -23.51
N THR B 86 7.10 -29.77 -22.44
CA THR B 86 7.41 -30.31 -21.09
C THR B 86 6.84 -31.72 -20.95
N ASP B 87 5.82 -32.10 -21.71
CA ASP B 87 5.37 -33.50 -21.74
C ASP B 87 6.46 -34.38 -22.30
N ILE B 88 7.20 -33.89 -23.28
CA ILE B 88 8.28 -34.70 -23.88
C ILE B 88 9.46 -34.74 -22.88
N LEU B 89 9.81 -33.63 -22.27
CA LEU B 89 10.84 -33.64 -21.18
C LEU B 89 10.44 -34.65 -20.10
N THR B 90 9.15 -34.76 -19.78
CA THR B 90 8.68 -35.72 -18.76
C THR B 90 8.97 -37.16 -19.25
N ILE B 91 8.74 -37.44 -20.52
CA ILE B 91 9.13 -38.78 -21.09
C ILE B 91 10.62 -39.01 -20.84
N GLU B 92 11.41 -37.94 -20.88
CA GLU B 92 12.89 -38.00 -20.76
C GLU B 92 13.34 -38.02 -19.30
N GLY B 93 12.42 -37.95 -18.34
CA GLY B 93 12.70 -38.05 -16.90
C GLY B 93 12.67 -36.74 -16.16
N PHE B 94 12.31 -35.62 -16.82
CA PHE B 94 12.29 -34.28 -16.22
C PHE B 94 11.44 -34.24 -14.94
N MET B 95 12.04 -33.86 -13.82
CA MET B 95 11.36 -33.66 -12.51
C MET B 95 10.80 -34.98 -11.95
N ALA B 96 11.25 -36.14 -12.43
CA ALA B 96 10.66 -37.45 -12.05
C ALA B 96 11.78 -38.44 -11.73
N PRO B 97 12.67 -38.12 -10.77
CA PRO B 97 13.79 -39.02 -10.46
C PRO B 97 13.33 -40.40 -9.96
N THR B 98 12.18 -40.46 -9.27
CA THR B 98 11.66 -41.73 -8.71
C THR B 98 10.23 -42.03 -9.17
N GLN B 99 9.61 -41.14 -9.94
CA GLN B 99 8.15 -41.15 -10.14
C GLN B 99 7.81 -41.83 -11.46
N PHE B 100 8.32 -43.06 -11.66
CA PHE B 100 7.91 -43.97 -12.74
C PHE B 100 7.52 -45.27 -12.06
N PRO B 101 6.58 -46.05 -12.66
CA PRO B 101 5.89 -45.69 -13.90
C PRO B 101 4.83 -44.62 -13.60
N LYS B 102 4.49 -43.83 -14.62
CA LYS B 102 3.47 -42.78 -14.46
C LYS B 102 2.56 -42.73 -15.69
N ILE B 103 1.42 -42.05 -15.52
CA ILE B 103 0.65 -41.52 -16.66
C ILE B 103 1.14 -40.09 -16.95
N ASN B 104 1.39 -39.81 -18.22
CA ASN B 104 1.99 -38.53 -18.62
C ASN B 104 0.89 -37.47 -18.68
N GLY B 105 1.29 -36.19 -18.63
CA GLY B 105 0.49 -35.12 -19.23
C GLY B 105 0.03 -34.10 -18.23
N HIS B 106 0.18 -32.80 -18.56
CA HIS B 106 -0.42 -31.75 -17.70
C HIS B 106 -1.30 -30.78 -18.52
N GLU B 107 -1.30 -30.87 -19.85
CA GLU B 107 -2.12 -29.98 -20.73
C GLU B 107 -3.32 -30.77 -21.24
N GLY B 108 -4.54 -30.36 -20.87
CA GLY B 108 -5.75 -31.02 -21.41
C GLY B 108 -7.00 -30.40 -20.81
N VAL B 109 -8.13 -30.88 -21.25
CA VAL B 109 -9.45 -30.36 -20.85
C VAL B 109 -10.39 -31.53 -20.74
N GLY B 110 -11.37 -31.43 -19.85
CA GLY B 110 -12.42 -32.45 -19.84
C GLY B 110 -13.63 -32.04 -19.02
N ILE B 111 -14.52 -33.00 -18.83
CA ILE B 111 -15.85 -32.80 -18.19
C ILE B 111 -15.90 -33.53 -16.86
N ILE B 112 -16.42 -32.88 -15.83
CA ILE B 112 -16.54 -33.55 -14.50
C ILE B 112 -17.51 -34.72 -14.64
N GLU B 113 -17.05 -35.92 -14.29
CA GLU B 113 -17.91 -37.12 -14.25
C GLU B 113 -18.43 -37.35 -12.82
N SER B 114 -17.64 -37.06 -11.78
CA SER B 114 -18.01 -37.25 -10.36
C SER B 114 -17.06 -36.45 -9.49
N MET B 115 -17.43 -36.25 -8.23
CA MET B 115 -16.68 -35.39 -7.30
C MET B 115 -16.66 -36.06 -5.93
N GLY B 116 -15.58 -35.81 -5.18
CA GLY B 116 -15.48 -36.20 -3.77
C GLY B 116 -16.63 -35.55 -2.99
N PRO B 117 -16.97 -36.05 -1.80
CA PRO B 117 -18.12 -35.51 -1.07
C PRO B 117 -17.95 -34.10 -0.49
N ASP B 118 -16.72 -33.60 -0.39
CA ASP B 118 -16.41 -32.27 0.22
C ASP B 118 -16.23 -31.19 -0.85
N THR B 119 -16.36 -31.51 -2.13
CA THR B 119 -16.11 -30.59 -3.26
C THR B 119 -17.10 -29.43 -3.13
N LYS B 120 -16.63 -28.22 -3.38
CA LYS B 120 -17.46 -26.99 -3.47
C LYS B 120 -17.33 -26.38 -4.87
N ASN B 121 -18.38 -25.67 -5.33
CA ASN B 121 -18.33 -24.73 -6.47
C ASN B 121 -18.10 -25.45 -7.80
N PHE B 122 -18.29 -26.78 -7.85
CA PHE B 122 -18.24 -27.51 -9.15
C PHE B 122 -19.45 -28.42 -9.23
N LYS B 123 -19.90 -28.68 -10.44
CA LYS B 123 -21.03 -29.62 -10.72
C LYS B 123 -20.56 -30.67 -11.71
N VAL B 124 -21.14 -31.87 -11.58
CA VAL B 124 -21.05 -32.89 -12.64
C VAL B 124 -21.47 -32.22 -13.95
N GLY B 125 -20.66 -32.37 -14.99
CA GLY B 125 -20.93 -31.78 -16.31
C GLY B 125 -20.16 -30.50 -16.62
N ASP B 126 -19.57 -29.83 -15.62
CA ASP B 126 -18.71 -28.64 -15.87
C ASP B 126 -17.52 -29.10 -16.73
N VAL B 127 -17.07 -28.22 -17.61
CA VAL B 127 -15.84 -28.38 -18.44
C VAL B 127 -14.72 -27.68 -17.67
N ILE B 128 -13.65 -28.40 -17.35
CA ILE B 128 -12.58 -27.79 -16.53
C ILE B 128 -11.22 -27.97 -17.21
N VAL B 129 -10.30 -27.12 -16.84
CA VAL B 129 -8.83 -27.33 -16.94
C VAL B 129 -8.27 -27.27 -15.51
N ALA B 130 -7.10 -27.85 -15.28
CA ALA B 130 -6.51 -27.87 -13.92
C ALA B 130 -5.01 -27.79 -14.07
N PRO B 131 -4.44 -26.57 -14.08
CA PRO B 131 -3.00 -26.42 -14.28
C PRO B 131 -2.23 -26.72 -12.98
N THR B 132 -0.96 -26.35 -12.94
CA THR B 132 -0.03 -26.76 -11.84
C THR B 132 -0.30 -26.01 -10.53
N LEU B 133 -0.76 -24.75 -10.59
CA LEU B 133 -0.92 -23.90 -9.39
C LEU B 133 -2.38 -23.52 -9.17
N GLY B 134 -2.86 -23.73 -7.94
CA GLY B 134 -4.16 -23.19 -7.55
C GLY B 134 -4.05 -21.77 -7.04
N GLU B 135 -5.15 -21.23 -6.50
CA GLU B 135 -5.20 -19.83 -6.02
C GLU B 135 -6.08 -19.79 -4.77
N CYS B 136 -5.46 -19.80 -3.58
CA CYS B 136 -6.22 -19.83 -2.29
C CYS B 136 -6.84 -18.47 -2.01
N GLN B 137 -6.30 -17.38 -2.57
CA GLN B 137 -6.76 -15.98 -2.39
C GLN B 137 -6.55 -15.45 -0.95
N THR B 138 -5.92 -16.18 -0.03
CA THR B 138 -5.70 -15.78 1.40
C THR B 138 -4.21 -15.76 1.81
N CYS B 139 -3.32 -16.48 1.14
CA CYS B 139 -1.87 -16.48 1.48
C CYS B 139 -1.27 -15.13 1.05
N SER B 140 -0.09 -14.82 1.58
CA SER B 140 0.58 -13.52 1.33
C SER B 140 1.02 -13.41 -0.15
N SER B 141 1.25 -14.54 -0.83
CA SER B 141 1.54 -14.53 -2.28
C SER B 141 0.28 -14.18 -3.06
N CYS B 142 -0.85 -14.82 -2.75
CA CYS B 142 -2.13 -14.51 -3.45
C CYS B 142 -2.51 -13.05 -3.19
N ARG B 143 -2.39 -12.57 -1.94
CA ARG B 143 -2.80 -11.22 -1.50
C ARG B 143 -1.86 -10.17 -2.10
N SER B 144 -0.68 -10.56 -2.55
CA SER B 144 0.23 -9.59 -3.20
C SER B 144 -0.42 -9.04 -4.45
N GLY B 145 -1.22 -9.84 -5.16
CA GLY B 145 -1.80 -9.44 -6.46
C GLY B 145 -0.80 -9.58 -7.61
N ARG B 146 0.43 -10.03 -7.35
CA ARG B 146 1.45 -9.97 -8.41
C ARG B 146 2.09 -11.32 -8.72
N THR B 147 1.52 -12.44 -8.28
CA THR B 147 2.04 -13.80 -8.62
C THR B 147 0.96 -14.87 -8.50
N ASN B 148 1.20 -15.98 -9.17
CA ASN B 148 0.32 -17.16 -9.12
C ASN B 148 0.95 -18.26 -8.26
N PHE B 149 2.12 -18.04 -7.68
CA PHE B 149 2.78 -19.11 -6.89
C PHE B 149 2.12 -19.15 -5.51
N CYS B 150 0.96 -19.79 -5.46
CA CYS B 150 0.15 -19.89 -4.22
C CYS B 150 0.90 -20.77 -3.22
N GLN B 151 0.95 -20.35 -1.97
CA GLN B 151 1.65 -21.07 -0.85
C GLN B 151 0.86 -22.34 -0.44
N ASN B 152 -0.46 -22.31 -0.62
CA ASN B 152 -1.37 -23.40 -0.16
C ASN B 152 -1.62 -24.43 -1.28
N TYR B 153 -1.62 -24.02 -2.55
CA TYR B 153 -1.93 -24.89 -3.71
C TYR B 153 -0.76 -24.82 -4.69
N GLY B 154 0.42 -25.21 -4.20
CA GLY B 154 1.66 -25.26 -5.00
C GLY B 154 1.78 -26.50 -5.84
N ALA B 155 2.89 -26.63 -6.55
CA ALA B 155 3.13 -27.73 -7.50
C ALA B 155 3.22 -29.01 -6.70
N ASN B 156 2.47 -30.02 -7.09
CA ASN B 156 2.51 -31.36 -6.45
C ASN B 156 3.67 -32.20 -7.02
N GLU B 157 4.90 -31.91 -6.58
CA GLU B 157 6.15 -32.55 -7.07
C GLU B 157 6.22 -34.04 -6.72
N SER B 158 5.49 -34.52 -5.71
CA SER B 158 5.50 -35.96 -5.29
C SER B 158 4.87 -36.85 -6.38
N ALA B 159 4.00 -36.29 -7.23
CA ALA B 159 3.28 -37.04 -8.30
C ALA B 159 2.38 -38.08 -7.63
N LEU B 160 1.94 -37.81 -6.40
CA LEU B 160 1.10 -38.74 -5.62
C LEU B 160 0.07 -37.93 -4.83
N GLU B 161 -0.91 -38.63 -4.31
CA GLU B 161 -1.86 -38.11 -3.30
C GLU B 161 -1.09 -37.82 -2.02
N PRO B 162 -1.50 -36.83 -1.20
CA PRO B 162 -0.77 -36.48 0.02
C PRO B 162 -0.57 -37.66 0.99
N ASP B 163 -1.36 -38.72 0.84
CA ASP B 163 -1.23 -39.91 1.71
C ASP B 163 -0.35 -40.95 1.04
N GLY B 164 0.28 -40.63 -0.09
CA GLY B 164 1.20 -41.59 -0.75
C GLY B 164 0.46 -42.55 -1.66
N THR B 165 -0.86 -42.45 -1.77
CA THR B 165 -1.62 -43.29 -2.73
C THR B 165 -1.70 -42.59 -4.10
N SER B 166 -2.22 -43.31 -5.08
CA SER B 166 -2.59 -42.77 -6.41
C SER B 166 -3.96 -43.30 -6.76
N ARG B 167 -4.74 -42.47 -7.46
CA ARG B 167 -6.04 -42.89 -8.01
C ARG B 167 -5.82 -43.83 -9.22
N PHE B 168 -4.59 -43.94 -9.74
CA PHE B 168 -4.27 -44.79 -10.91
C PHE B 168 -3.53 -46.06 -10.49
N SER B 169 -3.97 -47.18 -11.06
CA SER B 169 -3.27 -48.48 -10.97
C SER B 169 -3.43 -49.23 -12.26
N TYR B 170 -2.63 -50.29 -12.41
CA TYR B 170 -2.84 -51.22 -13.52
C TYR B 170 -2.54 -52.63 -13.04
N ILE B 171 -3.10 -53.59 -13.76
CA ILE B 171 -2.78 -55.04 -13.61
C ILE B 171 -1.65 -55.36 -14.58
N ASP B 172 -0.47 -55.72 -14.08
CA ASP B 172 0.72 -56.05 -14.92
CA ASP B 172 0.72 -56.05 -14.92
C ASP B 172 0.60 -57.50 -15.41
N SER B 173 1.56 -57.96 -16.21
CA SER B 173 1.51 -59.31 -16.84
C SER B 173 1.57 -60.44 -15.78
N ASP B 174 2.02 -60.18 -14.53
CA ASP B 174 1.98 -61.16 -13.41
C ASP B 174 0.60 -61.17 -12.72
N GLY B 175 -0.33 -60.34 -13.19
CA GLY B 175 -1.67 -60.17 -12.58
C GLY B 175 -1.63 -59.34 -11.32
N LYS B 176 -0.51 -58.69 -10.98
CA LYS B 176 -0.42 -57.88 -9.75
C LYS B 176 -0.84 -56.43 -10.05
N LYS B 177 -1.54 -55.84 -9.09
CA LYS B 177 -2.00 -54.44 -9.10
C LYS B 177 -0.83 -53.54 -8.69
N LYS B 178 -0.43 -52.63 -9.58
CA LYS B 178 0.73 -51.73 -9.37
C LYS B 178 0.30 -50.27 -9.45
N LEU B 179 0.93 -49.41 -8.64
CA LEU B 179 0.62 -47.97 -8.61
C LEU B 179 1.22 -47.30 -9.86
N LEU B 180 0.52 -46.28 -10.34
CA LEU B 180 1.02 -45.34 -11.38
C LEU B 180 1.06 -43.94 -10.76
N TYR B 181 2.19 -43.28 -10.94
CA TYR B 181 2.37 -41.89 -10.50
C TYR B 181 1.58 -40.97 -11.43
N TYR B 182 1.26 -39.78 -10.92
CA TYR B 182 0.75 -38.68 -11.75
C TYR B 182 1.92 -38.04 -12.54
N LYS B 183 1.61 -36.99 -13.31
CA LYS B 183 2.64 -36.01 -13.74
C LYS B 183 2.99 -35.19 -12.50
N LEU B 184 2.09 -34.31 -12.04
CA LEU B 184 2.27 -33.59 -10.79
C LEU B 184 1.06 -33.86 -9.90
N GLY B 185 0.01 -33.03 -9.96
CA GLY B 185 -1.21 -33.26 -9.16
C GLY B 185 -2.23 -34.09 -9.92
N CYS B 186 -1.94 -34.45 -11.16
CA CYS B 186 -2.86 -35.19 -12.04
C CYS B 186 -2.09 -35.67 -13.29
N SER B 187 -2.77 -36.36 -14.19
CA SER B 187 -2.21 -36.74 -15.51
C SER B 187 -3.33 -36.51 -16.53
N THR B 188 -3.00 -35.97 -17.70
CA THR B 188 -4.01 -35.69 -18.74
C THR B 188 -4.02 -36.74 -19.84
N TRP B 189 -2.97 -37.55 -20.01
CA TRP B 189 -2.91 -38.55 -21.10
C TRP B 189 -3.68 -39.83 -20.69
N THR B 190 -4.95 -39.67 -20.49
CA THR B 190 -5.83 -40.72 -19.96
C THR B 190 -7.26 -40.33 -20.31
N GLN B 191 -8.13 -41.31 -20.49
CA GLN B 191 -9.56 -41.05 -20.76
C GLN B 191 -10.25 -40.49 -19.51
N TYR B 192 -9.70 -40.77 -18.32
CA TYR B 192 -10.23 -40.32 -17.02
C TYR B 192 -9.09 -39.93 -16.10
N MET B 193 -9.21 -38.76 -15.50
CA MET B 193 -8.19 -38.10 -14.66
C MET B 193 -8.83 -37.79 -13.30
N VAL B 194 -8.03 -37.73 -12.25
CA VAL B 194 -8.51 -37.29 -10.91
C VAL B 194 -7.64 -36.13 -10.50
N VAL B 195 -8.25 -35.06 -10.06
CA VAL B 195 -7.48 -33.84 -9.65
C VAL B 195 -8.18 -33.16 -8.49
N ASP B 196 -7.40 -32.65 -7.54
CA ASP B 196 -7.88 -31.82 -6.43
C ASP B 196 -8.58 -30.59 -7.01
N SER B 197 -9.83 -30.32 -6.61
CA SER B 197 -10.66 -29.23 -7.16
C SER B 197 -10.07 -27.85 -6.88
N ASN B 198 -9.11 -27.73 -5.96
CA ASN B 198 -8.43 -26.45 -5.68
C ASN B 198 -7.56 -26.03 -6.88
N TYR B 199 -7.32 -26.91 -7.85
CA TYR B 199 -6.47 -26.62 -9.04
C TYR B 199 -7.32 -26.38 -10.28
N ALA B 200 -8.67 -26.50 -10.21
CA ALA B 200 -9.56 -26.47 -11.37
C ALA B 200 -10.24 -25.12 -11.52
N THR B 201 -10.54 -24.81 -12.75
CA THR B 201 -11.30 -23.61 -13.18
C THR B 201 -12.19 -24.01 -14.37
N LYS B 202 -13.42 -23.50 -14.39
CA LYS B 202 -14.44 -24.01 -15.35
C LYS B 202 -14.53 -23.14 -16.62
N LEU B 203 -14.81 -23.78 -17.74
CA LEU B 203 -14.88 -23.13 -19.07
C LEU B 203 -16.33 -22.95 -19.52
N ASN B 204 -17.27 -23.77 -19.03
CA ASN B 204 -18.59 -23.95 -19.69
C ASN B 204 -19.52 -22.75 -19.42
N GLU B 205 -19.29 -21.93 -18.40
CA GLU B 205 -20.22 -20.80 -18.08
C GLU B 205 -19.84 -19.62 -18.96
N ILE B 206 -18.55 -19.40 -19.18
CA ILE B 206 -18.03 -18.25 -19.94
C ILE B 206 -17.93 -18.60 -21.43
N ALA B 207 -17.54 -19.83 -21.77
CA ALA B 207 -17.16 -20.25 -23.14
C ALA B 207 -17.79 -21.60 -23.49
N PRO B 208 -19.13 -21.74 -23.38
CA PRO B 208 -19.80 -23.00 -23.68
C PRO B 208 -19.50 -23.54 -25.09
N GLU B 209 -19.16 -22.70 -26.07
CA GLU B 209 -18.93 -23.20 -27.45
C GLU B 209 -17.44 -23.41 -27.76
N LEU B 210 -16.54 -23.16 -26.81
CA LEU B 210 -15.10 -23.30 -27.13
C LEU B 210 -14.79 -24.74 -27.44
N PRO B 211 -14.12 -25.08 -28.55
CA PRO B 211 -13.80 -26.48 -28.84
C PRO B 211 -12.76 -27.04 -27.88
N PRO B 212 -12.71 -28.39 -27.73
CA PRO B 212 -11.74 -29.00 -26.84
C PRO B 212 -10.28 -28.62 -27.03
N PRO B 213 -9.71 -28.65 -28.27
CA PRO B 213 -8.28 -28.40 -28.38
C PRO B 213 -7.92 -26.97 -27.92
N HIS B 214 -8.83 -26.02 -28.06
CA HIS B 214 -8.62 -24.63 -27.60
C HIS B 214 -8.58 -24.62 -26.06
N GLY B 215 -9.54 -25.32 -25.44
CA GLY B 215 -9.55 -25.51 -23.99
C GLY B 215 -8.23 -26.15 -23.51
N SER B 216 -7.75 -27.19 -24.23
CA SER B 216 -6.50 -27.89 -23.87
C SER B 216 -5.34 -26.88 -23.87
N ILE B 217 -5.16 -26.08 -24.93
CA ILE B 217 -3.96 -25.18 -24.93
C ILE B 217 -4.19 -24.05 -23.91
N LEU B 218 -5.41 -23.64 -23.62
CA LEU B 218 -5.61 -22.68 -22.51
C LEU B 218 -5.07 -23.27 -21.19
N SER B 219 -5.00 -24.60 -21.01
CA SER B 219 -4.55 -25.21 -19.72
C SER B 219 -3.05 -25.05 -19.52
N CYS B 220 -2.27 -24.83 -20.58
CA CYS B 220 -0.82 -24.61 -20.40
C CYS B 220 -0.25 -23.68 -21.48
N ALA B 221 0.01 -24.19 -22.67
CA ALA B 221 0.80 -23.48 -23.71
C ALA B 221 0.28 -22.04 -23.89
N PHE B 222 -1.01 -21.89 -24.17
CA PHE B 222 -1.56 -20.56 -24.58
C PHE B 222 -1.57 -19.60 -23.36
N ALA B 223 -2.07 -20.02 -22.19
CA ALA B 223 -1.98 -19.24 -20.94
C ALA B 223 -0.54 -18.80 -20.67
N THR B 224 0.43 -19.70 -20.92
CA THR B 224 1.84 -19.41 -20.57
C THR B 224 2.35 -18.28 -21.48
N GLY B 225 2.22 -18.41 -22.81
CA GLY B 225 2.76 -17.38 -23.73
C GLY B 225 1.97 -16.09 -23.61
N TYR B 226 0.65 -16.21 -23.53
CA TYR B 226 -0.22 -15.01 -23.47
C TYR B 226 0.06 -14.25 -22.16
N GLY B 227 -0.02 -14.94 -21.02
CA GLY B 227 0.19 -14.37 -19.68
C GLY B 227 1.61 -13.85 -19.47
N ALA B 228 2.64 -14.51 -20.06
CA ALA B 228 4.04 -14.03 -19.96
C ALA B 228 4.09 -12.57 -20.43
N VAL B 229 3.40 -12.30 -21.54
CA VAL B 229 3.33 -10.95 -22.16
C VAL B 229 2.38 -10.03 -21.38
N TRP B 230 1.15 -10.46 -21.19
CA TRP B 230 0.06 -9.64 -20.62
C TRP B 230 0.32 -9.30 -19.15
N LEU B 231 0.65 -10.30 -18.33
CA LEU B 231 0.68 -10.18 -16.86
C LEU B 231 2.10 -9.95 -16.37
N ASP B 232 3.08 -10.78 -16.80
CA ASP B 232 4.40 -10.81 -16.14
C ASP B 232 5.28 -9.70 -16.71
N ALA B 233 5.43 -9.64 -18.03
CA ALA B 233 6.21 -8.57 -18.70
C ALA B 233 5.41 -7.27 -18.66
N ALA B 234 4.10 -7.36 -18.50
CA ALA B 234 3.14 -6.22 -18.42
C ALA B 234 3.36 -5.32 -19.62
N VAL B 235 3.27 -5.89 -20.81
CA VAL B 235 3.50 -5.20 -22.10
C VAL B 235 2.36 -4.17 -22.25
N GLN B 236 2.76 -2.95 -22.59
CA GLN B 236 1.92 -1.75 -22.81
C GLN B 236 1.88 -1.43 -24.31
N GLU B 237 0.81 -0.77 -24.79
CA GLU B 237 0.79 -0.23 -26.17
C GLU B 237 2.09 0.55 -26.43
N GLY B 238 2.75 0.30 -27.57
CA GLY B 238 3.96 0.99 -28.02
C GLY B 238 5.26 0.40 -27.46
N ASP B 239 5.17 -0.64 -26.63
CA ASP B 239 6.37 -1.37 -26.13
C ASP B 239 7.00 -2.19 -27.25
N SER B 240 8.31 -2.38 -27.18
CA SER B 240 9.00 -3.38 -28.01
C SER B 240 9.12 -4.68 -27.21
N VAL B 241 9.00 -5.81 -27.90
CA VAL B 241 9.01 -7.18 -27.30
C VAL B 241 9.92 -8.06 -28.12
N ALA B 242 10.74 -8.89 -27.47
CA ALA B 242 11.48 -9.99 -28.12
C ALA B 242 10.99 -11.29 -27.53
N ILE B 243 10.77 -12.26 -28.39
CA ILE B 243 10.28 -13.63 -28.04
C ILE B 243 11.28 -14.61 -28.59
N PHE B 244 11.93 -15.34 -27.71
CA PHE B 244 12.93 -16.34 -28.04
C PHE B 244 12.26 -17.71 -28.03
N GLY B 245 12.03 -18.26 -29.22
CA GLY B 245 11.33 -19.54 -29.39
C GLY B 245 9.86 -19.31 -29.73
N VAL B 246 9.48 -19.62 -30.96
CA VAL B 246 8.08 -19.53 -31.46
C VAL B 246 7.56 -20.94 -31.74
N GLY B 247 7.58 -21.80 -30.71
CA GLY B 247 6.66 -22.94 -30.61
C GLY B 247 5.32 -22.44 -30.13
N SER B 248 4.46 -23.30 -29.60
CA SER B 248 3.09 -22.87 -29.25
C SER B 248 3.11 -21.75 -28.23
N VAL B 249 4.00 -21.84 -27.23
CA VAL B 249 4.07 -20.83 -26.17
C VAL B 249 4.49 -19.51 -26.81
N GLY B 250 5.54 -19.52 -27.64
CA GLY B 250 5.99 -18.23 -28.20
C GLY B 250 4.98 -17.61 -29.13
N ILE B 251 4.26 -18.41 -29.89
CA ILE B 251 3.25 -17.87 -30.84
C ILE B 251 2.10 -17.31 -30.02
N SER B 252 1.77 -17.90 -28.87
CA SER B 252 0.75 -17.35 -27.95
C SER B 252 1.23 -15.98 -27.45
N ALA B 253 2.51 -15.81 -27.13
CA ALA B 253 3.11 -14.52 -26.76
C ALA B 253 2.95 -13.50 -27.90
N VAL B 254 3.22 -13.89 -29.15
CA VAL B 254 3.04 -12.98 -30.32
C VAL B 254 1.59 -12.50 -30.33
N ILE B 255 0.64 -13.41 -30.25
CA ILE B 255 -0.81 -13.06 -30.24
C ILE B 255 -1.09 -12.03 -29.14
N ALA B 256 -0.60 -12.23 -27.89
CA ALA B 256 -0.80 -11.27 -26.81
C ALA B 256 -0.16 -9.94 -27.18
N ALA B 257 1.06 -9.97 -27.70
CA ALA B 257 1.81 -8.72 -27.95
C ALA B 257 1.06 -7.93 -29.03
N LYS B 258 0.49 -8.61 -30.01
CA LYS B 258 -0.28 -7.95 -31.12
C LYS B 258 -1.55 -7.36 -30.51
N GLU B 259 -2.25 -8.13 -29.69
CA GLU B 259 -3.50 -7.68 -29.02
C GLU B 259 -3.22 -6.42 -28.21
N LEU B 260 -2.05 -6.35 -27.57
CA LEU B 260 -1.73 -5.28 -26.62
C LEU B 260 -1.11 -4.10 -27.38
N LYS B 261 -0.95 -4.22 -28.71
CA LYS B 261 -0.52 -3.15 -29.63
C LYS B 261 0.94 -2.75 -29.35
N ALA B 262 1.83 -3.71 -29.05
CA ALA B 262 3.29 -3.51 -29.04
C ALA B 262 3.67 -2.83 -30.35
N LYS B 263 4.63 -1.94 -30.28
CA LYS B 263 5.19 -1.28 -31.50
C LYS B 263 6.02 -2.26 -32.32
N GLN B 264 6.69 -3.19 -31.66
CA GLN B 264 7.69 -4.03 -32.32
C GLN B 264 7.62 -5.38 -31.64
N ILE B 265 7.59 -6.44 -32.43
CA ILE B 265 7.54 -7.83 -31.91
C ILE B 265 8.61 -8.62 -32.66
N ILE B 266 9.73 -8.91 -31.98
CA ILE B 266 10.91 -9.54 -32.64
C ILE B 266 10.92 -11.00 -32.24
N VAL B 267 10.87 -11.89 -33.21
CA VAL B 267 10.87 -13.35 -32.92
C VAL B 267 12.20 -13.95 -33.32
N VAL B 268 12.66 -14.86 -32.48
CA VAL B 268 13.98 -15.52 -32.65
C VAL B 268 13.76 -17.03 -32.59
N ASP B 269 14.34 -17.76 -33.54
CA ASP B 269 14.14 -19.23 -33.64
C ASP B 269 15.01 -19.78 -34.77
N ARG B 270 15.12 -21.10 -34.89
CA ARG B 270 15.82 -21.65 -36.08
C ARG B 270 14.82 -22.29 -37.05
N ASN B 271 13.55 -22.39 -36.65
CA ASN B 271 12.52 -23.11 -37.46
C ASN B 271 11.83 -22.08 -38.37
N GLU B 272 12.18 -22.08 -39.65
CA GLU B 272 11.63 -21.09 -40.63
C GLU B 272 10.11 -21.13 -40.67
N TYR B 273 9.50 -22.31 -40.61
CA TYR B 273 8.02 -22.48 -40.69
C TYR B 273 7.35 -21.74 -39.52
N LYS B 274 7.89 -21.89 -38.32
CA LYS B 274 7.27 -21.28 -37.13
C LYS B 274 7.58 -19.78 -37.08
N LEU B 275 8.75 -19.36 -37.61
CA LEU B 275 9.02 -17.90 -37.69
C LEU B 275 7.99 -17.25 -38.62
N LYS B 276 7.71 -17.90 -39.74
CA LYS B 276 6.73 -17.40 -40.72
C LYS B 276 5.35 -17.33 -40.07
N MET B 277 4.91 -18.39 -39.39
CA MET B 277 3.64 -18.33 -38.65
C MET B 277 3.58 -17.13 -37.68
N ALA B 278 4.64 -16.91 -36.92
CA ALA B 278 4.73 -15.76 -36.01
C ALA B 278 4.52 -14.46 -36.80
N MET B 279 5.20 -14.30 -37.93
CA MET B 279 5.03 -13.11 -38.81
C MET B 279 3.59 -12.97 -39.26
N GLU B 280 2.90 -14.06 -39.58
CA GLU B 280 1.49 -14.00 -40.01
C GLU B 280 0.58 -13.62 -38.84
N LEU B 281 0.97 -13.84 -37.59
CA LEU B 281 0.08 -13.56 -36.43
C LEU B 281 0.46 -12.27 -35.69
N GLY B 282 1.35 -11.47 -36.29
CA GLY B 282 1.61 -10.10 -35.83
C GLY B 282 3.07 -9.79 -35.52
N ALA B 283 4.01 -10.73 -35.60
CA ALA B 283 5.42 -10.37 -35.35
C ALA B 283 5.84 -9.34 -36.41
N THR B 284 6.74 -8.41 -36.05
CA THR B 284 7.16 -7.31 -36.94
C THR B 284 8.49 -7.69 -37.58
N HIS B 285 9.29 -8.52 -36.90
CA HIS B 285 10.70 -8.78 -37.28
C HIS B 285 11.01 -10.21 -36.91
N SNC B 286 11.77 -10.91 -37.75
CA SNC B 286 12.18 -12.25 -37.39
CB SNC B 286 11.47 -13.31 -38.20
SG SNC B 286 11.68 -13.08 -39.97
ND SNC B 286 13.17 -13.58 -40.42
OE SNC B 286 13.73 -14.63 -40.23
C SNC B 286 13.67 -12.40 -37.53
O SNC B 286 14.28 -11.69 -38.34
N ILE B 287 14.26 -13.23 -36.65
CA ILE B 287 15.67 -13.53 -36.65
C ILE B 287 15.86 -15.06 -36.62
N ASN B 288 16.57 -15.58 -37.59
CA ASN B 288 16.95 -17.01 -37.61
C ASN B 288 18.28 -17.10 -36.89
N SER B 289 18.30 -17.62 -35.66
CA SER B 289 19.51 -17.71 -34.83
C SER B 289 20.62 -18.56 -35.50
N GLU B 290 20.29 -19.47 -36.40
CA GLU B 290 21.29 -20.32 -37.11
C GLU B 290 21.84 -19.63 -38.34
N LYS B 291 21.30 -18.48 -38.74
CA LYS B 291 21.71 -17.80 -40.01
C LYS B 291 22.28 -16.40 -39.68
N LEU B 292 22.77 -16.18 -38.47
CA LEU B 292 23.31 -14.87 -38.03
C LEU B 292 24.72 -14.69 -38.59
N PRO B 293 25.11 -13.44 -38.96
CA PRO B 293 26.46 -13.18 -39.42
C PRO B 293 27.50 -13.49 -38.32
N GLU B 294 28.73 -13.78 -38.72
CA GLU B 294 29.79 -14.25 -37.79
C GLU B 294 29.98 -13.16 -36.72
N GLY B 295 29.96 -13.52 -35.43
CA GLY B 295 30.24 -12.59 -34.33
C GLY B 295 29.05 -11.70 -33.99
N VAL B 296 27.86 -12.14 -34.37
CA VAL B 296 26.60 -11.46 -33.97
C VAL B 296 25.76 -12.47 -33.16
N THR B 297 25.57 -12.21 -31.87
CA THR B 297 24.77 -13.07 -30.97
C THR B 297 23.29 -12.73 -31.17
N PRO B 298 22.38 -13.61 -30.76
CA PRO B 298 20.96 -13.28 -30.87
C PRO B 298 20.56 -12.02 -30.10
N SER B 299 21.13 -11.77 -28.91
CA SER B 299 20.88 -10.50 -28.16
C SER B 299 21.37 -9.28 -28.98
N GLN B 300 22.53 -9.38 -29.57
CA GLN B 300 23.04 -8.28 -30.43
C GLN B 300 22.13 -8.07 -31.64
N ALA B 301 21.70 -9.15 -32.30
CA ALA B 301 20.75 -9.09 -33.44
C ALA B 301 19.47 -8.37 -33.02
N VAL B 302 18.90 -8.71 -31.85
CA VAL B 302 17.66 -8.07 -31.34
C VAL B 302 17.97 -6.60 -31.12
N ARG B 303 19.09 -6.30 -30.46
CA ARG B 303 19.37 -4.90 -30.07
C ARG B 303 19.54 -4.03 -31.32
N LYS B 304 20.14 -4.57 -32.36
CA LYS B 304 20.40 -3.84 -33.63
C LYS B 304 19.07 -3.36 -34.24
N LEU B 305 17.94 -3.97 -33.92
CA LEU B 305 16.61 -3.55 -34.46
C LEU B 305 15.93 -2.48 -33.58
N THR B 306 16.59 -1.96 -32.54
CA THR B 306 16.00 -1.02 -31.57
C THR B 306 16.79 0.29 -31.62
N PRO B 307 16.16 1.42 -31.23
CA PRO B 307 16.82 2.72 -31.32
C PRO B 307 18.07 2.78 -30.44
N LYS B 308 19.21 3.17 -31.04
CA LYS B 308 20.51 3.29 -30.34
C LYS B 308 20.86 1.96 -29.66
N GLU B 309 20.37 0.84 -30.20
CA GLU B 309 20.69 -0.53 -29.71
C GLU B 309 20.36 -0.68 -28.22
N VAL B 310 19.27 -0.07 -27.78
CA VAL B 310 18.85 -0.04 -26.35
C VAL B 310 18.21 -1.37 -25.89
N GLY B 311 17.75 -2.17 -26.84
CA GLY B 311 17.04 -3.43 -26.60
C GLY B 311 15.53 -3.19 -26.39
N VAL B 312 14.86 -4.16 -25.77
CA VAL B 312 13.38 -4.27 -25.81
C VAL B 312 12.80 -3.97 -24.43
N ASP B 313 11.58 -3.44 -24.40
CA ASP B 313 10.81 -3.18 -23.14
C ASP B 313 10.43 -4.47 -22.40
N ALA B 314 10.37 -5.61 -23.09
CA ALA B 314 9.90 -6.91 -22.57
C ALA B 314 10.61 -8.01 -23.37
N SER B 315 11.20 -8.97 -22.66
CA SER B 315 11.96 -10.08 -23.24
C SER B 315 11.34 -11.36 -22.72
N ILE B 316 10.85 -12.18 -23.62
CA ILE B 316 10.19 -13.47 -23.33
C ILE B 316 11.07 -14.61 -23.83
N GLU B 317 11.39 -15.56 -22.95
CA GLU B 317 12.08 -16.80 -23.36
C GLU B 317 11.05 -17.93 -23.28
N SER B 318 10.88 -18.62 -24.38
CA SER B 318 9.88 -19.71 -24.57
C SER B 318 10.49 -20.78 -25.50
N SER B 319 11.75 -21.15 -25.28
CA SER B 319 12.51 -22.09 -26.16
C SER B 319 12.91 -23.37 -25.44
N GLY B 320 13.33 -23.24 -24.19
CA GLY B 320 13.95 -24.34 -23.44
C GLY B 320 15.42 -24.45 -23.73
N TYR B 321 15.97 -23.48 -24.48
CA TYR B 321 17.40 -23.46 -24.83
C TYR B 321 18.11 -22.57 -23.83
N ASP B 322 18.97 -23.14 -23.00
CA ASP B 322 19.63 -22.35 -21.94
C ASP B 322 20.36 -21.15 -22.52
N VAL B 323 20.98 -21.28 -23.70
CA VAL B 323 21.64 -20.13 -24.35
C VAL B 323 20.64 -18.96 -24.50
N PHE B 324 19.43 -19.25 -24.97
CA PHE B 324 18.39 -18.21 -25.20
C PHE B 324 17.94 -17.60 -23.89
N MET B 325 18.01 -18.31 -22.75
CA MET B 325 17.64 -17.66 -21.48
C MET B 325 18.61 -16.50 -21.17
N ASN B 326 19.90 -16.66 -21.46
CA ASN B 326 20.92 -15.62 -21.26
C ASN B 326 20.70 -14.53 -22.32
N GLU B 327 20.51 -14.93 -23.57
CA GLU B 327 20.35 -13.98 -24.70
C GLU B 327 19.10 -13.13 -24.42
N ALA B 328 18.01 -13.74 -23.96
CA ALA B 328 16.81 -12.98 -23.59
C ALA B 328 17.14 -11.94 -22.51
N MET B 329 17.91 -12.32 -21.50
CA MET B 329 18.24 -11.40 -20.40
C MET B 329 18.98 -10.20 -21.00
N LYS B 330 19.88 -10.50 -21.93
CA LYS B 330 20.80 -9.49 -22.53
C LYS B 330 20.07 -8.55 -23.47
N ALA B 331 18.99 -8.99 -24.11
CA ALA B 331 18.22 -8.20 -25.09
C ALA B 331 17.34 -7.13 -24.40
N ALA B 332 17.00 -7.34 -23.13
CA ALA B 332 16.15 -6.44 -22.32
C ALA B 332 16.86 -5.09 -22.08
N ILE B 333 16.08 -4.00 -22.20
CA ILE B 333 16.53 -2.68 -21.70
C ILE B 333 16.96 -2.80 -20.24
N HIS B 334 18.19 -2.41 -19.94
CA HIS B 334 18.80 -2.50 -18.59
C HIS B 334 17.83 -1.89 -17.56
N GLY B 335 17.55 -2.64 -16.52
CA GLY B 335 16.78 -2.22 -15.34
C GLY B 335 15.29 -2.10 -15.61
N LYS B 336 14.91 -1.41 -16.69
CA LYS B 336 13.49 -1.08 -17.00
C LYS B 336 12.68 -2.33 -17.36
N ALA B 337 13.22 -3.18 -18.20
CA ALA B 337 12.52 -4.31 -18.84
C ALA B 337 12.69 -5.53 -17.96
N LYS B 338 11.70 -6.40 -18.02
CA LYS B 338 11.74 -7.73 -17.39
C LYS B 338 11.94 -8.77 -18.48
N THR B 339 12.77 -9.77 -18.15
CA THR B 339 12.94 -11.02 -18.91
C THR B 339 12.13 -12.11 -18.21
N VAL B 340 11.15 -12.67 -18.91
CA VAL B 340 10.24 -13.73 -18.41
C VAL B 340 10.71 -15.06 -19.00
N ILE B 341 11.24 -15.93 -18.13
CA ILE B 341 11.69 -17.28 -18.52
C ILE B 341 10.55 -18.27 -18.36
N THR B 342 10.00 -18.80 -19.46
CA THR B 342 8.99 -19.89 -19.43
C THR B 342 9.62 -21.24 -19.78
N GLY B 343 10.76 -21.23 -20.45
CA GLY B 343 11.39 -22.44 -21.00
C GLY B 343 11.77 -23.46 -19.93
N GLU B 344 11.81 -24.73 -20.34
CA GLU B 344 12.26 -25.84 -19.47
C GLU B 344 13.13 -26.79 -20.27
N GLY B 345 13.98 -27.53 -19.56
CA GLY B 345 14.97 -28.39 -20.20
C GLY B 345 15.70 -29.20 -19.16
N ILE B 346 16.38 -30.22 -19.65
CA ILE B 346 17.28 -31.09 -18.83
C ILE B 346 18.69 -30.53 -19.04
N TYR B 347 19.17 -29.74 -18.08
CA TYR B 347 20.44 -29.00 -18.19
C TYR B 347 21.53 -29.74 -17.36
N GLU B 348 22.77 -29.66 -17.80
CA GLU B 348 23.96 -30.14 -17.04
C GLU B 348 23.88 -29.58 -15.61
N ASN B 349 23.83 -30.44 -14.61
CA ASN B 349 23.84 -30.06 -13.17
C ASN B 349 22.53 -29.33 -12.77
N ASP B 350 21.42 -29.52 -13.50
CA ASP B 350 20.14 -28.77 -13.40
C ASP B 350 20.44 -27.29 -13.15
N ARG B 351 21.34 -26.68 -13.90
CA ARG B 351 21.54 -25.21 -13.77
C ARG B 351 21.56 -24.50 -15.12
N ILE B 352 21.21 -23.21 -15.05
CA ILE B 352 21.30 -22.24 -16.17
C ILE B 352 22.27 -21.14 -15.77
N PHE B 353 22.75 -20.42 -16.78
CA PHE B 353 23.82 -19.43 -16.64
C PHE B 353 23.37 -18.04 -17.13
N PHE B 354 24.02 -17.03 -16.58
CA PHE B 354 23.87 -15.62 -17.04
C PHE B 354 25.26 -14.97 -17.07
N ASP B 355 25.50 -14.27 -18.18
CA ASP B 355 26.59 -13.29 -18.29
C ASP B 355 26.50 -12.28 -17.14
N PHE B 356 27.50 -12.24 -16.27
CA PHE B 356 27.41 -11.52 -14.98
C PHE B 356 27.40 -10.00 -15.18
N LYS B 357 28.28 -9.45 -16.00
CA LYS B 357 28.38 -7.98 -16.22
C LYS B 357 27.01 -7.47 -16.69
N ASP B 358 26.44 -8.11 -17.70
CA ASP B 358 25.11 -7.68 -18.23
C ASP B 358 24.06 -7.88 -17.13
N PHE B 359 24.15 -8.99 -16.42
CA PHE B 359 23.16 -9.29 -15.37
C PHE B 359 23.21 -8.25 -14.25
N LEU B 360 24.38 -7.95 -13.70
CA LEU B 360 24.47 -6.95 -12.61
C LEU B 360 23.98 -5.57 -13.07
N PHE B 361 24.40 -5.16 -14.26
CA PHE B 361 24.08 -3.82 -14.82
C PHE B 361 22.76 -3.90 -15.56
N GLY B 362 21.72 -4.33 -14.82
CA GLY B 362 20.30 -4.11 -15.20
C GLY B 362 19.55 -5.37 -15.57
N GLY B 363 20.08 -6.56 -15.27
CA GLY B 363 19.38 -7.82 -15.54
C GLY B 363 18.14 -7.93 -14.67
N ASN B 364 17.08 -8.52 -15.20
CA ASN B 364 15.83 -8.63 -14.41
C ASN B 364 15.11 -9.86 -14.94
N VAL B 365 15.22 -10.97 -14.24
CA VAL B 365 14.78 -12.28 -14.76
C VAL B 365 13.81 -12.91 -13.79
N VAL B 366 12.70 -13.37 -14.32
CA VAL B 366 11.70 -14.10 -13.49
C VAL B 366 11.41 -15.45 -14.13
N GLY B 367 11.24 -16.46 -13.26
CA GLY B 367 10.68 -17.75 -13.63
C GLY B 367 9.16 -17.64 -13.68
N ASN B 368 8.61 -18.26 -14.71
CA ASN B 368 7.16 -18.13 -14.96
C ASN B 368 6.59 -19.53 -15.15
N VAL B 369 5.46 -19.77 -14.50
CA VAL B 369 4.67 -21.02 -14.71
C VAL B 369 3.27 -20.58 -15.14
N THR B 370 2.80 -21.14 -16.27
CA THR B 370 1.40 -20.95 -16.76
C THR B 370 1.10 -19.45 -16.95
N GLY B 371 2.11 -18.67 -17.29
CA GLY B 371 1.96 -17.26 -17.71
C GLY B 371 1.57 -16.34 -16.55
N ARG B 372 1.75 -16.78 -15.31
CA ARG B 372 1.31 -16.08 -14.09
C ARG B 372 -0.20 -15.95 -14.12
N VAL B 373 -0.90 -16.77 -14.91
CA VAL B 373 -2.37 -16.64 -15.05
C VAL B 373 -3.05 -17.34 -13.86
N ARG B 374 -3.59 -16.57 -12.93
CA ARG B 374 -4.17 -17.14 -11.69
C ARG B 374 -5.52 -17.77 -12.07
N ILE B 375 -5.80 -18.97 -11.59
CA ILE B 375 -6.97 -19.73 -12.16
C ILE B 375 -8.33 -19.05 -11.85
N HIS B 376 -8.45 -18.29 -10.76
CA HIS B 376 -9.71 -17.60 -10.42
C HIS B 376 -9.64 -16.12 -10.83
N SER B 377 -8.54 -15.42 -10.57
CA SER B 377 -8.45 -13.94 -10.76
C SER B 377 -8.19 -13.55 -12.22
N ASP B 378 -7.44 -14.34 -12.97
CA ASP B 378 -6.97 -13.97 -14.35
C ASP B 378 -7.57 -14.89 -15.43
N PHE B 379 -7.76 -16.18 -15.15
CA PHE B 379 -8.19 -17.16 -16.17
C PHE B 379 -9.52 -16.75 -16.81
N PRO B 380 -10.53 -16.33 -16.05
CA PRO B 380 -11.79 -15.92 -16.69
C PRO B 380 -11.64 -14.85 -17.77
N GLY B 381 -10.82 -13.85 -17.52
CA GLY B 381 -10.65 -12.80 -18.51
C GLY B 381 -9.86 -13.31 -19.70
N LEU B 382 -8.89 -14.20 -19.48
CA LEU B 382 -8.12 -14.81 -20.58
C LEU B 382 -9.13 -15.59 -21.44
N LEU B 383 -10.08 -16.25 -20.79
CA LEU B 383 -11.00 -17.16 -21.50
C LEU B 383 -11.93 -16.27 -22.36
N ARG B 384 -12.35 -15.12 -21.82
CA ARG B 384 -13.22 -14.18 -22.58
C ARG B 384 -12.42 -13.64 -23.75
N LYS B 385 -11.15 -13.31 -23.52
CA LYS B 385 -10.26 -12.78 -24.55
C LYS B 385 -10.11 -13.83 -25.66
N ALA B 386 -10.05 -15.10 -25.30
CA ALA B 386 -9.81 -16.18 -26.26
C ALA B 386 -10.98 -16.27 -27.24
N GLN B 387 -12.17 -15.78 -26.86
CA GLN B 387 -13.37 -15.86 -27.75
C GLN B 387 -13.44 -14.67 -28.71
N GLU B 388 -12.54 -13.71 -28.57
CA GLU B 388 -12.51 -12.58 -29.51
C GLU B 388 -11.96 -13.07 -30.85
N PRO B 389 -12.51 -12.57 -31.97
CA PRO B 389 -12.26 -13.17 -33.27
C PRO B 389 -10.78 -13.28 -33.65
N VAL B 390 -10.01 -12.23 -33.41
CA VAL B 390 -8.57 -12.25 -33.83
C VAL B 390 -7.85 -13.29 -32.96
N ILE B 391 -8.18 -13.38 -31.67
CA ILE B 391 -7.44 -14.29 -30.72
C ILE B 391 -7.81 -15.73 -31.10
N ARG B 392 -9.10 -15.99 -31.34
CA ARG B 392 -9.58 -17.32 -31.82
C ARG B 392 -8.85 -17.70 -33.13
N ALA B 393 -8.69 -16.78 -34.11
CA ALA B 393 -8.01 -17.07 -35.39
C ALA B 393 -6.56 -17.49 -35.13
N GLY B 394 -5.92 -16.86 -34.15
CA GLY B 394 -4.55 -17.21 -33.75
C GLY B 394 -4.47 -18.61 -33.14
N MET B 395 -5.35 -18.92 -32.21
CA MET B 395 -5.44 -20.29 -31.62
C MET B 395 -5.72 -21.32 -32.73
N ASP B 396 -6.63 -21.00 -33.66
CA ASP B 396 -6.91 -21.89 -34.80
C ASP B 396 -5.66 -22.14 -35.64
N LYS B 397 -4.83 -21.13 -35.84
CA LYS B 397 -3.60 -21.26 -36.64
C LYS B 397 -2.59 -22.11 -35.84
N ILE B 398 -2.42 -21.86 -34.54
CA ILE B 398 -1.53 -22.70 -33.69
C ILE B 398 -1.92 -24.18 -33.89
N LEU B 399 -3.18 -24.48 -33.70
CA LEU B 399 -3.74 -25.86 -33.73
C LEU B 399 -3.87 -26.41 -35.15
N GLY B 400 -3.92 -25.56 -36.19
CA GLY B 400 -4.40 -25.95 -37.53
C GLY B 400 -5.75 -26.61 -37.44
N TYR B 401 -6.66 -25.95 -36.74
CA TYR B 401 -8.00 -26.46 -36.40
C TYR B 401 -8.97 -26.33 -37.58
N ASP B 402 -9.69 -27.40 -37.89
CA ASP B 402 -10.76 -27.46 -38.91
C ASP B 402 -12.09 -27.58 -38.15
N ALA B 403 -12.90 -26.53 -38.10
CA ALA B 403 -14.14 -26.49 -37.28
C ALA B 403 -15.15 -27.48 -37.87
N ALA B 404 -15.05 -27.80 -39.16
CA ALA B 404 -15.95 -28.74 -39.87
C ALA B 404 -15.82 -30.14 -39.26
N THR B 405 -14.59 -30.60 -39.06
CA THR B 405 -14.27 -31.96 -38.61
C THR B 405 -13.91 -31.98 -37.11
N MET B 406 -13.66 -30.82 -36.50
CA MET B 406 -13.10 -30.66 -35.13
C MET B 406 -11.77 -31.44 -35.04
N LYS B 407 -11.00 -31.47 -36.14
CA LYS B 407 -9.67 -32.11 -36.18
C LYS B 407 -8.58 -31.04 -36.24
N CYS B 408 -7.44 -31.34 -35.62
CA CYS B 408 -6.24 -30.47 -35.68
C CYS B 408 -5.27 -31.07 -36.71
N LYS B 409 -4.38 -30.24 -37.22
CA LYS B 409 -3.44 -30.64 -38.27
C LYS B 409 -2.66 -31.88 -37.82
N TYR B 410 -2.10 -31.83 -36.61
CA TYR B 410 -1.41 -32.99 -35.96
C TYR B 410 -2.27 -33.50 -34.81
N GLU B 411 -2.84 -34.71 -34.98
CA GLU B 411 -3.76 -35.27 -33.98
C GLU B 411 -3.60 -36.79 -34.02
N VAL B 412 -3.60 -37.40 -32.86
CA VAL B 412 -3.55 -38.87 -32.70
C VAL B 412 -4.60 -39.18 -31.66
N ASP B 413 -5.17 -40.38 -31.73
CA ASP B 413 -6.28 -40.80 -30.86
C ASP B 413 -5.78 -41.94 -29.97
N ILE B 414 -6.00 -41.82 -28.65
CA ILE B 414 -5.53 -42.80 -27.63
C ILE B 414 -6.23 -44.14 -27.91
N ARG B 415 -7.35 -44.13 -28.60
CA ARG B 415 -8.07 -45.39 -28.89
C ARG B 415 -7.50 -46.13 -30.12
N GLU B 416 -6.51 -45.63 -30.84
CA GLU B 416 -6.06 -46.18 -32.14
C GLU B 416 -4.71 -46.88 -32.00
N GLY B 417 -4.24 -47.14 -30.76
CA GLY B 417 -3.09 -48.05 -30.56
C GLY B 417 -1.76 -47.34 -30.39
N THR B 418 -0.83 -48.02 -29.72
CA THR B 418 0.51 -47.50 -29.40
C THR B 418 1.32 -47.18 -30.65
N PRO B 419 1.34 -48.00 -31.72
CA PRO B 419 2.18 -47.64 -32.88
C PRO B 419 1.88 -46.23 -33.44
N ALA B 420 0.60 -45.89 -33.54
CA ALA B 420 0.18 -44.55 -34.05
C ALA B 420 0.68 -43.46 -33.10
N LEU B 421 0.62 -43.71 -31.80
CA LEU B 421 1.09 -42.74 -30.78
C LEU B 421 2.59 -42.56 -30.94
N LEU B 422 3.36 -43.65 -31.01
CA LEU B 422 4.82 -43.52 -31.18
C LEU B 422 5.16 -42.69 -32.42
N LYS B 423 4.49 -42.94 -33.54
CA LYS B 423 4.73 -42.17 -34.78
C LYS B 423 4.47 -40.67 -34.53
N ALA B 424 3.35 -40.34 -33.89
CA ALA B 424 2.95 -38.94 -33.55
C ALA B 424 4.02 -38.28 -32.66
N LEU B 425 4.54 -39.00 -31.66
CA LEU B 425 5.61 -38.44 -30.78
C LEU B 425 6.85 -38.09 -31.60
N GLU B 426 7.25 -38.94 -32.52
CA GLU B 426 8.40 -38.60 -33.41
C GLU B 426 8.08 -37.36 -34.23
N GLU B 427 6.86 -37.30 -34.72
CA GLU B 427 6.40 -36.21 -35.62
C GLU B 427 6.21 -34.91 -34.82
N VAL B 428 6.31 -34.91 -33.47
CA VAL B 428 6.40 -33.63 -32.72
C VAL B 428 7.53 -32.79 -33.29
N GLU B 429 8.56 -33.41 -33.89
CA GLU B 429 9.74 -32.69 -34.40
C GLU B 429 9.51 -32.22 -35.85
N ASN B 430 8.40 -32.57 -36.47
CA ASN B 430 8.09 -32.08 -37.85
C ASN B 430 8.10 -30.54 -37.79
N VAL B 431 8.64 -29.90 -38.83
CA VAL B 431 8.83 -28.42 -38.78
C VAL B 431 7.49 -27.73 -38.68
N ASP B 432 6.41 -28.33 -39.18
CA ASP B 432 5.08 -27.66 -39.19
C ASP B 432 4.19 -28.25 -38.10
N CYS B 433 4.73 -29.06 -37.18
CA CYS B 433 3.95 -29.47 -35.98
C CYS B 433 4.12 -28.40 -34.91
N VAL B 434 3.08 -27.58 -34.69
CA VAL B 434 3.13 -26.52 -33.65
C VAL B 434 2.54 -27.09 -32.37
N LYS B 435 1.47 -27.86 -32.51
CA LYS B 435 0.77 -28.41 -31.32
C LYS B 435 0.12 -29.73 -31.65
N LEU B 436 0.70 -30.85 -31.18
CA LEU B 436 0.06 -32.17 -31.37
C LEU B 436 -1.04 -32.29 -30.35
N VAL B 437 -2.19 -32.73 -30.82
CA VAL B 437 -3.37 -32.99 -29.98
C VAL B 437 -3.57 -34.50 -29.82
N ILE B 438 -3.89 -34.94 -28.61
CA ILE B 438 -4.21 -36.36 -28.33
C ILE B 438 -5.68 -36.45 -28.00
N LYS B 439 -6.47 -36.96 -28.96
CA LYS B 439 -7.92 -37.10 -28.68
C LYS B 439 -8.10 -38.29 -27.70
N LEU B 440 -8.99 -38.14 -26.72
CA LEU B 440 -9.14 -39.07 -25.59
C LEU B 440 -10.54 -39.67 -25.54
N ASN B 441 -11.52 -38.92 -26.03
CA ASN B 441 -12.93 -39.33 -26.03
C ASN B 441 -13.67 -38.60 -27.13
N ASP B 442 -14.84 -39.13 -27.48
CA ASP B 442 -15.77 -38.40 -28.38
C ASP B 442 -16.03 -37.02 -27.77
N TYR B 443 -16.12 -35.99 -28.59
CA TYR B 443 -16.38 -34.58 -28.17
C TYR B 443 -17.89 -34.26 -27.94
N GLY C 36 17.79 48.09 8.16
CA GLY C 36 16.73 47.89 9.20
C GLY C 36 16.82 46.54 9.91
N VAL C 37 17.86 45.73 9.63
CA VAL C 37 18.11 44.38 10.23
C VAL C 37 18.23 44.49 11.76
N ILE C 38 17.42 43.74 12.54
CA ILE C 38 17.53 43.62 14.03
C ILE C 38 18.37 42.38 14.35
N THR C 39 19.25 42.47 15.36
CA THR C 39 19.90 41.31 16.00
C THR C 39 19.26 41.06 17.36
N CYS C 40 18.77 39.85 17.64
CA CYS C 40 18.08 39.59 18.94
C CYS C 40 18.29 38.13 19.36
N LYS C 41 17.84 37.78 20.56
CA LYS C 41 17.86 36.37 21.02
C LYS C 41 16.64 35.64 20.43
N ALA C 42 16.82 34.36 20.15
CA ALA C 42 15.77 33.45 19.62
C ALA C 42 16.13 32.02 20.03
N ILE C 43 15.12 31.17 20.24
CA ILE C 43 15.32 29.75 20.64
C ILE C 43 15.37 28.91 19.36
N MET C 44 16.59 28.47 19.02
CA MET C 44 16.85 27.70 17.78
C MET C 44 16.74 26.22 18.12
N LEU C 45 16.06 25.49 17.27
CA LEU C 45 16.01 24.01 17.24
C LEU C 45 16.91 23.55 16.09
N LYS C 46 17.96 22.80 16.40
CA LYS C 46 19.02 22.41 15.43
C LYS C 46 18.45 21.36 14.46
N GLU C 47 17.79 20.36 15.04
CA GLU C 47 17.24 19.16 14.36
C GLU C 47 16.07 18.67 15.20
N ALA C 48 15.22 17.84 14.60
CA ALA C 48 14.17 17.12 15.36
C ALA C 48 14.85 16.38 16.52
N LYS C 49 14.28 16.51 17.70
CA LYS C 49 14.57 15.71 18.90
C LYS C 49 13.79 14.39 18.79
N LEU C 50 14.35 13.45 18.02
CA LEU C 50 13.85 12.05 17.86
C LEU C 50 14.05 11.35 19.19
N PRO C 51 13.38 10.20 19.46
CA PRO C 51 13.41 9.62 20.81
C PRO C 51 14.82 9.15 21.20
N GLY C 52 15.15 9.24 22.49
CA GLY C 52 16.54 9.15 22.99
C GLY C 52 17.18 10.52 23.17
N MET C 53 17.19 11.38 22.13
CA MET C 53 17.90 12.69 22.08
C MET C 53 17.39 13.57 23.24
N SER C 54 18.21 14.51 23.73
CA SER C 54 17.89 15.38 24.90
C SER C 54 17.55 16.80 24.39
N TYR C 55 16.96 17.65 25.23
CA TYR C 55 16.75 19.09 24.87
C TYR C 55 18.11 19.75 24.56
N ALA C 56 19.16 19.41 25.33
CA ALA C 56 20.53 19.94 25.14
C ALA C 56 21.06 19.57 23.76
N ASP C 57 20.67 18.41 23.19
CA ASP C 57 21.06 17.98 21.81
C ASP C 57 20.55 18.94 20.73
N THR C 58 19.39 19.60 20.90
CA THR C 58 18.72 20.32 19.79
C THR C 58 18.39 21.79 20.12
N VAL C 59 18.19 22.14 21.39
CA VAL C 59 17.63 23.45 21.79
C VAL C 59 18.77 24.40 22.22
N GLN C 60 18.85 25.57 21.61
CA GLN C 60 19.87 26.58 22.01
C GLN C 60 19.33 28.02 21.82
N ILE C 61 19.47 28.88 22.83
CA ILE C 61 19.28 30.35 22.65
C ILE C 61 20.50 30.90 21.89
N ILE C 62 20.28 31.53 20.73
CA ILE C 62 21.35 32.18 19.92
C ILE C 62 20.93 33.59 19.50
N ASP C 63 21.90 34.38 19.04
CA ASP C 63 21.67 35.67 18.39
C ASP C 63 21.25 35.37 16.96
N ILE C 64 20.16 36.00 16.49
CA ILE C 64 19.67 35.84 15.09
C ILE C 64 19.52 37.23 14.50
N GLN C 65 19.60 37.30 13.18
CA GLN C 65 19.22 38.50 12.39
C GLN C 65 17.75 38.35 11.97
N VAL C 66 16.95 39.38 12.19
CA VAL C 66 15.55 39.49 11.66
C VAL C 66 15.56 40.60 10.62
N ASP C 67 15.27 40.26 9.37
CA ASP C 67 15.11 41.24 8.27
C ASP C 67 13.90 42.15 8.52
N PRO C 68 13.86 43.34 7.86
CA PRO C 68 12.69 44.22 7.91
C PRO C 68 11.51 43.57 7.21
N PRO C 69 10.27 43.98 7.55
CA PRO C 69 9.06 43.39 6.98
C PRO C 69 8.83 43.86 5.54
N GLN C 70 8.30 42.98 4.68
CA GLN C 70 7.93 43.28 3.26
C GLN C 70 6.41 43.25 3.11
N ASN C 71 5.94 43.73 1.96
CA ASN C 71 4.54 43.61 1.50
C ASN C 71 3.63 44.00 2.68
N VAL C 72 2.94 43.05 3.30
CA VAL C 72 1.91 43.30 4.34
C VAL C 72 2.38 42.70 5.66
N GLU C 73 3.68 42.47 5.83
CA GLU C 73 4.24 41.86 7.07
C GLU C 73 4.30 42.86 8.22
N LEU C 74 4.05 42.36 9.42
CA LEU C 74 4.35 43.03 10.71
C LEU C 74 5.69 42.48 11.22
N ARG C 75 6.61 43.34 11.65
CA ARG C 75 7.71 42.93 12.55
C ARG C 75 7.26 43.31 13.97
N VAL C 76 7.36 42.35 14.89
CA VAL C 76 6.68 42.41 16.21
C VAL C 76 7.72 42.17 17.30
N LYS C 77 7.80 43.10 18.25
CA LYS C 77 8.62 42.99 19.46
C LYS C 77 7.82 42.14 20.44
N MET C 78 8.31 40.93 20.71
CA MET C 78 7.50 39.92 21.45
C MET C 78 7.66 40.22 22.94
N LEU C 79 6.55 40.21 23.67
CA LEU C 79 6.55 40.39 25.14
C LEU C 79 6.83 39.04 25.78
N CYS C 80 6.08 38.00 25.41
CA CYS C 80 6.31 36.63 25.91
C CYS C 80 5.73 35.61 24.93
N ALA C 81 6.26 34.39 24.97
CA ALA C 81 5.62 33.20 24.37
C ALA C 81 5.18 32.35 25.55
N SER C 82 4.29 31.40 25.31
CA SER C 82 3.96 30.41 26.34
C SER C 82 3.94 29.05 25.66
N VAL C 83 4.16 28.00 26.43
CA VAL C 83 4.55 26.67 25.89
C VAL C 83 3.26 25.84 25.75
N CYS C 84 2.85 25.68 24.50
CA CYS C 84 1.77 24.76 24.07
C CYS C 84 2.41 23.37 24.01
N ARG C 85 1.70 22.30 24.42
CA ARG C 85 2.23 20.93 24.21
C ARG C 85 2.69 20.81 22.73
N THR C 86 2.06 21.50 21.78
CA THR C 86 2.43 21.38 20.34
C THR C 86 3.80 22.03 20.11
N ASP C 87 4.24 22.93 21.00
CA ASP C 87 5.61 23.49 20.90
C ASP C 87 6.64 22.40 21.19
N ILE C 88 6.38 21.56 22.19
CA ILE C 88 7.22 20.37 22.55
C ILE C 88 7.19 19.38 21.39
N LEU C 89 6.02 19.02 20.90
CA LEU C 89 5.91 18.18 19.69
C LEU C 89 6.82 18.75 18.60
N THR C 90 6.83 20.07 18.39
CA THR C 90 7.62 20.67 17.29
C THR C 90 9.10 20.36 17.55
N ILE C 91 9.49 20.41 18.81
CA ILE C 91 10.88 20.09 19.23
C ILE C 91 11.16 18.64 18.80
N GLU C 92 10.17 17.75 18.94
CA GLU C 92 10.32 16.33 18.56
C GLU C 92 10.21 16.10 17.05
N GLY C 93 9.95 17.14 16.24
CA GLY C 93 9.95 17.09 14.76
C GLY C 93 8.54 17.03 14.16
N PHE C 94 7.48 17.17 14.98
CA PHE C 94 6.08 17.15 14.51
C PHE C 94 5.91 18.18 13.38
N MET C 95 5.46 17.72 12.22
CA MET C 95 5.05 18.53 11.04
C MET C 95 6.23 19.29 10.42
N ALA C 96 7.44 18.93 10.83
CA ALA C 96 8.69 19.52 10.32
C ALA C 96 9.60 18.40 9.83
N PRO C 97 9.22 17.65 8.77
CA PRO C 97 10.12 16.64 8.20
C PRO C 97 11.47 17.19 7.71
N THR C 98 11.49 18.38 7.08
CA THR C 98 12.70 19.02 6.47
C THR C 98 12.94 20.46 6.95
N GLN C 99 12.15 20.98 7.90
CA GLN C 99 12.10 22.43 8.23
C GLN C 99 12.92 22.71 9.50
N PHE C 100 14.17 22.24 9.50
CA PHE C 100 15.20 22.52 10.53
C PHE C 100 16.45 23.06 9.80
N PRO C 101 17.25 23.93 10.44
CA PRO C 101 16.99 24.39 11.80
C PRO C 101 15.88 25.46 11.74
N LYS C 102 15.17 25.64 12.86
CA LYS C 102 14.06 26.60 12.96
C LYS C 102 14.12 27.35 14.29
N ILE C 103 13.40 28.46 14.31
CA ILE C 103 12.94 29.11 15.56
C ILE C 103 11.58 28.50 15.93
N ASN C 104 11.46 27.97 17.14
CA ASN C 104 10.21 27.35 17.63
C ASN C 104 9.15 28.43 17.88
N GLY C 105 7.90 27.97 18.02
CA GLY C 105 6.86 28.66 18.82
C GLY C 105 5.74 29.22 17.97
N HIS C 106 4.50 28.97 18.37
CA HIS C 106 3.32 29.55 17.67
C HIS C 106 2.43 30.29 18.69
N GLU C 107 2.71 30.14 19.99
CA GLU C 107 1.85 30.72 21.07
C GLU C 107 2.60 31.91 21.66
N GLY C 108 2.11 33.12 21.46
CA GLY C 108 2.80 34.32 21.93
C GLY C 108 2.10 35.61 21.62
N VAL C 109 2.63 36.70 22.16
CA VAL C 109 2.00 38.04 21.97
C VAL C 109 3.13 39.06 21.86
N GLY C 110 2.91 40.12 21.10
CA GLY C 110 3.89 41.20 20.99
C GLY C 110 3.30 42.48 20.47
N ILE C 111 4.19 43.46 20.29
CA ILE C 111 3.84 44.85 19.87
C ILE C 111 4.44 45.11 18.49
N ILE C 112 3.66 45.70 17.58
CA ILE C 112 4.14 46.05 16.22
C ILE C 112 5.27 47.09 16.33
N GLU C 113 6.46 46.71 15.88
CA GLU C 113 7.67 47.55 15.79
C GLU C 113 7.68 48.26 14.42
N SER C 114 7.45 47.54 13.32
CA SER C 114 7.39 48.10 11.95
C SER C 114 6.50 47.22 11.06
N MET C 115 6.25 47.71 9.83
CA MET C 115 5.23 47.19 8.88
C MET C 115 5.74 47.31 7.44
N GLY C 116 5.52 46.29 6.62
CA GLY C 116 5.83 46.36 5.18
C GLY C 116 4.99 47.46 4.54
N PRO C 117 5.36 47.91 3.33
CA PRO C 117 4.78 49.13 2.74
C PRO C 117 3.27 49.02 2.43
N ASP C 118 2.72 47.81 2.27
CA ASP C 118 1.32 47.62 1.78
C ASP C 118 0.37 47.24 2.93
N THR C 119 0.82 47.25 4.19
CA THR C 119 -0.01 46.81 5.34
C THR C 119 -1.18 47.78 5.53
N LYS C 120 -2.38 47.28 5.82
CA LYS C 120 -3.59 48.07 6.19
C LYS C 120 -4.14 47.60 7.54
N ASN C 121 -4.82 48.50 8.26
CA ASN C 121 -5.64 48.20 9.47
C ASN C 121 -4.77 47.84 10.67
N PHE C 122 -3.47 48.11 10.61
CA PHE C 122 -2.54 47.99 11.76
C PHE C 122 -1.70 49.27 11.88
N LYS C 123 -1.21 49.55 13.08
CA LYS C 123 -0.24 50.66 13.26
C LYS C 123 0.85 50.24 14.25
N VAL C 124 2.05 50.80 14.10
CA VAL C 124 3.16 50.65 15.08
C VAL C 124 2.57 50.89 16.47
N GLY C 125 2.88 50.03 17.44
CA GLY C 125 2.39 50.16 18.84
C GLY C 125 1.24 49.22 19.13
N ASP C 126 0.53 48.72 18.11
CA ASP C 126 -0.56 47.72 18.30
C ASP C 126 0.00 46.45 18.96
N VAL C 127 -0.72 45.91 19.93
CA VAL C 127 -0.48 44.57 20.55
C VAL C 127 -1.22 43.52 19.72
N ILE C 128 -0.52 42.55 19.14
CA ILE C 128 -1.16 41.56 18.23
C ILE C 128 -0.85 40.13 18.66
N VAL C 129 -1.76 39.23 18.31
CA VAL C 129 -1.45 37.78 18.20
C VAL C 129 -1.68 37.40 16.75
N ALA C 130 -0.98 36.37 16.30
CA ALA C 130 -1.12 35.86 14.93
C ALA C 130 -1.12 34.34 14.98
N PRO C 131 -2.31 33.70 15.09
CA PRO C 131 -2.36 32.24 15.05
C PRO C 131 -2.22 31.64 13.64
N THR C 132 -2.55 30.35 13.49
CA THR C 132 -2.21 29.54 12.28
C THR C 132 -3.08 29.96 11.08
N LEU C 133 -4.35 30.30 11.32
CA LEU C 133 -5.33 30.54 10.24
C LEU C 133 -5.83 31.98 10.24
N GLY C 134 -5.72 32.62 9.07
CA GLY C 134 -6.35 33.92 8.81
C GLY C 134 -7.82 33.81 8.48
N GLU C 135 -8.46 34.93 8.14
CA GLU C 135 -9.91 34.98 7.85
C GLU C 135 -10.13 35.98 6.71
N CYS C 136 -10.16 35.49 5.46
CA CYS C 136 -10.22 36.36 4.24
C CYS C 136 -11.64 36.94 4.12
N GLN C 137 -12.63 36.28 4.72
CA GLN C 137 -14.07 36.68 4.74
C GLN C 137 -14.73 36.58 3.35
N THR C 138 -14.04 36.12 2.29
CA THR C 138 -14.61 36.03 0.90
C THR C 138 -14.62 34.59 0.33
N CYS C 139 -13.83 33.65 0.85
CA CYS C 139 -13.78 32.26 0.34
C CYS C 139 -15.05 31.49 0.75
N SER C 140 -15.33 30.35 0.12
CA SER C 140 -16.57 29.57 0.43
C SER C 140 -16.55 29.08 1.88
N SER C 141 -15.36 28.81 2.43
CA SER C 141 -15.20 28.35 3.84
C SER C 141 -15.55 29.50 4.79
N CYS C 142 -14.94 30.68 4.60
CA CYS C 142 -15.26 31.87 5.43
C CYS C 142 -16.76 32.16 5.35
N ARG C 143 -17.35 32.17 4.14
CA ARG C 143 -18.76 32.62 3.92
C ARG C 143 -19.74 31.60 4.51
N SER C 144 -19.29 30.36 4.73
CA SER C 144 -20.12 29.29 5.33
C SER C 144 -20.56 29.71 6.74
N GLY C 145 -19.73 30.50 7.44
CA GLY C 145 -20.03 30.98 8.79
C GLY C 145 -19.76 29.93 9.86
N ARG C 146 -19.27 28.73 9.50
CA ARG C 146 -19.19 27.60 10.48
C ARG C 146 -17.76 27.01 10.56
N THR C 147 -16.76 27.70 10.05
CA THR C 147 -15.36 27.20 10.12
C THR C 147 -14.33 28.33 10.00
N ASN C 148 -13.16 28.11 10.57
CA ASN C 148 -12.01 29.05 10.48
C ASN C 148 -10.98 28.57 9.45
N PHE C 149 -11.20 27.45 8.81
CA PHE C 149 -10.24 26.88 7.81
C PHE C 149 -10.34 27.70 6.54
N CYS C 150 -9.75 28.88 6.57
CA CYS C 150 -9.76 29.82 5.43
C CYS C 150 -8.93 29.23 4.27
N GLN C 151 -9.48 29.21 3.06
CA GLN C 151 -8.83 28.68 1.85
C GLN C 151 -7.68 29.60 1.42
N ASN C 152 -7.73 30.89 1.76
CA ASN C 152 -6.77 31.90 1.24
C ASN C 152 -5.65 32.17 2.25
N TYR C 153 -5.94 32.06 3.54
CA TYR C 153 -4.96 32.23 4.64
C TYR C 153 -4.95 30.98 5.51
N GLY C 154 -4.50 29.90 4.90
CA GLY C 154 -4.36 28.59 5.53
C GLY C 154 -3.05 28.42 6.26
N ALA C 155 -2.83 27.23 6.80
CA ALA C 155 -1.62 26.91 7.59
C ALA C 155 -0.41 26.93 6.66
N ASN C 156 0.63 27.67 7.02
CA ASN C 156 1.87 27.81 6.22
C ASN C 156 2.84 26.68 6.57
N GLU C 157 2.55 25.50 6.05
CA GLU C 157 3.29 24.24 6.31
C GLU C 157 4.74 24.32 5.80
N SER C 158 5.06 25.14 4.79
CA SER C 158 6.43 25.30 4.23
C SER C 158 7.42 25.84 5.29
N ALA C 159 6.92 26.52 6.33
CA ALA C 159 7.76 27.16 7.39
C ALA C 159 8.71 28.21 6.79
N LEU C 160 8.34 28.78 5.64
CA LEU C 160 9.08 29.81 4.86
C LEU C 160 8.13 30.87 4.31
N GLU C 161 8.68 31.96 3.78
CA GLU C 161 7.97 32.99 2.96
C GLU C 161 7.57 32.36 1.63
N PRO C 162 6.51 32.87 0.96
CA PRO C 162 6.07 32.29 -0.31
C PRO C 162 7.18 32.22 -1.38
N ASP C 163 8.18 33.11 -1.33
CA ASP C 163 9.27 33.12 -2.34
C ASP C 163 10.42 32.22 -1.92
N GLY C 164 10.30 31.44 -0.84
CA GLY C 164 11.34 30.51 -0.37
C GLY C 164 12.36 31.16 0.56
N THR C 165 12.28 32.47 0.79
CA THR C 165 13.18 33.16 1.76
C THR C 165 12.61 33.00 3.18
N SER C 166 13.45 33.30 4.16
CA SER C 166 13.07 33.53 5.56
C SER C 166 13.54 34.93 5.95
N ARG C 167 12.79 35.58 6.83
CA ARG C 167 13.22 36.81 7.53
C ARG C 167 14.23 36.48 8.63
N PHE C 168 14.42 35.20 8.98
CA PHE C 168 15.35 34.79 10.07
C PHE C 168 16.61 34.19 9.43
N SER C 169 17.76 34.48 10.03
CA SER C 169 19.07 33.89 9.68
C SER C 169 20.00 34.02 10.87
N TYR C 170 21.09 33.27 10.90
CA TYR C 170 22.14 33.35 11.95
C TYR C 170 23.48 33.19 11.26
N ILE C 171 24.52 33.79 11.85
CA ILE C 171 25.94 33.54 11.49
C ILE C 171 26.42 32.38 12.37
N ASP C 172 26.73 31.24 11.74
CA ASP C 172 27.15 29.98 12.41
C ASP C 172 28.64 30.08 12.76
N SER C 173 29.17 29.00 13.35
CA SER C 173 30.59 28.81 13.77
C SER C 173 31.60 29.05 12.64
N ASP C 174 31.16 29.10 11.37
CA ASP C 174 32.04 29.22 10.18
C ASP C 174 31.90 30.61 9.54
N GLY C 175 31.24 31.55 10.23
CA GLY C 175 30.95 32.90 9.71
C GLY C 175 30.04 32.85 8.49
N LYS C 176 29.33 31.73 8.31
CA LYS C 176 28.35 31.52 7.22
C LYS C 176 26.98 32.06 7.69
N LYS C 177 26.22 32.68 6.78
CA LYS C 177 24.84 33.17 7.04
C LYS C 177 23.83 32.11 6.61
N LYS C 178 23.17 31.50 7.61
CA LYS C 178 22.26 30.33 7.46
C LYS C 178 20.81 30.78 7.64
N LEU C 179 19.93 30.30 6.77
CA LEU C 179 18.46 30.41 6.90
C LEU C 179 17.97 29.64 8.15
N LEU C 180 17.06 30.26 8.91
CA LEU C 180 16.25 29.57 9.95
C LEU C 180 14.81 29.48 9.45
N TYR C 181 14.20 28.31 9.63
CA TYR C 181 12.77 28.10 9.29
C TYR C 181 11.91 28.71 10.42
N TYR C 182 10.70 29.09 10.05
CA TYR C 182 9.64 29.46 11.02
C TYR C 182 9.10 28.19 11.67
N LYS C 183 8.09 28.36 12.53
CA LYS C 183 7.20 27.24 12.93
C LYS C 183 6.27 26.95 11.74
N LEU C 184 5.32 27.87 11.47
CA LEU C 184 4.48 27.81 10.25
C LEU C 184 4.64 29.15 9.53
N GLY C 185 3.83 30.15 9.86
CA GLY C 185 3.86 31.48 9.20
C GLY C 185 4.75 32.45 9.95
N CYS C 186 5.33 32.01 11.08
CA CYS C 186 6.06 32.85 12.08
C CYS C 186 6.69 31.94 13.15
N SER C 187 7.52 32.51 14.03
CA SER C 187 8.00 31.86 15.28
C SER C 187 7.85 32.89 16.41
N THR C 188 7.42 32.45 17.58
CA THR C 188 7.17 33.32 18.75
C THR C 188 8.32 33.20 19.77
N TRP C 189 9.21 32.20 19.67
CA TRP C 189 10.28 31.97 20.68
C TRP C 189 11.49 32.84 20.29
N THR C 190 11.28 34.13 20.22
CA THR C 190 12.22 35.14 19.69
C THR C 190 11.79 36.51 20.20
N GLN C 191 12.74 37.42 20.38
CA GLN C 191 12.44 38.79 20.85
C GLN C 191 11.77 39.58 19.70
N TYR C 192 12.00 39.20 18.45
CA TYR C 192 11.38 39.85 17.28
C TYR C 192 10.96 38.78 16.28
N MET C 193 9.71 38.86 15.84
CA MET C 193 9.13 37.91 14.87
C MET C 193 8.61 38.71 13.67
N VAL C 194 8.51 38.06 12.52
CA VAL C 194 7.83 38.63 11.31
C VAL C 194 6.66 37.71 10.97
N VAL C 195 5.50 38.30 10.68
CA VAL C 195 4.28 37.54 10.28
C VAL C 195 3.48 38.32 9.24
N ASP C 196 2.82 37.60 8.35
CA ASP C 196 1.88 38.17 7.36
C ASP C 196 0.71 38.78 8.15
N SER C 197 0.37 40.07 7.91
CA SER C 197 -0.68 40.80 8.66
C SER C 197 -2.06 40.16 8.48
N ASN C 198 -2.24 39.33 7.46
CA ASN C 198 -3.55 38.63 7.26
C ASN C 198 -3.76 37.53 8.32
N TYR C 199 -2.77 37.27 9.19
CA TYR C 199 -2.89 36.28 10.30
C TYR C 199 -3.01 36.98 11.66
N ALA C 200 -2.92 38.33 11.69
CA ALA C 200 -2.88 39.11 12.94
C ALA C 200 -4.26 39.67 13.33
N THR C 201 -4.48 39.77 14.63
CA THR C 201 -5.63 40.49 15.21
C THR C 201 -5.12 41.28 16.42
N LYS C 202 -5.72 42.43 16.77
CA LYS C 202 -5.13 43.33 17.81
C LYS C 202 -5.89 43.22 19.14
N LEU C 203 -5.17 43.42 20.26
CA LEU C 203 -5.68 43.28 21.65
C LEU C 203 -5.87 44.65 22.32
N ASN C 204 -5.26 45.69 21.78
CA ASN C 204 -4.90 46.93 22.54
C ASN C 204 -6.09 47.91 22.53
N GLU C 205 -6.99 47.80 21.55
CA GLU C 205 -8.21 48.65 21.49
C GLU C 205 -9.26 48.10 22.44
N ILE C 206 -9.40 46.77 22.51
CA ILE C 206 -10.49 46.14 23.32
C ILE C 206 -9.96 45.89 24.73
N ALA C 207 -8.67 45.58 24.87
CA ALA C 207 -8.07 45.11 26.14
C ALA C 207 -6.68 45.70 26.33
N PRO C 208 -6.51 47.04 26.37
CA PRO C 208 -5.20 47.66 26.53
C PRO C 208 -4.48 47.25 27.83
N GLU C 209 -5.22 46.80 28.85
CA GLU C 209 -4.72 46.42 30.21
C GLU C 209 -4.48 44.92 30.35
N LEU C 210 -4.67 44.13 29.29
CA LEU C 210 -4.46 42.65 29.38
C LEU C 210 -2.95 42.36 29.54
N PRO C 211 -2.54 41.62 30.62
CA PRO C 211 -1.14 41.26 30.79
C PRO C 211 -0.66 40.36 29.65
N PRO C 212 0.65 40.38 29.34
CA PRO C 212 1.20 39.52 28.28
C PRO C 212 0.93 38.02 28.34
N PRO C 213 1.11 37.32 29.47
CA PRO C 213 0.85 35.87 29.48
C PRO C 213 -0.61 35.53 29.12
N HIS C 214 -1.56 36.43 29.44
CA HIS C 214 -3.00 36.28 29.07
C HIS C 214 -3.14 36.40 27.54
N GLY C 215 -2.52 37.43 26.95
CA GLY C 215 -2.47 37.63 25.49
C GLY C 215 -1.87 36.41 24.82
N SER C 216 -0.80 35.87 25.43
CA SER C 216 -0.05 34.70 24.88
C SER C 216 -0.96 33.48 24.87
N ILE C 217 -1.63 33.14 25.97
CA ILE C 217 -2.54 31.94 25.92
C ILE C 217 -3.76 32.20 25.02
N LEU C 218 -4.21 33.43 24.81
CA LEU C 218 -5.32 33.71 23.88
C LEU C 218 -4.92 33.38 22.44
N SER C 219 -3.62 33.35 22.13
CA SER C 219 -3.13 33.10 20.75
C SER C 219 -3.25 31.62 20.38
N CYS C 220 -3.32 30.71 21.35
CA CYS C 220 -3.52 29.26 21.08
C CYS C 220 -4.31 28.57 22.18
N ALA C 221 -3.66 28.15 23.27
CA ALA C 221 -4.24 27.25 24.29
C ALA C 221 -5.65 27.68 24.70
N PHE C 222 -5.83 28.95 25.09
CA PHE C 222 -7.11 29.40 25.70
C PHE C 222 -8.22 29.50 24.64
N ALA C 223 -7.94 30.10 23.48
CA ALA C 223 -8.84 30.15 22.30
C ALA C 223 -9.22 28.72 21.87
N THR C 224 -8.28 27.77 21.95
CA THR C 224 -8.50 26.38 21.51
C THR C 224 -9.49 25.69 22.44
N GLY C 225 -9.24 25.71 23.75
CA GLY C 225 -10.16 25.06 24.71
C GLY C 225 -11.51 25.76 24.73
N TYR C 226 -11.48 27.08 24.79
CA TYR C 226 -12.70 27.90 24.97
C TYR C 226 -13.57 27.73 23.71
N GLY C 227 -12.98 27.95 22.53
CA GLY C 227 -13.65 27.86 21.21
C GLY C 227 -14.17 26.47 20.93
N ALA C 228 -13.45 25.40 21.36
CA ALA C 228 -13.84 23.99 21.11
C ALA C 228 -15.22 23.78 21.73
N VAL C 229 -15.40 24.36 22.93
CA VAL C 229 -16.67 24.25 23.70
C VAL C 229 -17.69 25.24 23.15
N TRP C 230 -17.28 26.48 22.95
CA TRP C 230 -18.17 27.64 22.69
C TRP C 230 -18.70 27.57 21.25
N LEU C 231 -17.80 27.42 20.28
CA LEU C 231 -18.11 27.50 18.84
C LEU C 231 -18.35 26.10 18.24
N ASP C 232 -17.44 25.14 18.47
CA ASP C 232 -17.40 23.87 17.69
C ASP C 232 -18.41 22.88 18.26
N ALA C 233 -18.36 22.59 19.56
CA ALA C 233 -19.33 21.68 20.18
C ALA C 233 -20.67 22.42 20.41
N ALA C 234 -20.64 23.77 20.37
CA ALA C 234 -21.83 24.65 20.52
C ALA C 234 -22.58 24.27 21.80
N VAL C 235 -21.89 24.26 22.91
CA VAL C 235 -22.44 23.86 24.23
C VAL C 235 -23.49 24.90 24.60
N GLN C 236 -24.65 24.42 25.04
CA GLN C 236 -25.84 25.21 25.45
C GLN C 236 -26.00 25.10 26.97
N GLU C 237 -26.72 26.04 27.58
CA GLU C 237 -27.17 25.92 28.99
C GLU C 237 -27.79 24.53 29.20
N GLY C 238 -27.37 23.82 30.25
CA GLY C 238 -27.94 22.53 30.68
C GLY C 238 -27.32 21.33 29.97
N ASP C 239 -26.39 21.50 29.03
CA ASP C 239 -25.71 20.39 28.32
C ASP C 239 -24.80 19.65 29.30
N SER C 240 -24.51 18.39 29.00
CA SER C 240 -23.43 17.62 29.63
C SER C 240 -22.19 17.73 28.73
N VAL C 241 -21.01 17.80 29.32
CA VAL C 241 -19.71 17.94 28.60
C VAL C 241 -18.72 16.96 29.23
N ALA C 242 -17.96 16.29 28.37
CA ALA C 242 -16.78 15.50 28.76
C ALA C 242 -15.56 16.14 28.11
N ILE C 243 -14.50 16.30 28.89
CA ILE C 243 -13.20 16.91 28.47
C ILE C 243 -12.15 15.88 28.86
N PHE C 244 -11.44 15.39 27.84
CA PHE C 244 -10.40 14.35 27.96
C PHE C 244 -9.07 15.07 27.84
N GLY C 245 -8.44 15.33 28.98
CA GLY C 245 -7.17 16.07 29.09
C GLY C 245 -7.41 17.45 29.63
N VAL C 246 -6.95 17.70 30.86
CA VAL C 246 -7.10 19.03 31.50
C VAL C 246 -5.71 19.60 31.73
N GLY C 247 -4.94 19.68 30.64
CA GLY C 247 -3.88 20.69 30.46
C GLY C 247 -4.50 22.05 30.28
N SER C 248 -3.73 23.01 29.81
CA SER C 248 -4.20 24.42 29.64
C SER C 248 -5.38 24.49 28.64
N VAL C 249 -5.40 23.64 27.62
CA VAL C 249 -6.51 23.64 26.63
C VAL C 249 -7.78 23.16 27.32
N GLY C 250 -7.71 22.00 27.96
CA GLY C 250 -8.82 21.32 28.65
C GLY C 250 -9.35 22.14 29.82
N ILE C 251 -8.50 22.83 30.56
CA ILE C 251 -9.03 23.77 31.61
C ILE C 251 -9.70 24.99 30.94
N SER C 252 -9.21 25.47 29.80
CA SER C 252 -9.85 26.59 29.07
C SER C 252 -11.26 26.16 28.63
N ALA C 253 -11.41 24.90 28.26
CA ALA C 253 -12.72 24.28 27.92
C ALA C 253 -13.60 24.21 29.18
N VAL C 254 -13.05 23.84 30.34
CA VAL C 254 -13.84 23.82 31.62
C VAL C 254 -14.41 25.24 31.82
N ILE C 255 -13.55 26.26 31.74
CA ILE C 255 -13.91 27.69 31.92
C ILE C 255 -15.08 28.05 30.99
N ALA C 256 -14.95 27.76 29.68
CA ALA C 256 -16.02 27.97 28.69
C ALA C 256 -17.31 27.23 29.12
N ALA C 257 -17.24 25.93 29.46
CA ALA C 257 -18.43 25.11 29.76
C ALA C 257 -19.13 25.68 31.01
N LYS C 258 -18.37 26.13 32.01
CA LYS C 258 -18.90 26.73 33.27
C LYS C 258 -19.56 28.07 32.94
N GLU C 259 -18.93 28.88 32.08
CA GLU C 259 -19.46 30.16 31.56
C GLU C 259 -20.79 29.94 30.85
N LEU C 260 -20.90 28.87 30.07
CA LEU C 260 -22.08 28.61 29.21
C LEU C 260 -23.13 27.84 30.02
N LYS C 261 -22.87 27.60 31.31
CA LYS C 261 -23.84 27.02 32.28
C LYS C 261 -24.16 25.57 31.88
N ALA C 262 -23.14 24.76 31.58
CA ALA C 262 -23.32 23.31 31.39
C ALA C 262 -23.91 22.76 32.67
N LYS C 263 -24.80 21.78 32.58
CA LYS C 263 -25.34 21.09 33.79
C LYS C 263 -24.26 20.19 34.36
N GLN C 264 -23.41 19.62 33.50
CA GLN C 264 -22.46 18.56 33.90
C GLN C 264 -21.18 18.75 33.10
N ILE C 265 -20.04 18.70 33.80
CA ILE C 265 -18.67 18.91 33.23
C ILE C 265 -17.79 17.81 33.80
N ILE C 266 -17.58 16.78 33.00
CA ILE C 266 -16.83 15.57 33.38
C ILE C 266 -15.43 15.74 32.81
N VAL C 267 -14.41 15.63 33.67
CA VAL C 267 -12.99 15.83 33.29
C VAL C 267 -12.28 14.50 33.55
N VAL C 268 -11.45 14.11 32.60
CA VAL C 268 -10.77 12.79 32.53
C VAL C 268 -9.29 13.11 32.32
N ASP C 269 -8.43 12.58 33.18
CA ASP C 269 -6.97 12.82 33.07
C ASP C 269 -6.32 11.79 33.99
N ARG C 270 -4.99 11.66 33.94
CA ARG C 270 -4.25 10.84 34.93
C ARG C 270 -3.56 11.75 35.96
N ASN C 271 -3.62 13.07 35.77
CA ASN C 271 -2.97 14.05 36.68
C ASN C 271 -4.00 14.60 37.68
N GLU C 272 -3.93 14.19 38.95
CA GLU C 272 -4.98 14.58 39.94
C GLU C 272 -4.89 16.06 40.27
N TYR C 273 -3.71 16.67 40.21
CA TYR C 273 -3.56 18.12 40.53
C TYR C 273 -4.40 18.93 39.54
N LYS C 274 -4.27 18.61 38.25
CA LYS C 274 -5.00 19.34 37.19
C LYS C 274 -6.48 18.96 37.25
N LEU C 275 -6.82 17.71 37.54
CA LEU C 275 -8.24 17.30 37.74
C LEU C 275 -8.84 18.18 38.84
N LYS C 276 -8.12 18.39 39.96
CA LYS C 276 -8.63 19.20 41.09
C LYS C 276 -8.69 20.68 40.72
N MET C 277 -7.72 21.18 39.94
CA MET C 277 -7.78 22.58 39.44
C MET C 277 -9.02 22.75 38.55
N ALA C 278 -9.30 21.76 37.71
CA ALA C 278 -10.47 21.77 36.82
C ALA C 278 -11.74 21.83 37.70
N MET C 279 -11.82 21.01 38.76
CA MET C 279 -12.98 21.03 39.70
C MET C 279 -13.13 22.43 40.30
N GLU C 280 -12.05 23.07 40.74
CA GLU C 280 -12.10 24.46 41.28
C GLU C 280 -12.71 25.43 40.26
N LEU C 281 -12.45 25.26 38.96
CA LEU C 281 -12.88 26.25 37.94
C LEU C 281 -14.20 25.84 37.30
N GLY C 282 -14.85 24.81 37.84
CA GLY C 282 -16.28 24.56 37.60
C GLY C 282 -16.58 23.19 37.05
N ALA C 283 -15.63 22.24 36.96
CA ALA C 283 -15.97 20.86 36.55
C ALA C 283 -16.85 20.25 37.65
N THR C 284 -17.82 19.40 37.31
CA THR C 284 -18.77 18.83 38.30
C THR C 284 -18.38 17.41 38.70
N HIS C 285 -17.63 16.73 37.84
CA HIS C 285 -17.24 15.31 37.98
C HIS C 285 -15.84 15.14 37.44
N SNC C 286 -15.07 14.28 38.10
CA SNC C 286 -13.70 14.04 37.68
CB SNC C 286 -12.69 14.81 38.54
SG SNC C 286 -12.56 14.30 40.28
ND SNC C 286 -11.09 14.76 40.91
OE SNC C 286 -10.12 13.92 40.91
C SNC C 286 -13.47 12.55 37.68
O SNC C 286 -14.03 11.83 38.53
N ILE C 287 -12.66 12.11 36.72
CA ILE C 287 -12.30 10.72 36.59
C ILE C 287 -10.80 10.67 36.37
N ASN C 288 -10.10 9.85 37.14
CA ASN C 288 -8.67 9.50 36.91
C ASN C 288 -8.66 8.22 36.08
N SER C 289 -8.14 8.27 34.86
CA SER C 289 -8.25 7.18 33.87
C SER C 289 -7.34 6.02 34.30
N GLU C 290 -6.39 6.24 35.22
CA GLU C 290 -5.51 5.16 35.76
C GLU C 290 -6.08 4.55 37.06
N LYS C 291 -7.22 5.03 37.57
CA LYS C 291 -7.81 4.51 38.83
C LYS C 291 -9.26 4.06 38.60
N LEU C 292 -9.54 3.45 37.44
CA LEU C 292 -10.91 2.98 37.07
C LEU C 292 -11.06 1.52 37.47
N PRO C 293 -12.26 1.11 37.97
CA PRO C 293 -12.50 -0.30 38.27
C PRO C 293 -11.98 -1.12 37.09
N GLU C 294 -11.57 -2.36 37.34
CA GLU C 294 -11.06 -3.28 36.28
C GLU C 294 -12.10 -3.35 35.15
N GLY C 295 -11.63 -3.27 33.90
CA GLY C 295 -12.42 -3.49 32.67
C GLY C 295 -13.33 -2.32 32.32
N VAL C 296 -13.34 -1.24 33.10
CA VAL C 296 -14.19 -0.04 32.84
C VAL C 296 -13.32 0.94 32.07
N THR C 297 -13.69 1.24 30.82
CA THR C 297 -12.99 2.20 29.93
C THR C 297 -13.43 3.61 30.30
N PRO C 298 -12.64 4.64 29.92
CA PRO C 298 -13.02 6.02 30.17
C PRO C 298 -14.39 6.44 29.60
N SER C 299 -14.75 6.03 28.37
CA SER C 299 -16.07 6.30 27.76
C SER C 299 -17.19 5.69 28.61
N GLN C 300 -17.02 4.43 29.03
CA GLN C 300 -17.98 3.72 29.92
C GLN C 300 -18.14 4.50 31.24
N ALA C 301 -17.04 4.94 31.84
CA ALA C 301 -17.08 5.71 33.11
C ALA C 301 -17.82 7.04 32.89
N VAL C 302 -17.59 7.71 31.77
CA VAL C 302 -18.31 8.99 31.45
C VAL C 302 -19.80 8.67 31.26
N ARG C 303 -20.11 7.64 30.48
CA ARG C 303 -21.51 7.18 30.24
C ARG C 303 -22.19 6.90 31.60
N LYS C 304 -21.57 6.11 32.49
CA LYS C 304 -22.18 5.68 33.79
C LYS C 304 -22.69 6.89 34.59
N LEU C 305 -22.11 8.08 34.39
CA LEU C 305 -22.46 9.34 35.09
C LEU C 305 -23.65 10.06 34.44
N THR C 306 -24.18 9.60 33.30
CA THR C 306 -25.22 10.33 32.53
C THR C 306 -26.55 9.58 32.57
N PRO C 307 -27.70 10.27 32.41
CA PRO C 307 -29.02 9.63 32.49
C PRO C 307 -29.20 8.47 31.47
N LYS C 308 -29.41 7.25 31.96
CA LYS C 308 -29.58 6.00 31.16
C LYS C 308 -28.31 5.72 30.35
N GLU C 309 -27.17 6.23 30.82
CA GLU C 309 -25.84 6.03 30.22
C GLU C 309 -25.84 6.46 28.74
N VAL C 310 -26.61 7.50 28.41
CA VAL C 310 -26.78 8.05 27.03
C VAL C 310 -25.46 8.67 26.55
N GLY C 311 -24.56 9.06 27.48
CA GLY C 311 -23.32 9.79 27.20
C GLY C 311 -23.52 11.30 27.23
N VAL C 312 -22.58 12.08 26.68
CA VAL C 312 -22.58 13.57 26.84
C VAL C 312 -23.01 14.30 25.56
N ASP C 313 -23.53 15.52 25.69
CA ASP C 313 -24.00 16.40 24.59
C ASP C 313 -22.83 16.98 23.80
N ALA C 314 -21.64 17.01 24.42
CA ALA C 314 -20.41 17.59 23.84
C ALA C 314 -19.22 16.81 24.41
N SER C 315 -18.33 16.29 23.53
CA SER C 315 -17.14 15.53 23.96
C SER C 315 -15.90 16.22 23.39
N ILE C 316 -15.00 16.67 24.26
CA ILE C 316 -13.83 17.48 23.86
C ILE C 316 -12.62 16.62 24.15
N GLU C 317 -11.76 16.41 23.16
CA GLU C 317 -10.47 15.75 23.42
C GLU C 317 -9.40 16.85 23.32
N SER C 318 -8.58 16.95 24.36
CA SER C 318 -7.56 18.01 24.53
C SER C 318 -6.36 17.39 25.26
N SER C 319 -6.03 16.16 24.90
CA SER C 319 -5.02 15.32 25.58
C SER C 319 -3.81 15.03 24.69
N GLY C 320 -3.99 14.80 23.38
CA GLY C 320 -2.91 14.29 22.49
C GLY C 320 -2.74 12.77 22.59
N TYR C 321 -3.53 12.10 23.45
CA TYR C 321 -3.52 10.63 23.63
C TYR C 321 -4.46 9.96 22.62
N ASP C 322 -3.98 9.19 21.64
CA ASP C 322 -4.83 8.66 20.54
C ASP C 322 -5.99 7.86 21.13
N VAL C 323 -5.72 7.09 22.18
CA VAL C 323 -6.76 6.30 22.90
C VAL C 323 -7.93 7.21 23.29
N PHE C 324 -7.68 8.41 23.80
CA PHE C 324 -8.73 9.33 24.30
C PHE C 324 -9.53 9.91 23.13
N MET C 325 -8.97 9.98 21.93
CA MET C 325 -9.74 10.47 20.77
C MET C 325 -10.88 9.47 20.49
N ASN C 326 -10.57 8.19 20.56
CA ASN C 326 -11.56 7.10 20.38
C ASN C 326 -12.51 7.08 21.60
N GLU C 327 -11.99 7.14 22.85
CA GLU C 327 -12.89 7.21 24.04
C GLU C 327 -13.80 8.43 23.94
N ALA C 328 -13.27 9.58 23.52
CA ALA C 328 -14.04 10.83 23.37
C ALA C 328 -15.19 10.58 22.38
N MET C 329 -14.88 10.06 21.19
CA MET C 329 -15.90 9.69 20.17
C MET C 329 -17.00 8.82 20.84
N LYS C 330 -16.61 7.82 21.64
CA LYS C 330 -17.53 6.80 22.23
C LYS C 330 -18.35 7.39 23.39
N ALA C 331 -17.89 8.45 24.04
CA ALA C 331 -18.58 9.07 25.20
C ALA C 331 -19.74 9.96 24.73
N ALA C 332 -19.69 10.43 23.49
CA ALA C 332 -20.70 11.33 22.88
C ALA C 332 -22.03 10.61 22.75
N ILE C 333 -23.13 11.30 23.02
CA ILE C 333 -24.49 10.78 22.65
C ILE C 333 -24.48 10.51 21.13
N HIS C 334 -24.78 9.28 20.73
CA HIS C 334 -24.83 8.86 19.31
C HIS C 334 -25.55 9.95 18.51
N GLY C 335 -24.90 10.48 17.47
CA GLY C 335 -25.49 11.31 16.41
C GLY C 335 -25.66 12.76 16.79
N LYS C 336 -26.28 13.01 17.94
CA LYS C 336 -26.67 14.36 18.42
C LYS C 336 -25.42 15.19 18.78
N ALA C 337 -24.50 14.57 19.48
CA ALA C 337 -23.30 15.22 20.07
C ALA C 337 -22.18 15.26 19.01
N LYS C 338 -21.35 16.30 19.09
CA LYS C 338 -20.08 16.40 18.33
C LYS C 338 -18.92 16.11 19.26
N THR C 339 -17.97 15.33 18.77
CA THR C 339 -16.66 15.10 19.43
C THR C 339 -15.67 16.06 18.76
N VAL C 340 -15.07 16.93 19.55
CA VAL C 340 -14.12 17.92 18.98
C VAL C 340 -12.74 17.44 19.38
N ILE C 341 -11.92 17.10 18.39
CA ILE C 341 -10.50 16.71 18.58
C ILE C 341 -9.59 17.93 18.45
N THR C 342 -8.93 18.32 19.53
CA THR C 342 -7.90 19.38 19.52
C THR C 342 -6.53 18.75 19.72
N GLY C 343 -6.45 17.47 20.11
CA GLY C 343 -5.19 16.85 20.55
C GLY C 343 -4.25 16.64 19.38
N GLU C 344 -2.94 16.69 19.64
CA GLU C 344 -1.90 16.41 18.63
C GLU C 344 -0.87 15.52 19.30
N GLY C 345 -0.23 14.69 18.48
CA GLY C 345 0.81 13.76 18.89
C GLY C 345 1.56 13.25 17.67
N ILE C 346 2.60 12.47 17.95
CA ILE C 346 3.43 11.76 16.94
C ILE C 346 2.98 10.31 16.98
N TYR C 347 2.12 9.95 16.02
CA TYR C 347 1.38 8.66 16.05
C TYR C 347 2.05 7.72 15.05
N GLU C 348 2.01 6.40 15.33
CA GLU C 348 2.53 5.36 14.41
C GLU C 348 1.83 5.57 13.06
N ASN C 349 2.60 5.81 11.99
CA ASN C 349 2.14 6.00 10.59
C ASN C 349 1.24 7.24 10.46
N ASP C 350 1.42 8.26 11.30
CA ASP C 350 0.56 9.47 11.37
C ASP C 350 -0.93 9.08 11.29
N ARG C 351 -1.36 8.02 11.96
CA ARG C 351 -2.74 7.51 11.88
C ARG C 351 -3.34 7.54 13.29
N ILE C 352 -4.65 7.77 13.37
CA ILE C 352 -5.47 7.50 14.59
C ILE C 352 -6.57 6.50 14.20
N PHE C 353 -7.18 5.88 15.22
CA PHE C 353 -8.15 4.77 15.04
CA PHE C 353 -8.11 4.73 15.13
C PHE C 353 -9.43 5.10 15.81
N PHE C 354 -10.55 4.64 15.26
CA PHE C 354 -11.89 4.63 15.91
C PHE C 354 -12.44 3.20 15.85
N ASP C 355 -13.07 2.72 16.94
CA ASP C 355 -13.91 1.50 16.94
C ASP C 355 -15.02 1.72 15.91
N PHE C 356 -15.13 0.87 14.90
CA PHE C 356 -16.00 1.09 13.71
C PHE C 356 -17.49 1.04 14.07
N LYS C 357 -17.92 0.04 14.82
CA LYS C 357 -19.37 -0.10 15.14
C LYS C 357 -19.86 1.17 15.85
N ASP C 358 -19.16 1.63 16.89
CA ASP C 358 -19.56 2.83 17.66
C ASP C 358 -19.52 4.03 16.71
N PHE C 359 -18.54 4.06 15.83
CA PHE C 359 -18.40 5.19 14.88
C PHE C 359 -19.60 5.21 13.93
N LEU C 360 -19.90 4.09 13.30
CA LEU C 360 -20.95 4.09 12.25
C LEU C 360 -22.28 4.48 12.87
N PHE C 361 -22.61 3.90 14.03
CA PHE C 361 -23.88 4.12 14.76
C PHE C 361 -23.80 5.42 15.58
N GLY C 362 -23.37 6.51 14.97
CA GLY C 362 -23.63 7.88 15.48
C GLY C 362 -22.37 8.62 15.89
N GLY C 363 -21.19 8.13 15.52
CA GLY C 363 -19.92 8.88 15.62
C GLY C 363 -19.99 10.21 14.89
N ASN C 364 -19.33 11.24 15.40
CA ASN C 364 -19.38 12.62 14.84
C ASN C 364 -18.10 13.32 15.30
N VAL C 365 -17.07 13.34 14.47
CA VAL C 365 -15.71 13.73 14.95
C VAL C 365 -15.19 14.85 14.04
N VAL C 366 -14.77 15.96 14.63
CA VAL C 366 -14.21 17.11 13.85
C VAL C 366 -12.80 17.43 14.33
N GLY C 367 -11.88 17.63 13.41
CA GLY C 367 -10.58 18.28 13.67
C GLY C 367 -10.78 19.76 13.98
N ASN C 368 -10.06 20.24 14.99
CA ASN C 368 -10.21 21.60 15.51
C ASN C 368 -8.83 22.23 15.60
N VAL C 369 -8.70 23.42 15.02
CA VAL C 369 -7.50 24.27 15.13
C VAL C 369 -7.90 25.61 15.75
N THR C 370 -7.27 25.94 16.88
CA THR C 370 -7.43 27.25 17.59
C THR C 370 -8.91 27.47 17.95
N GLY C 371 -9.62 26.38 18.24
CA GLY C 371 -10.96 26.39 18.84
C GLY C 371 -12.01 26.83 17.85
N ARG C 372 -11.66 26.89 16.56
CA ARG C 372 -12.53 27.44 15.48
C ARG C 372 -12.72 28.95 15.65
N VAL C 373 -11.84 29.60 16.41
CA VAL C 373 -11.97 31.04 16.72
C VAL C 373 -11.41 31.84 15.55
N ARG C 374 -12.27 32.37 14.68
CA ARG C 374 -11.87 33.21 13.52
C ARG C 374 -11.32 34.54 14.04
N ILE C 375 -10.18 34.97 13.49
CA ILE C 375 -9.37 36.06 14.09
C ILE C 375 -10.16 37.37 14.03
N HIS C 376 -11.04 37.57 13.03
CA HIS C 376 -11.84 38.81 12.89
C HIS C 376 -13.25 38.62 13.45
N SER C 377 -13.95 37.53 13.13
CA SER C 377 -15.38 37.36 13.52
C SER C 377 -15.51 36.92 14.97
N ASP C 378 -14.62 36.10 15.53
CA ASP C 378 -14.89 35.45 16.85
C ASP C 378 -13.90 36.00 17.90
N PHE C 379 -12.67 36.30 17.50
CA PHE C 379 -11.59 36.61 18.48
C PHE C 379 -11.94 37.85 19.31
N PRO C 380 -12.43 38.97 18.72
CA PRO C 380 -12.79 40.16 19.50
C PRO C 380 -13.74 39.81 20.65
N GLY C 381 -14.76 39.01 20.37
CA GLY C 381 -15.72 38.55 21.40
C GLY C 381 -15.05 37.74 22.48
N LEU C 382 -14.11 36.86 22.09
CA LEU C 382 -13.38 36.01 23.06
C LEU C 382 -12.56 36.91 23.98
N LEU C 383 -11.88 37.88 23.37
CA LEU C 383 -11.03 38.90 24.08
C LEU C 383 -11.87 39.67 25.14
N ARG C 384 -13.07 40.17 24.78
CA ARG C 384 -14.04 40.76 25.76
C ARG C 384 -14.36 39.78 26.88
N LYS C 385 -14.59 38.52 26.53
CA LYS C 385 -14.98 37.47 27.51
C LYS C 385 -13.80 37.30 28.49
N ALA C 386 -12.56 37.37 27.99
CA ALA C 386 -11.33 37.17 28.79
C ALA C 386 -11.24 38.22 29.91
N GLN C 387 -11.78 39.41 29.65
CA GLN C 387 -11.73 40.60 30.55
C GLN C 387 -12.75 40.45 31.69
N GLU C 388 -13.75 39.58 31.57
CA GLU C 388 -14.75 39.36 32.65
C GLU C 388 -14.03 38.73 33.83
N PRO C 389 -14.39 39.12 35.08
CA PRO C 389 -13.63 38.70 36.25
C PRO C 389 -13.55 37.18 36.47
N VAL C 390 -14.62 36.40 36.26
CA VAL C 390 -14.56 34.93 36.52
C VAL C 390 -13.62 34.29 35.48
N ILE C 391 -13.65 34.78 34.23
CA ILE C 391 -12.78 34.24 33.13
C ILE C 391 -11.33 34.55 33.47
N ARG C 392 -11.05 35.83 33.75
CA ARG C 392 -9.71 36.32 34.19
C ARG C 392 -9.22 35.46 35.37
N ALA C 393 -10.04 35.19 36.38
CA ALA C 393 -9.62 34.35 37.52
C ALA C 393 -9.17 32.97 37.00
N GLY C 394 -9.87 32.41 36.01
CA GLY C 394 -9.50 31.10 35.45
C GLY C 394 -8.15 31.16 34.73
N MET C 395 -7.96 32.15 33.88
CA MET C 395 -6.70 32.38 33.13
C MET C 395 -5.58 32.60 34.15
N ASP C 396 -5.85 33.40 35.20
CA ASP C 396 -4.90 33.59 36.32
C ASP C 396 -4.56 32.24 36.96
N LYS C 397 -5.54 31.35 37.13
CA LYS C 397 -5.29 30.03 37.78
C LYS C 397 -4.48 29.16 36.81
N ILE C 398 -4.83 29.14 35.52
CA ILE C 398 -4.07 28.37 34.49
C ILE C 398 -2.60 28.78 34.63
N LEU C 399 -2.36 30.08 34.63
CA LEU C 399 -1.00 30.68 34.56
C LEU C 399 -0.28 30.66 35.92
N GLY C 400 -0.98 30.53 37.06
CA GLY C 400 -0.41 30.92 38.37
C GLY C 400 0.14 32.34 38.34
N TYR C 401 -0.64 33.28 37.78
CA TYR C 401 -0.24 34.69 37.56
C TYR C 401 -0.34 35.50 38.86
N ASP C 402 0.69 36.31 39.10
CA ASP C 402 0.80 37.24 40.25
C ASP C 402 0.77 38.66 39.69
N ALA C 403 -0.38 39.33 39.81
CA ALA C 403 -0.62 40.70 39.29
C ALA C 403 0.44 41.68 39.84
N ALA C 404 0.88 41.49 41.09
CA ALA C 404 1.90 42.33 41.78
C ALA C 404 3.22 42.32 40.98
N THR C 405 3.78 41.14 40.73
CA THR C 405 5.10 40.92 40.09
C THR C 405 4.97 40.72 38.57
N MET C 406 3.76 40.45 38.04
CA MET C 406 3.54 40.02 36.64
C MET C 406 4.35 38.74 36.34
N LYS C 407 4.48 37.86 37.33
CA LYS C 407 5.21 36.55 37.22
C LYS C 407 4.17 35.45 37.15
N CYS C 408 4.46 34.41 36.38
CA CYS C 408 3.68 33.15 36.36
C CYS C 408 4.41 32.11 37.18
N LYS C 409 3.68 31.17 37.77
CA LYS C 409 4.23 30.12 38.66
C LYS C 409 5.43 29.46 37.97
N TYR C 410 5.29 29.15 36.68
CA TYR C 410 6.35 28.53 35.85
C TYR C 410 6.72 29.51 34.74
N GLU C 411 7.92 30.08 34.86
CA GLU C 411 8.38 31.17 33.96
C GLU C 411 9.90 31.07 33.85
N VAL C 412 10.41 31.32 32.64
CA VAL C 412 11.86 31.33 32.29
C VAL C 412 12.01 32.52 31.33
N ASP C 413 13.15 33.23 31.38
CA ASP C 413 13.41 34.43 30.57
C ASP C 413 14.46 34.05 29.52
N ILE C 414 14.24 34.38 28.25
CA ILE C 414 15.17 34.05 27.13
C ILE C 414 16.55 34.70 27.37
N ARG C 415 16.60 35.74 28.20
CA ARG C 415 17.84 36.55 28.45
C ARG C 415 18.69 35.87 29.53
N GLU C 416 18.24 34.77 30.11
CA GLU C 416 18.93 34.14 31.26
C GLU C 416 19.64 32.86 30.83
N GLY C 417 19.87 32.66 29.53
CA GLY C 417 20.72 31.58 28.98
C GLY C 417 20.05 30.21 28.81
N THR C 418 20.69 29.40 27.98
CA THR C 418 20.23 28.05 27.55
C THR C 418 20.07 27.13 28.74
N PRO C 419 21.03 26.99 29.68
CA PRO C 419 20.82 26.09 30.83
C PRO C 419 19.49 26.32 31.55
N ALA C 420 19.10 27.57 31.82
CA ALA C 420 17.83 27.91 32.52
C ALA C 420 16.65 27.38 31.69
N LEU C 421 16.70 27.57 30.38
CA LEU C 421 15.65 27.13 29.43
C LEU C 421 15.51 25.60 29.49
N LEU C 422 16.61 24.86 29.27
CA LEU C 422 16.59 23.37 29.18
C LEU C 422 15.95 22.80 30.46
N LYS C 423 16.26 23.34 31.65
CA LYS C 423 15.63 22.91 32.92
C LYS C 423 14.11 23.22 32.91
N ALA C 424 13.73 24.42 32.45
CA ALA C 424 12.32 24.84 32.38
C ALA C 424 11.54 23.92 31.42
N LEU C 425 12.11 23.53 30.27
CA LEU C 425 11.49 22.57 29.30
C LEU C 425 11.26 21.22 29.96
N GLU C 426 12.15 20.76 30.84
CA GLU C 426 11.97 19.48 31.60
C GLU C 426 10.84 19.66 32.61
N GLU C 427 10.72 20.84 33.23
CA GLU C 427 9.71 21.13 34.27
C GLU C 427 8.33 21.32 33.63
N VAL C 428 8.24 21.29 32.30
CA VAL C 428 6.92 21.22 31.58
C VAL C 428 6.19 19.97 32.08
N GLU C 429 6.93 18.92 32.47
CA GLU C 429 6.36 17.62 32.89
C GLU C 429 6.08 17.61 34.39
N ASN C 430 6.29 18.71 35.11
CA ASN C 430 5.98 18.75 36.57
C ASN C 430 4.48 18.73 36.75
N VAL C 431 4.03 18.02 37.79
CA VAL C 431 2.59 17.73 38.05
C VAL C 431 1.79 19.04 38.06
N ASP C 432 2.37 20.15 38.57
CA ASP C 432 1.63 21.43 38.76
C ASP C 432 2.05 22.46 37.71
N CYS C 433 2.82 22.06 36.71
CA CYS C 433 3.09 22.97 35.56
C CYS C 433 1.93 22.86 34.58
N VAL C 434 1.02 23.85 34.59
CA VAL C 434 -0.13 23.87 33.65
C VAL C 434 0.36 24.58 32.38
N LYS C 435 1.05 25.71 32.51
CA LYS C 435 1.47 26.57 31.37
C LYS C 435 2.80 27.23 31.70
N LEU C 436 3.89 26.80 31.06
CA LEU C 436 5.21 27.49 31.15
C LEU C 436 5.16 28.75 30.28
N VAL C 437 5.59 29.89 30.82
CA VAL C 437 5.71 31.17 30.06
C VAL C 437 7.19 31.44 29.81
N ILE C 438 7.52 31.84 28.59
CA ILE C 438 8.87 32.30 28.19
C ILE C 438 8.82 33.82 28.03
N LYS C 439 9.38 34.54 29.01
CA LYS C 439 9.47 36.01 28.94
C LYS C 439 10.52 36.38 27.89
N LEU C 440 10.22 37.33 27.02
CA LEU C 440 11.11 37.62 25.85
C LEU C 440 11.67 39.04 25.96
N ASN C 441 10.92 39.94 26.61
CA ASN C 441 11.25 41.38 26.70
C ASN C 441 10.61 41.92 27.98
N ASP C 442 11.09 43.07 28.44
CA ASP C 442 10.43 43.80 29.55
C ASP C 442 9.00 44.18 29.13
N TYR C 443 8.05 44.10 30.05
CA TYR C 443 6.60 44.32 29.81
C TYR C 443 6.30 45.82 29.77
N GLY D 36 -53.06 -17.11 15.45
CA GLY D 36 -52.38 -18.44 15.46
C GLY D 36 -51.06 -18.41 14.70
N VAL D 37 -50.31 -19.51 14.74
CA VAL D 37 -48.96 -19.63 14.12
C VAL D 37 -49.10 -19.71 12.60
N ILE D 38 -48.27 -18.96 11.86
CA ILE D 38 -48.11 -19.07 10.38
C ILE D 38 -46.92 -19.97 10.07
N THR D 39 -47.06 -20.79 9.04
CA THR D 39 -45.96 -21.62 8.49
C THR D 39 -45.64 -21.10 7.11
N CYS D 40 -44.38 -20.77 6.85
CA CYS D 40 -44.00 -20.07 5.59
C CYS D 40 -42.52 -20.28 5.27
N LYS D 41 -42.11 -19.87 4.09
CA LYS D 41 -40.70 -19.99 3.65
C LYS D 41 -39.89 -18.84 4.27
N ALA D 42 -38.67 -19.15 4.67
CA ALA D 42 -37.70 -18.14 5.12
C ALA D 42 -36.30 -18.66 4.80
N ILE D 43 -35.34 -17.74 4.71
CA ILE D 43 -33.91 -18.05 4.41
C ILE D 43 -33.18 -18.09 5.75
N MET D 44 -32.84 -19.30 6.18
CA MET D 44 -32.07 -19.55 7.42
C MET D 44 -30.59 -19.46 7.06
N LEU D 45 -29.81 -18.82 7.92
CA LEU D 45 -28.33 -18.88 7.97
C LEU D 45 -27.98 -19.78 9.16
N LYS D 46 -27.35 -20.93 8.94
CA LYS D 46 -27.09 -21.91 10.03
C LYS D 46 -25.97 -21.39 10.95
N GLU D 47 -24.87 -20.92 10.35
CA GLU D 47 -23.68 -20.34 11.03
C GLU D 47 -23.09 -19.26 10.11
N ALA D 48 -22.08 -18.52 10.59
CA ALA D 48 -21.33 -17.54 9.78
C ALA D 48 -20.63 -18.27 8.63
N LYS D 49 -20.68 -17.65 7.44
CA LYS D 49 -19.94 -18.07 6.23
C LYS D 49 -18.55 -17.44 6.29
N LEU D 50 -17.59 -18.16 6.86
CA LEU D 50 -16.20 -17.68 7.10
C LEU D 50 -15.41 -17.84 5.81
N PRO D 51 -14.26 -17.16 5.67
CA PRO D 51 -13.47 -17.29 4.45
C PRO D 51 -13.30 -18.77 4.10
N GLY D 52 -13.52 -19.15 2.84
CA GLY D 52 -13.33 -20.52 2.31
C GLY D 52 -14.63 -21.32 2.27
N MET D 53 -15.60 -20.97 3.11
CA MET D 53 -16.94 -21.61 3.14
C MET D 53 -17.77 -21.09 1.96
N SER D 54 -18.68 -21.92 1.46
CA SER D 54 -19.61 -21.63 0.34
C SER D 54 -20.95 -21.22 0.93
N TYR D 55 -21.79 -20.59 0.11
CA TYR D 55 -23.17 -20.20 0.51
C TYR D 55 -23.92 -21.50 0.81
N ALA D 56 -23.67 -22.53 -0.01
CA ALA D 56 -24.21 -23.90 0.15
C ALA D 56 -23.99 -24.37 1.59
N ASP D 57 -22.85 -24.02 2.20
CA ASP D 57 -22.50 -24.46 3.58
C ASP D 57 -23.48 -23.89 4.62
N THR D 58 -24.03 -22.67 4.46
CA THR D 58 -24.78 -22.00 5.57
C THR D 58 -26.21 -21.57 5.20
N VAL D 59 -26.55 -21.44 3.92
CA VAL D 59 -27.84 -20.77 3.52
C VAL D 59 -28.84 -21.84 3.08
N GLN D 60 -30.04 -21.84 3.66
CA GLN D 60 -31.08 -22.79 3.23
C GLN D 60 -32.46 -22.16 3.34
N ILE D 61 -33.28 -22.32 2.31
CA ILE D 61 -34.72 -21.98 2.40
C ILE D 61 -35.38 -23.13 3.16
N ILE D 62 -36.12 -22.84 4.24
CA ILE D 62 -36.79 -23.84 5.10
C ILE D 62 -38.21 -23.38 5.41
N ASP D 63 -39.05 -24.30 5.89
CA ASP D 63 -40.35 -23.94 6.47
C ASP D 63 -40.09 -23.48 7.90
N ILE D 64 -40.59 -22.30 8.27
CA ILE D 64 -40.52 -21.77 9.67
C ILE D 64 -41.93 -21.51 10.21
N GLN D 65 -42.01 -21.45 11.54
CA GLN D 65 -43.23 -21.07 12.29
C GLN D 65 -43.03 -19.63 12.74
N VAL D 66 -44.03 -18.80 12.46
CA VAL D 66 -44.07 -17.37 12.82
C VAL D 66 -45.23 -17.17 13.78
N ASP D 67 -44.89 -16.90 15.05
CA ASP D 67 -45.87 -16.69 16.17
C ASP D 67 -46.68 -15.44 15.91
N PRO D 68 -47.88 -15.31 16.51
CA PRO D 68 -48.72 -14.14 16.26
C PRO D 68 -48.07 -12.94 16.94
N PRO D 69 -48.43 -11.71 16.52
CA PRO D 69 -47.84 -10.51 17.10
C PRO D 69 -48.41 -10.27 18.51
N GLN D 70 -47.57 -9.82 19.44
CA GLN D 70 -47.97 -9.38 20.81
C GLN D 70 -47.79 -7.87 20.96
N ASN D 71 -48.17 -7.33 22.12
CA ASN D 71 -47.97 -5.91 22.51
C ASN D 71 -48.21 -5.02 21.29
N VAL D 72 -47.19 -4.34 20.75
CA VAL D 72 -47.41 -3.32 19.67
C VAL D 72 -46.77 -3.81 18.36
N GLU D 73 -46.55 -5.12 18.24
CA GLU D 73 -45.88 -5.74 17.06
C GLU D 73 -46.85 -5.82 15.89
N LEU D 74 -46.31 -5.68 14.68
CA LEU D 74 -47.01 -6.00 13.41
C LEU D 74 -46.50 -7.36 12.91
N ARG D 75 -47.40 -8.23 12.45
CA ARG D 75 -46.96 -9.39 11.64
C ARG D 75 -47.27 -9.01 10.20
N VAL D 76 -46.29 -9.18 9.31
CA VAL D 76 -46.28 -8.50 8.00
C VAL D 76 -46.05 -9.53 6.90
N LYS D 77 -46.94 -9.52 5.90
CA LYS D 77 -46.84 -10.37 4.69
C LYS D 77 -45.89 -9.67 3.73
N MET D 78 -44.70 -10.21 3.60
CA MET D 78 -43.61 -9.56 2.84
C MET D 78 -43.82 -9.78 1.36
N LEU D 79 -43.71 -8.71 0.57
CA LEU D 79 -43.79 -8.74 -0.89
C LEU D 79 -42.42 -9.11 -1.44
N CYS D 80 -41.38 -8.34 -1.12
CA CYS D 80 -40.02 -8.71 -1.54
C CYS D 80 -39.04 -8.13 -0.53
N ALA D 81 -37.88 -8.78 -0.46
CA ALA D 81 -36.65 -8.20 0.12
C ALA D 81 -35.74 -7.82 -1.05
N SER D 82 -34.71 -7.03 -0.76
CA SER D 82 -33.64 -6.73 -1.74
C SER D 82 -32.32 -6.77 -0.97
N VAL D 83 -31.24 -7.17 -1.65
CA VAL D 83 -29.96 -7.56 -1.02
C VAL D 83 -29.12 -6.31 -0.94
N CYS D 84 -28.92 -5.88 0.29
CA CYS D 84 -27.91 -4.88 0.72
C CYS D 84 -26.59 -5.60 0.90
N ARG D 85 -25.47 -4.93 0.63
CA ARG D 85 -24.14 -5.54 0.87
C ARG D 85 -24.11 -6.00 2.33
N THR D 86 -24.82 -5.32 3.22
CA THR D 86 -24.80 -5.61 4.67
C THR D 86 -25.48 -6.97 4.93
N ASP D 87 -26.45 -7.36 4.10
CA ASP D 87 -27.04 -8.73 4.13
C ASP D 87 -25.95 -9.78 3.89
N ILE D 88 -25.04 -9.53 2.94
CA ILE D 88 -23.93 -10.47 2.60
C ILE D 88 -22.97 -10.49 3.80
N LEU D 89 -22.63 -9.30 4.32
CA LEU D 89 -21.78 -9.20 5.55
C LEU D 89 -22.41 -10.08 6.65
N THR D 90 -23.74 -10.01 6.84
CA THR D 90 -24.47 -10.82 7.85
C THR D 90 -24.29 -12.33 7.61
N ILE D 91 -24.37 -12.81 6.37
CA ILE D 91 -24.08 -14.24 5.99
C ILE D 91 -22.66 -14.57 6.47
N GLU D 92 -21.75 -13.61 6.36
CA GLU D 92 -20.30 -13.77 6.68
C GLU D 92 -20.02 -13.58 8.18
N GLY D 93 -21.03 -13.24 8.99
CA GLY D 93 -20.97 -13.25 10.47
C GLY D 93 -21.10 -11.85 11.07
N PHE D 94 -21.14 -10.80 10.24
CA PHE D 94 -21.14 -9.37 10.66
C PHE D 94 -22.19 -9.08 11.75
N MET D 95 -21.70 -8.60 12.91
CA MET D 95 -22.50 -8.12 14.07
C MET D 95 -23.32 -9.26 14.71
N ALA D 96 -22.98 -10.52 14.48
CA ALA D 96 -23.77 -11.69 14.93
C ALA D 96 -22.83 -12.72 15.53
N PRO D 97 -22.08 -12.34 16.60
CA PRO D 97 -21.06 -13.22 17.15
C PRO D 97 -21.69 -14.54 17.66
N THR D 98 -22.93 -14.46 18.14
CA THR D 98 -23.67 -15.60 18.75
C THR D 98 -25.08 -15.76 18.17
N GLN D 99 -25.51 -14.88 17.26
CA GLN D 99 -26.96 -14.80 16.92
C GLN D 99 -27.23 -15.68 15.69
N PHE D 100 -26.78 -16.94 15.72
CA PHE D 100 -27.11 -17.99 14.72
C PHE D 100 -27.76 -19.16 15.46
N PRO D 101 -28.69 -19.90 14.83
CA PRO D 101 -29.10 -19.63 13.45
C PRO D 101 -30.13 -18.50 13.38
N LYS D 102 -30.20 -17.80 12.23
CA LYS D 102 -31.10 -16.63 12.08
C LYS D 102 -31.76 -16.64 10.70
N ILE D 103 -32.85 -15.88 10.61
CA ILE D 103 -33.41 -15.40 9.32
C ILE D 103 -32.69 -14.10 8.97
N ASN D 104 -32.09 -14.08 7.78
CA ASN D 104 -31.34 -12.91 7.26
C ASN D 104 -32.30 -11.77 6.87
N GLY D 105 -31.78 -10.55 6.72
CA GLY D 105 -32.43 -9.50 5.91
C GLY D 105 -32.94 -8.33 6.73
N HIS D 106 -32.63 -7.10 6.32
CA HIS D 106 -33.19 -5.87 6.92
C HIS D 106 -33.80 -4.96 5.86
N GLU D 107 -33.58 -5.26 4.56
CA GLU D 107 -34.09 -4.46 3.44
C GLU D 107 -35.28 -5.21 2.81
N GLY D 108 -36.49 -4.66 2.92
CA GLY D 108 -37.73 -5.30 2.41
C GLY D 108 -38.94 -4.46 2.69
N VAL D 109 -40.09 -4.88 2.16
CA VAL D 109 -41.39 -4.17 2.25
C VAL D 109 -42.48 -5.25 2.36
N GLY D 110 -43.52 -5.02 3.15
CA GLY D 110 -44.66 -5.94 3.23
C GLY D 110 -45.95 -5.26 3.62
N ILE D 111 -47.00 -6.07 3.80
CA ILE D 111 -48.39 -5.64 4.11
C ILE D 111 -48.74 -6.17 5.51
N ILE D 112 -49.32 -5.34 6.37
CA ILE D 112 -49.71 -5.82 7.71
C ILE D 112 -50.78 -6.90 7.53
N GLU D 113 -50.51 -8.08 8.07
CA GLU D 113 -51.46 -9.22 8.14
C GLU D 113 -52.21 -9.17 9.49
N SER D 114 -51.56 -8.75 10.58
CA SER D 114 -52.16 -8.69 11.94
C SER D 114 -51.28 -7.86 12.88
N MET D 115 -51.78 -7.56 14.08
CA MET D 115 -51.13 -6.62 15.03
C MET D 115 -51.42 -7.04 16.46
N GLY D 116 -50.49 -6.77 17.37
CA GLY D 116 -50.69 -6.96 18.81
C GLY D 116 -51.87 -6.12 19.31
N PRO D 117 -52.39 -6.42 20.52
CA PRO D 117 -53.58 -5.75 21.01
C PRO D 117 -53.33 -4.30 21.40
N ASP D 118 -52.07 -3.93 21.66
CA ASP D 118 -51.67 -2.58 22.15
C ASP D 118 -51.34 -1.67 20.96
N THR D 119 -51.26 -2.18 19.72
CA THR D 119 -50.79 -1.41 18.53
C THR D 119 -51.69 -0.20 18.32
N LYS D 120 -51.13 0.92 17.84
CA LYS D 120 -51.89 2.16 17.47
C LYS D 120 -51.34 2.72 16.16
N ASN D 121 -52.23 3.33 15.37
CA ASN D 121 -51.95 4.10 14.13
C ASN D 121 -51.42 3.20 13.02
N PHE D 122 -51.79 1.92 13.05
CA PHE D 122 -51.54 0.95 11.94
C PHE D 122 -52.82 0.16 11.72
N LYS D 123 -53.08 -0.20 10.47
CA LYS D 123 -54.28 -0.96 10.06
C LYS D 123 -53.80 -2.17 9.27
N VAL D 124 -54.37 -3.33 9.56
CA VAL D 124 -54.24 -4.49 8.64
C VAL D 124 -54.43 -3.97 7.21
N GLY D 125 -53.54 -4.34 6.29
CA GLY D 125 -53.59 -3.88 4.88
C GLY D 125 -52.60 -2.78 4.57
N ASP D 126 -52.09 -2.06 5.58
CA ASP D 126 -51.09 -0.98 5.34
C ASP D 126 -49.81 -1.62 4.79
N VAL D 127 -49.16 -0.96 3.84
CA VAL D 127 -47.84 -1.36 3.29
C VAL D 127 -46.76 -0.64 4.11
N ILE D 128 -45.79 -1.38 4.66
CA ILE D 128 -44.82 -0.81 5.63
C ILE D 128 -43.39 -1.24 5.26
N VAL D 129 -42.45 -0.36 5.59
CA VAL D 129 -41.02 -0.71 5.77
C VAL D 129 -40.70 -0.47 7.25
N ALA D 130 -39.66 -1.12 7.75
CA ALA D 130 -39.25 -1.03 9.17
C ALA D 130 -37.73 -1.12 9.22
N PRO D 131 -37.05 0.03 9.08
CA PRO D 131 -35.59 0.08 9.19
C PRO D 131 -35.09 -0.07 10.64
N THR D 132 -33.78 0.09 10.82
CA THR D 132 -33.06 -0.27 12.06
C THR D 132 -33.46 0.64 13.24
N LEU D 133 -33.76 1.92 12.97
CA LEU D 133 -33.92 2.97 14.02
C LEU D 133 -35.35 3.51 13.97
N GLY D 134 -36.05 3.51 15.10
CA GLY D 134 -37.32 4.24 15.19
C GLY D 134 -37.10 5.69 15.53
N GLU D 135 -38.18 6.40 15.83
CA GLU D 135 -38.19 7.85 16.11
C GLU D 135 -39.21 8.16 17.21
N CYS D 136 -38.77 8.13 18.46
CA CYS D 136 -39.65 8.21 19.68
C CYS D 136 -40.21 9.63 19.76
N GLN D 137 -39.46 10.61 19.25
CA GLN D 137 -39.87 12.04 19.12
C GLN D 137 -39.82 12.75 20.49
N THR D 138 -39.42 12.07 21.59
CA THR D 138 -39.33 12.71 22.93
C THR D 138 -37.90 12.72 23.49
N CYS D 139 -36.98 11.84 23.03
CA CYS D 139 -35.57 11.80 23.52
C CYS D 139 -34.80 13.04 23.02
N SER D 140 -33.66 13.37 23.62
CA SER D 140 -32.93 14.61 23.25
C SER D 140 -32.36 14.48 21.83
N SER D 141 -32.09 13.25 21.36
CA SER D 141 -31.57 13.02 20.00
C SER D 141 -32.68 13.32 18.98
N CYS D 142 -33.85 12.71 19.17
CA CYS D 142 -35.06 12.99 18.34
C CYS D 142 -35.36 14.50 18.38
N ARG D 143 -35.36 15.09 19.58
CA ARG D 143 -35.78 16.50 19.73
C ARG D 143 -34.74 17.46 19.16
N SER D 144 -33.51 17.02 18.94
CA SER D 144 -32.44 17.88 18.36
C SER D 144 -32.79 18.26 16.92
N GLY D 145 -33.50 17.41 16.20
CA GLY D 145 -33.84 17.68 14.80
C GLY D 145 -32.71 17.40 13.84
N ARG D 146 -31.53 16.94 14.30
CA ARG D 146 -30.38 16.74 13.37
C ARG D 146 -29.84 15.30 13.40
N THR D 147 -30.58 14.34 13.96
CA THR D 147 -30.14 12.94 13.90
C THR D 147 -31.33 11.96 13.99
N ASN D 148 -31.11 10.76 13.45
CA ASN D 148 -32.06 9.62 13.51
C ASN D 148 -31.63 8.60 14.55
N PHE D 149 -30.57 8.87 15.33
CA PHE D 149 -30.09 7.91 16.35
C PHE D 149 -30.93 8.07 17.62
N CYS D 150 -32.15 7.55 17.59
CA CYS D 150 -33.13 7.61 18.70
C CYS D 150 -32.57 6.80 19.89
N GLN D 151 -32.73 7.33 21.11
CA GLN D 151 -32.16 6.75 22.34
C GLN D 151 -33.06 5.60 22.81
N ASN D 152 -34.33 5.59 22.40
CA ASN D 152 -35.34 4.62 22.90
C ASN D 152 -35.60 3.51 21.87
N TYR D 153 -35.59 3.83 20.56
CA TYR D 153 -35.79 2.83 19.47
C TYR D 153 -34.53 2.73 18.62
N GLY D 154 -33.45 2.29 19.27
CA GLY D 154 -32.13 2.09 18.65
C GLY D 154 -32.03 0.70 18.05
N ALA D 155 -30.85 0.37 17.52
CA ALA D 155 -30.60 -0.90 16.81
C ALA D 155 -30.79 -2.05 17.80
N ASN D 156 -31.56 -3.05 17.43
CA ASN D 156 -31.87 -4.24 18.26
C ASN D 156 -30.76 -5.28 18.09
N GLU D 157 -29.62 -5.04 18.70
CA GLU D 157 -28.38 -5.86 18.52
C GLU D 157 -28.55 -7.29 19.05
N SER D 158 -29.50 -7.55 19.95
CA SER D 158 -29.74 -8.89 20.55
C SER D 158 -30.21 -9.86 19.46
N ALA D 159 -30.93 -9.32 18.47
CA ALA D 159 -31.59 -10.08 17.39
C ALA D 159 -32.74 -10.91 18.00
N LEU D 160 -33.23 -10.50 19.19
CA LEU D 160 -34.34 -11.17 19.90
C LEU D 160 -35.34 -10.11 20.35
N GLU D 161 -36.52 -10.55 20.72
CA GLU D 161 -37.52 -9.76 21.46
C GLU D 161 -36.88 -9.32 22.79
N PRO D 162 -37.24 -8.17 23.38
CA PRO D 162 -36.60 -7.74 24.63
C PRO D 162 -36.76 -8.72 25.80
N ASP D 163 -37.66 -9.70 25.71
CA ASP D 163 -37.93 -10.70 26.78
C ASP D 163 -37.16 -12.00 26.52
N GLY D 164 -36.19 -11.99 25.59
CA GLY D 164 -35.27 -13.12 25.32
C GLY D 164 -35.85 -14.16 24.36
N THR D 165 -37.09 -13.99 23.91
CA THR D 165 -37.81 -14.91 22.99
C THR D 165 -37.61 -14.47 21.54
N SER D 166 -38.05 -15.31 20.59
CA SER D 166 -38.17 -14.98 19.14
C SER D 166 -39.55 -15.40 18.64
N ARG D 167 -40.12 -14.64 17.70
CA ARG D 167 -41.40 -14.99 17.03
C ARG D 167 -41.19 -16.10 16.00
N PHE D 168 -39.93 -16.44 15.68
CA PHE D 168 -39.52 -17.43 14.67
C PHE D 168 -39.03 -18.69 15.36
N SER D 169 -39.47 -19.85 14.85
CA SER D 169 -38.94 -21.18 15.21
C SER D 169 -38.99 -22.10 13.98
N TYR D 170 -38.28 -23.22 14.04
CA TYR D 170 -38.38 -24.31 13.03
C TYR D 170 -38.24 -25.64 13.77
N ILE D 171 -38.74 -26.69 13.13
CA ILE D 171 -38.55 -28.10 13.58
C ILE D 171 -37.26 -28.60 12.89
N ASP D 172 -36.24 -28.97 13.67
CA ASP D 172 -34.98 -29.58 13.15
C ASP D 172 -35.28 -31.02 12.72
N SER D 173 -34.28 -31.70 12.15
CA SER D 173 -34.37 -33.09 11.62
C SER D 173 -34.61 -34.10 12.75
N ASP D 174 -34.50 -33.71 14.03
CA ASP D 174 -34.78 -34.58 15.20
C ASP D 174 -36.17 -34.32 15.77
N GLY D 175 -37.02 -33.55 15.08
CA GLY D 175 -38.39 -33.23 15.50
C GLY D 175 -38.44 -32.23 16.65
N LYS D 176 -37.30 -31.63 17.01
CA LYS D 176 -37.20 -30.60 18.08
C LYS D 176 -37.48 -29.22 17.48
N LYS D 177 -38.25 -28.40 18.20
CA LYS D 177 -38.55 -26.98 17.87
C LYS D 177 -37.40 -26.10 18.39
N LYS D 178 -36.76 -25.34 17.48
CA LYS D 178 -35.55 -24.53 17.79
C LYS D 178 -35.85 -23.06 17.52
N LEU D 179 -35.26 -22.18 18.33
CA LEU D 179 -35.32 -20.71 18.15
C LEU D 179 -34.53 -20.29 16.90
N LEU D 180 -35.09 -19.35 16.14
CA LEU D 180 -34.36 -18.58 15.09
C LEU D 180 -34.25 -17.12 15.53
N TYR D 181 -33.05 -16.57 15.43
CA TYR D 181 -32.76 -15.14 15.69
C TYR D 181 -33.24 -14.31 14.51
N TYR D 182 -33.53 -13.05 14.79
CA TYR D 182 -33.73 -12.00 13.76
C TYR D 182 -32.36 -11.60 13.20
N LYS D 183 -32.38 -10.64 12.25
CA LYS D 183 -31.17 -9.87 11.88
C LYS D 183 -30.90 -8.85 13.00
N LEU D 184 -31.80 -7.89 13.19
CA LEU D 184 -31.77 -6.97 14.36
C LEU D 184 -33.13 -7.05 15.06
N GLY D 185 -34.10 -6.18 14.74
CA GLY D 185 -35.44 -6.19 15.37
C GLY D 185 -36.42 -7.03 14.58
N CYS D 186 -35.98 -7.65 13.49
CA CYS D 186 -36.84 -8.28 12.46
C CYS D 186 -35.93 -8.94 11.43
N SER D 187 -36.53 -9.73 10.53
CA SER D 187 -35.83 -10.37 9.38
C SER D 187 -36.74 -10.17 8.18
N THR D 188 -36.18 -9.77 7.03
CA THR D 188 -36.96 -9.53 5.79
C THR D 188 -36.91 -10.75 4.85
N TRP D 189 -35.96 -11.68 4.98
CA TRP D 189 -35.82 -12.84 4.05
C TRP D 189 -36.78 -13.95 4.46
N THR D 190 -38.09 -13.63 4.46
CA THR D 190 -39.17 -14.51 4.96
C THR D 190 -40.51 -14.06 4.37
N GLN D 191 -41.43 -14.99 4.09
CA GLN D 191 -42.79 -14.61 3.61
C GLN D 191 -43.58 -13.82 4.67
N TYR D 192 -43.28 -14.01 5.95
CA TYR D 192 -43.90 -13.28 7.09
C TYR D 192 -42.85 -12.86 8.13
N MET D 193 -42.94 -11.60 8.51
CA MET D 193 -41.98 -10.94 9.44
C MET D 193 -42.77 -10.48 10.66
N VAL D 194 -42.15 -10.47 11.83
CA VAL D 194 -42.70 -9.72 13.00
C VAL D 194 -41.72 -8.60 13.36
N VAL D 195 -42.26 -7.39 13.50
CA VAL D 195 -41.47 -6.19 13.90
C VAL D 195 -42.31 -5.31 14.84
N ASP D 196 -41.63 -4.69 15.79
CA ASP D 196 -42.18 -3.69 16.73
C ASP D 196 -42.69 -2.49 15.91
N SER D 197 -43.96 -2.09 16.07
CA SER D 197 -44.63 -1.00 15.29
C SER D 197 -43.85 0.33 15.40
N ASN D 198 -42.97 0.46 16.40
CA ASN D 198 -42.20 1.71 16.68
C ASN D 198 -41.09 1.89 15.64
N TYR D 199 -40.81 0.88 14.81
CA TYR D 199 -39.79 0.93 13.75
C TYR D 199 -40.44 1.05 12.36
N ALA D 200 -41.77 0.99 12.27
CA ALA D 200 -42.50 0.88 10.99
C ALA D 200 -42.98 2.26 10.55
N THR D 201 -43.08 2.43 9.24
CA THR D 201 -43.62 3.63 8.59
C THR D 201 -44.37 3.19 7.32
N LYS D 202 -45.54 3.77 7.06
CA LYS D 202 -46.46 3.24 6.02
C LYS D 202 -46.25 3.98 4.69
N LEU D 203 -46.35 3.23 3.58
CA LEU D 203 -46.20 3.73 2.18
C LEU D 203 -47.57 3.93 1.50
N ASN D 204 -48.64 3.25 1.94
CA ASN D 204 -49.89 3.11 1.13
C ASN D 204 -50.70 4.42 1.08
N GLU D 205 -50.58 5.32 2.06
CA GLU D 205 -51.40 6.57 2.07
C GLU D 205 -50.81 7.61 1.11
N ILE D 206 -49.48 7.64 1.00
CA ILE D 206 -48.73 8.65 0.22
C ILE D 206 -48.50 8.09 -1.19
N ALA D 207 -48.09 6.81 -1.30
CA ALA D 207 -47.65 6.17 -2.56
C ALA D 207 -48.34 4.82 -2.72
N PRO D 208 -49.69 4.81 -2.80
CA PRO D 208 -50.43 3.58 -3.04
C PRO D 208 -49.89 2.76 -4.23
N GLU D 209 -49.39 3.42 -5.29
CA GLU D 209 -48.99 2.77 -6.57
C GLU D 209 -47.49 2.41 -6.60
N LEU D 210 -46.73 2.63 -5.53
CA LEU D 210 -45.28 2.38 -5.60
C LEU D 210 -45.03 0.88 -5.70
N PRO D 211 -44.31 0.37 -6.74
CA PRO D 211 -44.01 -1.06 -6.83
C PRO D 211 -43.20 -1.61 -5.66
N PRO D 212 -43.32 -2.92 -5.32
CA PRO D 212 -42.57 -3.51 -4.21
C PRO D 212 -41.06 -3.33 -4.22
N PRO D 213 -40.31 -3.59 -5.32
CA PRO D 213 -38.86 -3.45 -5.22
C PRO D 213 -38.46 -2.01 -4.83
N HIS D 214 -39.22 -1.02 -5.29
CA HIS D 214 -38.98 0.41 -4.99
C HIS D 214 -39.18 0.64 -3.49
N GLY D 215 -40.25 0.10 -2.92
CA GLY D 215 -40.51 0.18 -1.47
C GLY D 215 -39.38 -0.44 -0.71
N SER D 216 -38.87 -1.58 -1.21
CA SER D 216 -37.79 -2.38 -0.60
C SER D 216 -36.51 -1.53 -0.52
N ILE D 217 -36.13 -0.86 -1.60
CA ILE D 217 -34.84 -0.12 -1.58
C ILE D 217 -35.05 1.14 -0.75
N LEU D 218 -36.28 1.65 -0.63
CA LEU D 218 -36.55 2.81 0.26
C LEU D 218 -36.29 2.40 1.72
N SER D 219 -36.40 1.11 2.04
CA SER D 219 -36.21 0.62 3.43
C SER D 219 -34.73 0.68 3.84
N CYS D 220 -33.77 0.62 2.90
CA CYS D 220 -32.34 0.79 3.30
C CYS D 220 -31.52 1.53 2.22
N ALA D 221 -31.10 0.84 1.16
CA ALA D 221 -30.10 1.32 0.17
C ALA D 221 -30.43 2.73 -0.31
N PHE D 222 -31.65 2.96 -0.78
CA PHE D 222 -32.01 4.23 -1.43
C PHE D 222 -32.14 5.36 -0.40
N ALA D 223 -32.77 5.12 0.76
CA ALA D 223 -32.83 6.09 1.87
C ALA D 223 -31.41 6.47 2.28
N THR D 224 -30.51 5.49 2.36
CA THR D 224 -29.12 5.67 2.85
C THR D 224 -28.34 6.59 1.89
N GLY D 225 -28.27 6.22 0.61
CA GLY D 225 -27.54 7.08 -0.36
C GLY D 225 -28.18 8.45 -0.51
N TYR D 226 -29.50 8.50 -0.62
CA TYR D 226 -30.20 9.78 -0.84
C TYR D 226 -30.11 10.65 0.40
N GLY D 227 -30.41 10.10 1.57
CA GLY D 227 -30.35 10.84 2.83
C GLY D 227 -28.96 11.32 3.16
N ALA D 228 -27.93 10.57 2.77
CA ALA D 228 -26.52 10.91 3.09
C ALA D 228 -26.23 12.29 2.46
N VAL D 229 -26.74 12.49 1.24
CA VAL D 229 -26.53 13.73 0.45
C VAL D 229 -27.52 14.78 0.94
N TRP D 230 -28.78 14.41 1.02
CA TRP D 230 -29.90 15.35 1.22
C TRP D 230 -29.89 15.89 2.65
N LEU D 231 -29.79 15.01 3.64
CA LEU D 231 -29.97 15.37 5.07
C LEU D 231 -28.61 15.60 5.74
N ASP D 232 -27.68 14.66 5.57
CA ASP D 232 -26.48 14.63 6.43
C ASP D 232 -25.43 15.59 5.88
N ALA D 233 -25.02 15.45 4.61
CA ALA D 233 -24.07 16.40 3.99
C ALA D 233 -24.77 17.73 3.70
N ALA D 234 -26.10 17.75 3.69
CA ALA D 234 -26.93 18.97 3.46
C ALA D 234 -26.49 19.63 2.15
N VAL D 235 -26.40 18.84 1.10
CA VAL D 235 -25.96 19.33 -0.23
C VAL D 235 -26.95 20.37 -0.73
N GLN D 236 -26.43 21.52 -1.19
CA GLN D 236 -27.16 22.72 -1.65
C GLN D 236 -26.89 22.91 -3.15
N GLU D 237 -27.77 23.64 -3.84
CA GLU D 237 -27.58 24.01 -5.26
C GLU D 237 -26.20 24.65 -5.37
N GLY D 238 -25.37 24.14 -6.28
CA GLY D 238 -24.02 24.66 -6.54
C GLY D 238 -22.91 23.97 -5.77
N ASP D 239 -23.22 23.02 -4.87
CA ASP D 239 -22.18 22.26 -4.13
C ASP D 239 -21.49 21.25 -5.05
N SER D 240 -20.22 20.94 -4.81
CA SER D 240 -19.53 19.76 -5.36
C SER D 240 -19.70 18.59 -4.40
N VAL D 241 -19.83 17.40 -4.95
CA VAL D 241 -20.01 16.12 -4.21
C VAL D 241 -19.03 15.09 -4.75
N ALA D 242 -18.39 14.33 -3.86
CA ALA D 242 -17.65 13.11 -4.22
C ALA D 242 -18.34 11.93 -3.57
N ILE D 243 -18.52 10.88 -4.33
CA ILE D 243 -19.17 9.63 -3.85
C ILE D 243 -18.20 8.48 -4.08
N PHE D 244 -17.79 7.83 -2.99
CA PHE D 244 -16.81 6.73 -3.00
C PHE D 244 -17.57 5.41 -2.93
N GLY D 245 -17.72 4.75 -4.09
CA GLY D 245 -18.49 3.50 -4.22
C GLY D 245 -19.86 3.75 -4.78
N VAL D 246 -20.10 3.27 -6.01
CA VAL D 246 -21.39 3.45 -6.71
C VAL D 246 -22.08 2.10 -6.89
N GLY D 247 -22.27 1.38 -5.78
CA GLY D 247 -23.34 0.39 -5.65
C GLY D 247 -24.69 1.07 -5.52
N SER D 248 -25.69 0.35 -5.05
CA SER D 248 -27.06 0.90 -4.98
C SER D 248 -27.08 2.16 -4.10
N VAL D 249 -26.35 2.18 -2.99
CA VAL D 249 -26.28 3.35 -2.08
C VAL D 249 -25.64 4.54 -2.82
N GLY D 250 -24.46 4.32 -3.37
CA GLY D 250 -23.71 5.36 -4.09
C GLY D 250 -24.53 5.96 -5.22
N ILE D 251 -25.26 5.13 -5.99
CA ILE D 251 -26.05 5.66 -7.13
C ILE D 251 -27.25 6.42 -6.58
N SER D 252 -27.83 5.98 -5.46
CA SER D 252 -28.91 6.75 -4.80
C SER D 252 -28.36 8.13 -4.41
N ALA D 253 -27.09 8.24 -4.02
CA ALA D 253 -26.45 9.52 -3.66
C ALA D 253 -26.31 10.42 -4.90
N VAL D 254 -25.89 9.85 -6.02
CA VAL D 254 -25.83 10.55 -7.33
C VAL D 254 -27.21 11.12 -7.62
N ILE D 255 -28.24 10.30 -7.52
CA ILE D 255 -29.62 10.77 -7.82
C ILE D 255 -29.94 11.99 -6.94
N ALA D 256 -29.65 11.93 -5.64
CA ALA D 256 -29.92 13.02 -4.70
C ALA D 256 -29.12 14.24 -5.15
N ALA D 257 -27.85 14.04 -5.49
CA ALA D 257 -26.94 15.16 -5.79
C ALA D 257 -27.47 15.91 -7.04
N LYS D 258 -27.94 15.16 -8.04
CA LYS D 258 -28.51 15.71 -9.30
C LYS D 258 -29.80 16.47 -8.97
N GLU D 259 -30.68 15.88 -8.16
CA GLU D 259 -31.98 16.47 -7.75
C GLU D 259 -31.74 17.81 -7.05
N LEU D 260 -30.68 17.90 -6.26
CA LEU D 260 -30.37 19.09 -5.43
C LEU D 260 -29.51 20.08 -6.20
N LYS D 261 -29.17 19.77 -7.44
CA LYS D 261 -28.54 20.75 -8.37
C LYS D 261 -27.09 20.97 -7.93
N ALA D 262 -26.40 19.88 -7.59
CA ALA D 262 -24.94 19.91 -7.36
C ALA D 262 -24.30 20.43 -8.65
N LYS D 263 -23.23 21.20 -8.49
CA LYS D 263 -22.46 21.75 -9.65
C LYS D 263 -21.62 20.65 -10.25
N GLN D 264 -21.20 19.67 -9.46
CA GLN D 264 -20.16 18.67 -9.80
C GLN D 264 -20.40 17.43 -8.94
N ILE D 265 -20.40 16.26 -9.58
CA ILE D 265 -20.67 14.96 -8.90
C ILE D 265 -19.57 13.99 -9.35
N ILE D 266 -18.61 13.75 -8.48
CA ILE D 266 -17.45 12.89 -8.78
C ILE D 266 -17.74 11.51 -8.18
N VAL D 267 -17.61 10.48 -8.98
CA VAL D 267 -17.87 9.11 -8.51
C VAL D 267 -16.59 8.29 -8.65
N VAL D 268 -16.32 7.49 -7.64
CA VAL D 268 -15.07 6.70 -7.48
C VAL D 268 -15.43 5.25 -7.23
N ASP D 269 -14.84 4.34 -7.99
CA ASP D 269 -15.14 2.89 -7.92
C ASP D 269 -14.13 2.17 -8.82
N ARG D 270 -14.11 0.85 -8.77
CA ARG D 270 -13.28 0.01 -9.67
C ARG D 270 -14.17 -0.72 -10.67
N ASN D 271 -15.49 -0.58 -10.56
CA ASN D 271 -16.47 -1.22 -11.46
C ASN D 271 -16.92 -0.19 -12.52
N GLU D 272 -16.43 -0.35 -13.74
CA GLU D 272 -16.68 0.61 -14.84
C GLU D 272 -18.16 0.62 -15.21
N TYR D 273 -18.85 -0.51 -15.18
CA TYR D 273 -20.30 -0.58 -15.47
C TYR D 273 -21.11 0.32 -14.51
N LYS D 274 -20.80 0.27 -13.22
CA LYS D 274 -21.52 1.08 -12.22
C LYS D 274 -21.10 2.55 -12.32
N LEU D 275 -19.83 2.85 -12.63
CA LEU D 275 -19.44 4.27 -12.88
C LEU D 275 -20.28 4.80 -14.04
N LYS D 276 -20.43 4.00 -15.10
CA LYS D 276 -21.15 4.45 -16.31
C LYS D 276 -22.62 4.69 -15.94
N MET D 277 -23.21 3.81 -15.14
CA MET D 277 -24.62 3.99 -14.69
C MET D 277 -24.73 5.27 -13.86
N ALA D 278 -23.73 5.54 -13.00
CA ALA D 278 -23.68 6.79 -12.22
C ALA D 278 -23.67 8.01 -13.15
N MET D 279 -22.84 7.98 -14.18
CA MET D 279 -22.76 9.11 -15.16
C MET D 279 -24.13 9.33 -15.84
N GLU D 280 -24.84 8.26 -16.21
CA GLU D 280 -26.16 8.34 -16.86
C GLU D 280 -27.19 8.97 -15.92
N LEU D 281 -27.05 8.81 -14.61
CA LEU D 281 -28.05 9.33 -13.67
C LEU D 281 -27.63 10.70 -13.13
N GLY D 282 -26.55 11.30 -13.65
CA GLY D 282 -26.22 12.69 -13.26
C GLY D 282 -24.77 12.97 -12.87
N ALA D 283 -23.93 11.96 -12.65
CA ALA D 283 -22.53 12.20 -12.24
C ALA D 283 -21.83 12.92 -13.41
N THR D 284 -20.86 13.77 -13.08
CA THR D 284 -20.18 14.66 -14.04
C THR D 284 -18.78 14.13 -14.31
N HIS D 285 -18.18 13.38 -13.39
CA HIS D 285 -16.76 12.97 -13.46
C HIS D 285 -16.64 11.64 -12.78
N SNC D 286 -15.91 10.74 -13.41
CA SNC D 286 -15.73 9.43 -12.88
CB SNC D 286 -16.54 8.41 -13.67
SG SNC D 286 -16.13 8.31 -15.44
ND SNC D 286 -14.68 7.50 -15.42
OE SNC D 286 -14.53 6.27 -15.52
C SNC D 286 -14.26 9.11 -12.79
O SNC D 286 -13.45 9.54 -13.62
N ILE D 287 -13.93 8.37 -11.73
CA ILE D 287 -12.58 7.90 -11.49
C ILE D 287 -12.58 6.39 -11.20
N ASN D 288 -11.80 5.65 -11.98
CA ASN D 288 -11.57 4.22 -11.71
C ASN D 288 -10.36 4.12 -10.78
N SER D 289 -10.59 3.83 -9.51
CA SER D 289 -9.54 3.83 -8.45
C SER D 289 -8.47 2.77 -8.74
N GLU D 290 -8.78 1.78 -9.56
CA GLU D 290 -7.82 0.67 -9.82
CA GLU D 290 -7.81 0.67 -9.84
C GLU D 290 -6.91 1.06 -11.00
N LYS D 291 -7.22 2.17 -11.70
CA LYS D 291 -6.46 2.66 -12.89
C LYS D 291 -5.73 3.98 -12.57
N LEU D 292 -5.66 4.36 -11.30
CA LEU D 292 -4.91 5.56 -10.88
C LEU D 292 -3.41 5.31 -11.04
N PRO D 293 -2.65 6.31 -11.49
CA PRO D 293 -1.20 6.19 -11.57
C PRO D 293 -0.56 5.94 -10.20
N GLU D 294 0.58 5.26 -10.19
CA GLU D 294 1.54 5.18 -9.06
C GLU D 294 1.49 6.49 -8.27
N GLY D 295 1.29 6.37 -6.96
CA GLY D 295 1.38 7.49 -6.00
C GLY D 295 0.34 8.57 -6.21
N VAL D 296 -0.77 8.31 -6.93
CA VAL D 296 -1.98 9.19 -6.87
C VAL D 296 -3.05 8.47 -6.06
N THR D 297 -3.39 9.00 -4.88
CA THR D 297 -4.45 8.44 -4.03
C THR D 297 -5.80 8.85 -4.61
N PRO D 298 -6.88 8.14 -4.27
CA PRO D 298 -8.21 8.60 -4.66
C PRO D 298 -8.55 10.04 -4.21
N SER D 299 -8.15 10.45 -3.01
CA SER D 299 -8.45 11.82 -2.52
C SER D 299 -7.69 12.83 -3.39
N GLN D 300 -6.44 12.53 -3.73
CA GLN D 300 -5.62 13.41 -4.62
C GLN D 300 -6.29 13.55 -6.00
N ALA D 301 -6.75 12.45 -6.58
CA ALA D 301 -7.44 12.47 -7.90
C ALA D 301 -8.72 13.29 -7.78
N VAL D 302 -9.48 13.12 -6.70
CA VAL D 302 -10.71 13.91 -6.49
C VAL D 302 -10.34 15.39 -6.38
N ARG D 303 -9.34 15.72 -5.55
CA ARG D 303 -9.00 17.15 -5.30
C ARG D 303 -8.49 17.76 -6.61
N LYS D 304 -7.84 16.98 -7.48
CA LYS D 304 -7.35 17.49 -8.80
C LYS D 304 -8.50 17.92 -9.71
N LEU D 305 -9.73 17.46 -9.49
CA LEU D 305 -10.90 17.84 -10.30
C LEU D 305 -11.52 19.16 -9.83
N THR D 306 -11.13 19.65 -8.66
CA THR D 306 -11.77 20.84 -8.02
C THR D 306 -10.84 22.02 -8.22
N PRO D 307 -11.38 23.25 -8.34
CA PRO D 307 -10.54 24.43 -8.57
C PRO D 307 -9.58 24.64 -7.39
N LYS D 308 -8.31 24.89 -7.71
CA LYS D 308 -7.21 25.11 -6.72
C LYS D 308 -7.03 23.89 -5.81
N GLU D 309 -7.47 22.69 -6.22
CA GLU D 309 -7.36 21.43 -5.45
C GLU D 309 -7.94 21.62 -4.05
N VAL D 310 -9.02 22.38 -3.95
CA VAL D 310 -9.68 22.73 -2.65
C VAL D 310 -10.47 21.53 -2.07
N GLY D 311 -10.90 20.57 -2.90
CA GLY D 311 -11.79 19.46 -2.52
C GLY D 311 -13.26 19.78 -2.71
N VAL D 312 -14.14 18.92 -2.16
CA VAL D 312 -15.60 18.94 -2.44
C VAL D 312 -16.37 19.46 -1.20
N ASP D 313 -17.53 20.06 -1.44
CA ASP D 313 -18.46 20.61 -0.42
C ASP D 313 -19.03 19.49 0.46
N ALA D 314 -19.08 18.27 -0.08
CA ALA D 314 -19.72 17.07 0.49
C ALA D 314 -18.98 15.84 -0.03
N SER D 315 -18.61 14.97 0.88
CA SER D 315 -17.90 13.70 0.61
C SER D 315 -18.66 12.55 1.23
N ILE D 316 -19.09 11.60 0.40
CA ILE D 316 -19.92 10.43 0.74
C ILE D 316 -19.06 9.18 0.55
N GLU D 317 -18.96 8.36 1.60
CA GLU D 317 -18.35 7.02 1.45
C GLU D 317 -19.50 6.00 1.49
N SER D 318 -19.54 5.13 0.48
CA SER D 318 -20.65 4.16 0.29
C SER D 318 -20.11 2.90 -0.38
N SER D 319 -18.94 2.48 0.08
CA SER D 319 -18.12 1.40 -0.52
C SER D 319 -17.95 0.24 0.46
N GLY D 320 -17.80 0.53 1.75
CA GLY D 320 -17.38 -0.47 2.75
C GLY D 320 -15.90 -0.72 2.70
N TYR D 321 -15.13 -0.05 1.82
CA TYR D 321 -13.66 -0.13 1.79
C TYR D 321 -13.09 0.85 2.84
N ASP D 322 -12.47 0.35 3.92
CA ASP D 322 -11.87 1.18 5.01
C ASP D 322 -10.94 2.24 4.41
N VAL D 323 -10.18 1.88 3.38
CA VAL D 323 -9.29 2.83 2.65
C VAL D 323 -10.11 4.04 2.13
N PHE D 324 -11.29 3.84 1.55
CA PHE D 324 -12.12 4.93 0.97
C PHE D 324 -12.70 5.79 2.12
N MET D 325 -12.86 5.26 3.33
CA MET D 325 -13.38 6.09 4.45
C MET D 325 -12.34 7.17 4.74
N ASN D 326 -11.06 6.82 4.76
CA ASN D 326 -9.97 7.79 4.96
C ASN D 326 -9.83 8.74 3.74
N GLU D 327 -9.86 8.20 2.51
CA GLU D 327 -9.80 9.03 1.27
C GLU D 327 -10.97 10.00 1.25
N ALA D 328 -12.18 9.54 1.59
CA ALA D 328 -13.35 10.44 1.57
C ALA D 328 -13.04 11.61 2.50
N MET D 329 -12.50 11.32 3.69
CA MET D 329 -12.28 12.36 4.74
C MET D 329 -11.32 13.40 4.15
N LYS D 330 -10.30 12.94 3.43
CA LYS D 330 -9.25 13.82 2.86
C LYS D 330 -9.77 14.63 1.66
N ALA D 331 -10.74 14.14 0.92
CA ALA D 331 -11.27 14.80 -0.29
C ALA D 331 -12.13 16.03 0.06
N ALA D 332 -12.67 16.07 1.27
CA ALA D 332 -13.59 17.16 1.71
C ALA D 332 -12.84 18.49 1.83
N ILE D 333 -13.50 19.60 1.46
CA ILE D 333 -13.01 20.98 1.75
C ILE D 333 -12.80 21.09 3.26
N HIS D 334 -11.59 21.45 3.68
CA HIS D 334 -11.22 21.46 5.12
C HIS D 334 -12.26 22.27 5.91
N GLY D 335 -12.77 21.72 7.01
CA GLY D 335 -13.66 22.44 7.94
C GLY D 335 -15.08 22.57 7.43
N LYS D 336 -15.24 23.17 6.25
CA LYS D 336 -16.53 23.51 5.64
C LYS D 336 -17.39 22.27 5.40
N ALA D 337 -16.78 21.28 4.74
CA ALA D 337 -17.45 20.10 4.18
C ALA D 337 -17.57 19.02 5.25
N LYS D 338 -18.56 18.16 5.06
CA LYS D 338 -18.76 16.95 5.90
C LYS D 338 -18.51 15.72 5.06
N THR D 339 -17.84 14.75 5.66
CA THR D 339 -17.65 13.40 5.14
C THR D 339 -18.66 12.49 5.82
N VAL D 340 -19.52 11.87 5.05
CA VAL D 340 -20.60 11.01 5.61
C VAL D 340 -20.24 9.56 5.30
N ILE D 341 -20.04 8.73 6.33
CA ILE D 341 -19.57 7.33 6.17
C ILE D 341 -20.80 6.44 6.29
N THR D 342 -21.20 5.75 5.21
CA THR D 342 -22.32 4.77 5.20
C THR D 342 -21.80 3.33 5.11
N GLY D 343 -20.56 3.15 4.67
CA GLY D 343 -19.92 1.85 4.43
C GLY D 343 -19.87 0.97 5.67
N GLU D 344 -19.96 -0.35 5.46
CA GLU D 344 -19.71 -1.37 6.51
C GLU D 344 -18.85 -2.48 5.92
N GLY D 345 -18.17 -3.18 6.81
CA GLY D 345 -17.27 -4.28 6.47
C GLY D 345 -16.77 -4.92 7.75
N ILE D 346 -16.12 -6.07 7.59
CA ILE D 346 -15.47 -6.83 8.69
C ILE D 346 -14.01 -6.41 8.66
N TYR D 347 -13.64 -5.54 9.58
CA TYR D 347 -12.31 -4.91 9.64
C TYR D 347 -11.56 -5.56 10.81
N GLU D 348 -10.25 -5.65 10.71
CA GLU D 348 -9.39 -6.15 11.82
C GLU D 348 -9.66 -5.32 13.09
N ASN D 349 -9.93 -5.98 14.21
CA ASN D 349 -10.18 -5.39 15.55
C ASN D 349 -11.40 -4.47 15.49
N ASP D 350 -12.25 -4.59 14.46
CA ASP D 350 -13.41 -3.70 14.25
C ASP D 350 -12.98 -2.24 14.38
N ARG D 351 -11.92 -1.81 13.70
CA ARG D 351 -11.53 -0.39 13.75
C ARG D 351 -11.12 0.08 12.38
N ILE D 352 -11.38 1.37 12.19
CA ILE D 352 -10.99 2.11 10.96
C ILE D 352 -9.98 3.20 11.36
N PHE D 353 -9.32 3.78 10.36
CA PHE D 353 -8.11 4.62 10.51
C PHE D 353 -8.30 5.90 9.69
N PHE D 354 -7.76 7.01 10.20
CA PHE D 354 -7.66 8.28 9.48
C PHE D 354 -6.22 8.80 9.57
N ASP D 355 -5.77 9.42 8.49
CA ASP D 355 -4.49 10.17 8.47
C ASP D 355 -4.70 11.35 9.41
N PHE D 356 -3.85 11.46 10.43
CA PHE D 356 -4.11 12.37 11.57
C PHE D 356 -3.97 13.84 11.15
N LYS D 357 -2.91 14.21 10.43
CA LYS D 357 -2.68 15.64 10.08
C LYS D 357 -3.85 16.16 9.24
N ASP D 358 -4.22 15.45 8.17
CA ASP D 358 -5.36 15.82 7.29
C ASP D 358 -6.64 15.90 8.13
N PHE D 359 -6.80 15.02 9.11
CA PHE D 359 -8.00 15.01 9.99
C PHE D 359 -8.01 16.21 10.93
N LEU D 360 -6.91 16.47 11.61
CA LEU D 360 -6.83 17.57 12.60
C LEU D 360 -7.09 18.88 11.85
N PHE D 361 -6.50 19.08 10.66
CA PHE D 361 -6.61 20.33 9.87
C PHE D 361 -7.88 20.31 8.99
N GLY D 362 -9.03 20.07 9.61
CA GLY D 362 -10.35 20.28 8.97
C GLY D 362 -11.14 19.03 8.66
N GLY D 363 -10.75 17.87 9.14
CA GLY D 363 -11.56 16.64 9.02
C GLY D 363 -12.92 16.78 9.72
N ASN D 364 -13.93 16.17 9.15
CA ASN D 364 -15.29 16.29 9.69
C ASN D 364 -16.02 15.05 9.23
N VAL D 365 -16.05 14.04 10.08
CA VAL D 365 -16.51 12.70 9.68
C VAL D 365 -17.69 12.28 10.55
N VAL D 366 -18.78 11.85 9.92
CA VAL D 366 -19.94 11.30 10.68
C VAL D 366 -20.30 9.90 10.19
N GLY D 367 -20.69 9.06 11.17
CA GLY D 367 -21.34 7.78 10.93
C GLY D 367 -22.78 7.98 10.56
N ASN D 368 -23.24 7.25 9.55
CA ASN D 368 -24.61 7.42 9.00
C ASN D 368 -25.27 6.04 8.89
N VAL D 369 -26.50 5.95 9.40
CA VAL D 369 -27.39 4.77 9.25
C VAL D 369 -28.69 5.19 8.56
N THR D 370 -29.02 4.55 7.43
CA THR D 370 -30.29 4.79 6.68
C THR D 370 -30.39 6.27 6.25
N GLY D 371 -29.26 6.92 5.94
CA GLY D 371 -29.20 8.26 5.34
C GLY D 371 -29.66 9.34 6.28
N ARG D 372 -29.73 9.02 7.58
CA ARG D 372 -30.26 9.91 8.63
C ARG D 372 -31.75 10.19 8.39
N VAL D 373 -32.43 9.32 7.63
CA VAL D 373 -33.85 9.50 7.24
C VAL D 373 -34.76 8.98 8.36
N ARG D 374 -35.33 9.90 9.14
CA ARG D 374 -36.18 9.57 10.32
C ARG D 374 -37.51 9.03 9.80
N ILE D 375 -37.98 7.90 10.34
CA ILE D 375 -39.14 7.15 9.77
C ILE D 375 -40.45 7.97 9.87
N HIS D 376 -40.59 8.91 10.82
CA HIS D 376 -41.79 9.79 10.88
C HIS D 376 -41.48 11.15 10.27
N SER D 377 -40.36 11.80 10.65
CA SER D 377 -40.09 13.21 10.25
C SER D 377 -39.60 13.36 8.80
N ASP D 378 -38.84 12.42 8.24
CA ASP D 378 -38.16 12.56 6.92
C ASP D 378 -38.68 11.57 5.89
N PHE D 379 -39.03 10.34 6.29
CA PHE D 379 -39.39 9.26 5.35
C PHE D 379 -40.55 9.73 4.47
N PRO D 380 -41.66 10.27 5.01
CA PRO D 380 -42.75 10.72 4.15
C PRO D 380 -42.30 11.66 3.02
N GLY D 381 -41.37 12.58 3.29
CA GLY D 381 -40.85 13.47 2.24
C GLY D 381 -40.02 12.70 1.23
N LEU D 382 -39.22 11.74 1.67
CA LEU D 382 -38.40 10.89 0.77
C LEU D 382 -39.33 10.08 -0.15
N LEU D 383 -40.46 9.65 0.39
CA LEU D 383 -41.48 8.84 -0.35
C LEU D 383 -42.07 9.70 -1.46
N ARG D 384 -42.52 10.90 -1.11
CA ARG D 384 -43.06 11.89 -2.09
C ARG D 384 -42.05 12.10 -3.22
N LYS D 385 -40.76 12.19 -2.87
CA LYS D 385 -39.67 12.45 -3.83
C LYS D 385 -39.50 11.23 -4.77
N ALA D 386 -39.61 10.02 -4.26
CA ALA D 386 -39.51 8.75 -5.03
C ALA D 386 -40.59 8.70 -6.12
N GLN D 387 -41.70 9.42 -5.93
CA GLN D 387 -42.85 9.43 -6.88
C GLN D 387 -42.57 10.43 -8.01
N GLU D 388 -41.64 11.36 -7.83
CA GLU D 388 -41.28 12.36 -8.87
C GLU D 388 -40.64 11.61 -10.03
N PRO D 389 -41.01 11.97 -11.29
CA PRO D 389 -40.56 11.23 -12.47
C PRO D 389 -39.06 10.91 -12.60
N VAL D 390 -38.17 11.87 -12.39
CA VAL D 390 -36.71 11.64 -12.64
C VAL D 390 -36.16 10.66 -11.58
N ILE D 391 -36.64 10.83 -10.36
CA ILE D 391 -36.25 10.01 -9.16
C ILE D 391 -36.75 8.58 -9.39
N ARG D 392 -38.02 8.40 -9.77
CA ARG D 392 -38.57 7.07 -10.14
C ARG D 392 -37.70 6.44 -11.23
N ALA D 393 -37.33 7.20 -12.25
CA ALA D 393 -36.53 6.67 -13.38
C ALA D 393 -35.15 6.20 -12.87
N GLY D 394 -34.60 6.89 -11.88
CA GLY D 394 -33.29 6.50 -11.31
C GLY D 394 -33.39 5.18 -10.55
N MET D 395 -34.44 5.04 -9.73
CA MET D 395 -34.78 3.80 -8.99
C MET D 395 -35.04 2.67 -10.00
N ASP D 396 -35.78 2.95 -11.07
CA ASP D 396 -36.01 1.97 -12.17
C ASP D 396 -34.66 1.53 -12.74
N LYS D 397 -33.70 2.44 -12.91
CA LYS D 397 -32.38 2.10 -13.49
C LYS D 397 -31.55 1.28 -12.48
N ILE D 398 -31.54 1.67 -11.20
CA ILE D 398 -30.90 0.84 -10.11
C ILE D 398 -31.46 -0.60 -10.16
N LEU D 399 -32.77 -0.73 -10.18
CA LEU D 399 -33.49 -2.03 -10.06
C LEU D 399 -33.43 -2.78 -11.41
N GLY D 400 -33.22 -2.10 -12.55
CA GLY D 400 -33.53 -2.65 -13.89
C GLY D 400 -34.98 -3.13 -13.92
N TYR D 401 -35.90 -2.30 -13.44
CA TYR D 401 -37.32 -2.63 -13.23
C TYR D 401 -38.10 -2.53 -14.55
N ASP D 402 -38.87 -3.56 -14.87
CA ASP D 402 -39.84 -3.62 -16.00
C ASP D 402 -41.25 -3.60 -15.41
N ALA D 403 -41.97 -2.49 -15.60
CA ALA D 403 -43.29 -2.22 -15.00
C ALA D 403 -44.32 -3.23 -15.55
N ALA D 404 -44.15 -3.64 -16.79
CA ALA D 404 -45.03 -4.59 -17.52
C ALA D 404 -45.08 -5.93 -16.78
N THR D 405 -43.93 -6.45 -16.35
CA THR D 405 -43.77 -7.78 -15.73
C THR D 405 -43.51 -7.68 -14.21
N MET D 406 -43.30 -6.46 -13.71
CA MET D 406 -42.90 -6.17 -12.32
C MET D 406 -41.69 -7.04 -11.93
N LYS D 407 -40.78 -7.27 -12.87
CA LYS D 407 -39.53 -8.03 -12.68
C LYS D 407 -38.34 -7.06 -12.63
N CYS D 408 -37.31 -7.37 -11.85
CA CYS D 408 -36.05 -6.58 -11.80
C CYS D 408 -35.00 -7.38 -12.55
N LYS D 409 -33.96 -6.71 -13.01
CA LYS D 409 -32.91 -7.35 -13.83
C LYS D 409 -32.39 -8.58 -13.09
N TYR D 410 -32.01 -8.43 -11.82
CA TYR D 410 -31.53 -9.52 -10.94
C TYR D 410 -32.62 -9.79 -9.88
N GLU D 411 -33.36 -10.88 -10.07
CA GLU D 411 -34.52 -11.25 -9.21
C GLU D 411 -34.51 -12.76 -8.98
N VAL D 412 -34.63 -13.18 -7.72
CA VAL D 412 -34.81 -14.61 -7.34
C VAL D 412 -36.07 -14.68 -6.49
N ASP D 413 -36.74 -15.83 -6.54
CA ASP D 413 -38.04 -16.05 -5.85
C ASP D 413 -37.79 -17.09 -4.76
N ILE D 414 -38.21 -16.80 -3.52
CA ILE D 414 -38.01 -17.71 -2.35
C ILE D 414 -38.79 -19.02 -2.54
N ARG D 415 -39.83 -19.03 -3.38
CA ARG D 415 -40.69 -20.22 -3.56
C ARG D 415 -40.02 -21.21 -4.55
N GLU D 416 -38.88 -20.86 -5.13
CA GLU D 416 -38.30 -21.57 -6.30
C GLU D 416 -37.08 -22.37 -5.87
N GLY D 417 -36.85 -22.57 -4.57
CA GLY D 417 -35.86 -23.55 -4.08
C GLY D 417 -34.52 -22.92 -3.74
N THR D 418 -33.72 -23.61 -2.92
CA THR D 418 -32.41 -23.16 -2.40
C THR D 418 -31.40 -23.02 -3.55
N PRO D 419 -31.31 -23.97 -4.52
CA PRO D 419 -30.31 -23.87 -5.60
C PRO D 419 -30.33 -22.55 -6.39
N ALA D 420 -31.50 -22.05 -6.79
CA ALA D 420 -31.67 -20.76 -7.51
C ALA D 420 -31.21 -19.61 -6.61
N LEU D 421 -31.50 -19.70 -5.30
CA LEU D 421 -31.08 -18.68 -4.29
C LEU D 421 -29.56 -18.67 -4.23
N LEU D 422 -28.92 -19.83 -4.08
CA LEU D 422 -27.43 -19.91 -3.93
C LEU D 422 -26.75 -19.28 -5.16
N LYS D 423 -27.24 -19.61 -6.36
CA LYS D 423 -26.75 -19.02 -7.64
C LYS D 423 -26.96 -17.49 -7.62
N ALA D 424 -28.10 -17.03 -7.10
CA ALA D 424 -28.41 -15.60 -7.12
C ALA D 424 -27.47 -14.87 -6.15
N LEU D 425 -27.10 -15.49 -5.02
CA LEU D 425 -26.13 -14.86 -4.08
C LEU D 425 -24.74 -14.75 -4.74
N GLU D 426 -24.28 -15.71 -5.54
CA GLU D 426 -22.98 -15.55 -6.25
C GLU D 426 -23.07 -14.37 -7.20
N GLU D 427 -24.20 -14.27 -7.92
CA GLU D 427 -24.41 -13.31 -9.04
C GLU D 427 -24.56 -11.91 -8.45
N VAL D 428 -24.65 -11.77 -7.11
CA VAL D 428 -24.54 -10.45 -6.40
C VAL D 428 -23.21 -9.80 -6.81
N GLU D 429 -22.18 -10.62 -7.11
CA GLU D 429 -20.82 -10.15 -7.48
C GLU D 429 -20.71 -9.89 -9.00
N ASN D 430 -21.74 -10.18 -9.79
CA ASN D 430 -21.71 -9.85 -11.24
C ASN D 430 -21.51 -8.34 -11.40
N VAL D 431 -20.78 -7.94 -12.45
CA VAL D 431 -20.41 -6.51 -12.70
C VAL D 431 -21.67 -5.66 -12.87
N ASP D 432 -22.77 -6.21 -13.42
CA ASP D 432 -23.99 -5.42 -13.74
C ASP D 432 -25.12 -5.71 -12.77
N CYS D 433 -24.84 -6.44 -11.69
CA CYS D 433 -25.78 -6.60 -10.55
C CYS D 433 -25.62 -5.43 -9.57
N VAL D 434 -26.51 -4.46 -9.70
CA VAL D 434 -26.60 -3.30 -8.77
C VAL D 434 -27.40 -3.75 -7.54
N LYS D 435 -28.58 -4.33 -7.74
CA LYS D 435 -29.51 -4.65 -6.64
C LYS D 435 -30.27 -5.95 -6.95
N LEU D 436 -29.88 -7.06 -6.32
CA LEU D 436 -30.62 -8.35 -6.43
C LEU D 436 -31.89 -8.23 -5.58
N VAL D 437 -33.06 -8.53 -6.16
CA VAL D 437 -34.38 -8.52 -5.46
C VAL D 437 -34.76 -9.97 -5.12
N ILE D 438 -35.27 -10.21 -3.91
CA ILE D 438 -35.79 -11.55 -3.51
C ILE D 438 -37.31 -11.42 -3.42
N LYS D 439 -38.02 -11.94 -4.42
CA LYS D 439 -39.51 -11.93 -4.38
C LYS D 439 -39.94 -12.94 -3.32
N LEU D 440 -40.93 -12.59 -2.50
CA LEU D 440 -41.35 -13.41 -1.33
C LEU D 440 -42.79 -13.89 -1.43
N ASN D 441 -43.64 -13.12 -2.11
CA ASN D 441 -45.07 -13.44 -2.28
C ASN D 441 -45.52 -12.84 -3.61
N ASP D 442 -46.70 -13.24 -4.08
CA ASP D 442 -47.41 -12.51 -5.17
C ASP D 442 -47.62 -11.06 -4.74
N TYR D 443 -47.43 -10.14 -5.68
CA TYR D 443 -47.55 -8.67 -5.49
C TYR D 443 -49.02 -8.25 -5.38
PA NAD E . 33.05 -7.22 1.69
O1A NAD E . 34.01 -8.13 0.98
O2A NAD E . 33.54 -6.16 2.65
O5B NAD E . 31.96 -8.05 2.47
C5B NAD E . 31.46 -9.27 1.90
C4B NAD E . 30.94 -10.13 3.01
O4B NAD E . 30.45 -11.35 2.42
C3B NAD E . 31.99 -10.50 4.08
O3B NAD E . 31.49 -10.26 5.39
C2B NAD E . 32.30 -11.96 3.78
O2B NAD E . 32.70 -12.71 4.91
C1B NAD E . 31.00 -12.44 3.14
N9A NAD E . 31.28 -13.55 2.27
C8A NAD E . 32.06 -13.52 1.13
N7A NAD E . 32.31 -14.71 0.65
C5A NAD E . 31.69 -15.58 1.54
C6A NAD E . 31.61 -16.99 1.58
N6A NAD E . 32.31 -17.77 0.76
N1A NAD E . 30.94 -17.54 2.61
C2A NAD E . 30.35 -16.73 3.50
N3A NAD E . 30.36 -15.40 3.57
C4A NAD E . 31.05 -14.88 2.54
O3 NAD E . 32.17 -6.53 0.49
PN NAD E . 31.37 -5.16 0.41
O1N NAD E . 30.46 -5.15 1.62
O2N NAD E . 32.29 -3.99 0.15
O5D NAD E . 30.49 -5.38 -0.90
C5D NAD E . 29.64 -6.54 -0.96
C4D NAD E . 29.66 -7.14 -2.35
O4D NAD E . 28.96 -6.24 -3.25
C3D NAD E . 31.04 -7.36 -2.95
O3D NAD E . 31.03 -8.47 -3.86
C2D NAD E . 31.29 -6.06 -3.71
O2D NAD E . 32.24 -6.30 -4.74
C1D NAD E . 29.88 -5.76 -4.20
N1N NAD E . 29.52 -4.30 -4.32
C2N NAD E . 28.71 -3.94 -5.37
C3N NAD E . 28.03 -2.73 -5.34
C7N NAD E . 26.97 -2.47 -6.42
O7N NAD E . 26.73 -1.31 -6.71
N7N NAD E . 26.36 -3.53 -6.98
C4N NAD E . 28.35 -1.81 -4.34
C5N NAD E . 29.16 -2.20 -3.29
C6N NAD E . 29.84 -3.40 -3.37
ZN ZN F . 17.88 8.70 -18.07
ZN ZN G . 31.47 -0.01 -4.70
MG MG H . 34.42 14.41 -19.43
N1 5Z9 I . 30.78 -1.12 -6.53
C1 5Z9 I . 31.85 0.75 -9.65
C2 5Z9 I . 30.44 0.21 -9.73
C3 5Z9 I . 30.29 -1.19 -9.12
C4 5Z9 I . 28.86 -1.66 -9.32
C5 5Z9 I . 30.60 -1.15 -7.66
O1 5Z9 I . 31.25 -1.97 -9.86
C1 EDO J . 40.82 -11.63 -15.83
O1 EDO J . 42.08 -12.18 -16.20
C2 EDO J . 40.80 -11.15 -14.42
O2 EDO J . 39.92 -10.06 -14.21
C1 EDO K . 25.33 20.20 -16.07
O1 EDO K . 26.47 20.61 -15.33
C2 EDO K . 24.53 19.12 -15.42
O2 EDO K . 24.22 19.33 -14.04
C1 EDO L . 32.39 19.03 4.75
O1 EDO L . 32.81 17.71 4.49
C2 EDO L . 32.37 19.32 6.20
O2 EDO L . 33.50 18.80 6.87
C1 EDO M . 27.56 7.45 -21.41
O1 EDO M . 28.90 7.33 -20.93
C2 EDO M . 26.82 6.16 -21.31
O2 EDO M . 25.38 6.23 -21.19
C1 EDO N . 10.99 7.18 -4.06
O1 EDO N . 10.35 6.01 -3.63
C2 EDO N . 12.18 7.43 -3.24
O2 EDO N . 12.80 8.64 -3.55
C1 GOL O . 14.88 -5.73 14.07
O1 GOL O . 15.42 -5.89 15.38
C2 GOL O . 13.38 -5.47 14.05
O2 GOL O . 13.06 -4.73 12.86
C3 GOL O . 12.56 -6.75 14.15
O3 GOL O . 11.51 -6.66 15.11
C1 BTB P . 34.12 10.66 -31.28
O1 BTB P . 34.06 11.13 -29.94
C2 BTB P . 35.45 9.94 -31.63
C3 BTB P . 35.54 9.81 -33.16
O3 BTB P . 36.25 8.64 -33.53
C4 BTB P . 36.65 10.77 -31.16
O4 BTB P . 37.90 10.25 -31.60
N BTB P . 35.46 8.53 -30.99
C5 BTB P . 34.33 7.61 -31.38
C6 BTB P . 34.61 6.12 -31.18
O6 BTB P . 35.79 5.73 -31.88
C7 BTB P . 35.68 8.52 -29.50
C8 BTB P . 37.13 8.29 -29.12
O8 BTB P . 37.63 7.17 -29.83
C1 BTB Q . 28.01 -23.38 0.16
O1 BTB Q . 26.60 -23.59 0.15
C2 BTB Q . 28.60 -23.82 1.53
C3 BTB Q . 30.13 -23.90 1.44
O3 BTB Q . 30.73 -24.17 2.71
C4 BTB Q . 28.12 -22.78 2.58
O4 BTB Q . 28.21 -21.42 2.14
N BTB Q . 27.99 -25.24 1.84
C5 BTB Q . 28.24 -26.33 0.81
C6 BTB Q . 27.13 -27.37 0.71
O6 BTB Q . 25.83 -26.77 0.75
C7 BTB Q . 28.13 -25.72 3.26
C8 BTB Q . 26.82 -26.25 3.80
O8 BTB Q . 25.79 -25.32 3.58
C1 BTB R . 48.05 5.23 -24.99
O1 BTB R . 48.81 6.06 -24.10
C2 BTB R . 46.94 4.36 -24.34
C3 BTB R . 47.24 4.07 -22.85
O3 BTB R . 48.44 3.37 -22.57
C4 BTB R . 45.63 5.17 -24.36
O4 BTB R . 44.50 4.38 -24.04
N BTB R . 46.74 3.06 -25.18
C5 BTB R . 45.98 3.20 -26.47
C6 BTB R . 45.17 1.99 -26.89
O6 BTB R . 43.92 1.94 -26.22
C7 BTB R . 47.98 2.22 -25.35
C8 BTB R . 47.75 0.77 -24.97
O8 BTB R . 47.44 0.00 -26.13
PA NAD S . 8.48 -26.27 -28.46
O1A NAD S . 9.62 -27.22 -28.34
O2A NAD S . 7.24 -26.65 -29.22
O5B NAD S . 8.96 -24.84 -29.00
C5B NAD S . 10.21 -24.23 -28.60
C4B NAD S . 10.71 -23.42 -29.76
O4B NAD S . 12.03 -22.94 -29.45
C3B NAD S . 10.79 -24.18 -31.10
O3B NAD S . 10.17 -23.42 -32.14
C2B NAD S . 12.30 -24.41 -31.28
O2B NAD S . 12.72 -24.41 -32.62
C1B NAD S . 12.90 -23.22 -30.51
N9A NAD S . 14.25 -23.56 -30.05
C8A NAD S . 14.62 -24.57 -29.20
N7A NAD S . 15.91 -24.77 -29.14
C5A NAD S . 16.43 -23.87 -30.07
C6A NAD S . 17.75 -23.61 -30.49
N6A NAD S . 18.78 -24.31 -30.07
N1A NAD S . 17.92 -22.65 -31.46
C2A NAD S . 16.83 -22.00 -31.91
N3A NAD S . 15.55 -22.16 -31.56
C4A NAD S . 15.41 -23.12 -30.63
O3 NAD S . 8.02 -25.86 -27.01
PN NAD S . 6.67 -25.24 -26.34
O1N NAD S . 6.29 -24.08 -27.18
O2N NAD S . 5.66 -26.34 -26.11
O5D NAD S . 7.27 -24.74 -24.95
C5D NAD S . 8.29 -23.70 -24.91
C4D NAD S . 9.23 -23.97 -23.76
O4D NAD S . 8.53 -23.67 -22.54
C3D NAD S . 9.73 -25.42 -23.62
O3D NAD S . 11.00 -25.51 -23.03
C2D NAD S . 8.71 -26.01 -22.63
O2D NAD S . 9.24 -27.10 -21.91
C1D NAD S . 8.48 -24.80 -21.74
N1N NAD S . 7.14 -24.75 -21.10
C2N NAD S . 7.01 -24.25 -19.86
C3N NAD S . 5.78 -23.72 -19.43
C7N NAD S . 5.71 -23.00 -18.12
O7N NAD S . 4.66 -22.94 -17.45
N7N NAD S . 6.81 -22.36 -17.76
C4N NAD S . 4.66 -24.00 -20.21
C5N NAD S . 4.84 -24.45 -21.47
C6N NAD S . 6.03 -25.00 -21.83
ZN ZN T . -2.58 -18.66 -2.07
ZN ZN U . 3.18 -27.27 -20.27
MG MG V . -6.17 -35.67 -3.70
N1 5Z9 W . 4.69 -26.93 -18.69
C1 5Z9 W . 3.73 -28.81 -15.52
C2 5Z9 W . 4.30 -27.44 -15.22
C3 5Z9 W . 5.48 -27.04 -16.13
C4 5Z9 W . 5.91 -25.64 -15.70
C5 5Z9 W . 5.07 -27.02 -17.58
O1 5Z9 W . 6.62 -27.89 -15.87
C1 EDO X . 8.98 -46.64 -33.89
O1 EDO X . 9.19 -47.61 -32.83
C2 EDO X . 10.20 -45.95 -34.39
O2 EDO X . 10.35 -44.56 -33.99
C1 EDO Y . 24.68 -4.79 -30.15
O1 EDO Y . 23.58 -4.73 -31.06
C2 EDO Y . 24.37 -4.51 -28.71
O2 EDO Y . 24.57 -5.64 -27.82
C1 GOL Z . 12.00 -45.34 -11.31
O1 GOL Z . 11.67 -43.96 -11.25
C2 GOL Z . 13.18 -45.59 -12.22
O2 GOL Z . 12.71 -46.19 -13.42
C3 GOL Z . 14.22 -46.45 -11.57
O3 GOL Z . 13.60 -47.39 -10.71
C1 GOL AA . -17.86 -31.16 -25.01
O1 GOL AA . -17.05 -31.32 -26.18
C2 GOL AA . -18.33 -29.74 -24.83
O2 GOL AA . -18.17 -29.01 -26.04
C3 GOL AA . -19.77 -29.63 -24.39
O3 GOL AA . -19.93 -29.96 -23.02
C1 GOL BA . -21.09 -37.01 -24.75
O1 GOL BA . -20.46 -37.94 -25.61
C2 GOL BA . -20.10 -36.28 -23.87
O2 GOL BA . -19.82 -37.07 -22.71
C3 GOL BA . -18.81 -35.90 -24.56
O3 GOL BA . -17.77 -36.87 -24.38
PA NAD CA . -0.80 19.32 27.89
O1A NAD CA . 0.23 18.28 27.54
O2A NAD CA . -0.38 20.51 28.70
O5B NAD CA . -2.07 18.65 28.56
C5B NAD CA . -2.63 17.38 28.12
C4B NAD CA . -3.34 16.73 29.26
O4B NAD CA . -3.79 15.42 28.86
C3B NAD CA . -2.47 16.55 30.53
O3B NAD CA . -3.17 16.97 31.69
C2B NAD CA . -2.19 15.05 30.53
O2B NAD CA . -2.08 14.50 31.83
C1B NAD CA . -3.42 14.48 29.83
N9A NAD CA . -3.08 13.21 29.23
C8A NAD CA . -2.13 12.98 28.26
N7A NAD CA . -1.92 11.71 28.03
C5A NAD CA . -2.75 11.06 28.94
C6A NAD CA . -2.96 9.71 29.22
N6A NAD CA . -2.27 8.71 28.65
N1A NAD CA . -3.83 9.40 30.21
C2A NAD CA . -4.45 10.40 30.83
N3A NAD CA . -4.32 11.71 30.66
C4A NAD CA . -3.45 11.97 29.69
O3 NAD CA . -1.36 19.89 26.49
PN NAD CA . -2.02 21.25 26.01
O1N NAD CA . -3.12 21.59 27.01
O2N NAD CA . -0.98 22.29 25.72
O5D NAD CA . -2.72 20.87 24.62
C5D NAD CA . -3.62 19.74 24.68
C4D NAD CA . -3.45 18.94 23.41
O4D NAD CA . -3.91 19.77 22.31
C3D NAD CA . -2.00 18.55 23.07
O3D NAD CA . -1.92 17.32 22.36
C2D NAD CA . -1.56 19.67 22.13
O2D NAD CA . -0.50 19.12 21.34
C1D NAD CA . -2.86 19.96 21.38
N1N NAD CA . -3.02 21.36 20.90
C2N NAD CA . -3.61 21.62 19.70
C3N NAD CA . -4.24 22.82 19.48
C7N NAD CA . -5.09 23.01 18.24
O7N NAD CA . -5.18 24.12 17.72
N7N NAD CA . -5.70 21.94 17.78
C4N NAD CA . -4.08 23.84 20.42
C5N NAD CA . -3.41 23.59 21.61
C6N NAD CA . -2.79 22.40 21.78
ZN ZN DA . -11.34 32.68 3.75
ZN ZN EA . -0.73 25.45 20.24
MG MG FA . 5.47 37.14 4.12
N1 5Z9 GA . -1.16 23.96 18.46
C1 5Z9 GA . 0.58 25.22 15.41
C2 5Z9 GA . -0.86 24.88 15.16
C3 5Z9 GA . -1.30 23.58 15.86
C4 5Z9 GA . -2.73 23.20 15.56
C5 5Z9 GA . -1.22 23.84 17.33
O1 5Z9 GA . -0.42 22.52 15.44
PA NAD HA . -22.26 -2.70 -2.90
O1A NAD HA . -21.28 -3.73 -2.46
O2A NAD HA . -23.45 -3.02 -3.76
O5B NAD HA . -21.55 -1.39 -3.46
C5B NAD HA . -20.23 -1.06 -3.03
C4B NAD HA . -19.53 -0.41 -4.20
O4B NAD HA . -18.24 0.05 -3.75
C3B NAD HA . -19.31 -1.33 -5.40
O3B NAD HA . -19.64 -0.69 -6.64
C2B NAD HA . -17.84 -1.68 -5.29
O2B NAD HA . -17.21 -1.92 -6.53
C1B NAD HA . -17.25 -0.43 -4.62
N9A NAD HA . -16.04 -0.77 -3.89
C8A NAD HA . -15.92 -1.67 -2.86
N7A NAD HA . -14.68 -1.92 -2.53
C5A NAD HA . -13.93 -1.20 -3.45
C6A NAD HA . -12.54 -1.07 -3.65
N6A NAD HA . -11.65 -1.74 -2.95
N1A NAD HA . -12.11 -0.28 -4.67
C2A NAD HA . -13.03 0.36 -5.40
N3A NAD HA . -14.36 0.34 -5.30
C4A NAD HA . -14.76 -0.48 -4.30
O3 NAD HA . -22.85 -2.11 -1.52
PN NAD HA . -24.13 -1.22 -1.23
O1N NAD HA . -25.29 -2.15 -0.98
O2N NAD HA . -24.33 -0.15 -2.26
O5D NAD HA . -23.70 -0.54 0.16
C5D NAD HA . -22.49 0.26 0.14
C4D NAD HA . -21.83 0.10 1.48
O4D NAD HA . -22.68 0.68 2.50
C3D NAD HA . -21.60 -1.35 1.89
O3D NAD HA . -20.40 -1.53 2.62
C2D NAD HA . -22.82 -1.66 2.76
O2D NAD HA . -22.42 -2.67 3.68
C1D NAD HA . -23.07 -0.31 3.44
N1N NAD HA . -24.48 -0.03 3.82
C2N NAD HA . -24.73 0.58 4.97
C3N NAD HA . -25.89 1.27 5.21
C7N NAD HA . -26.01 2.15 6.41
O7N NAD HA . -27.13 2.34 6.87
N7N NAD HA . -24.93 2.80 6.85
C4N NAD HA . -26.98 1.06 4.32
C5N NAD HA . -26.73 0.42 3.12
C6N NAD HA . -25.54 -0.25 2.97
ZN ZN IA . -35.99 9.16 20.27
ZN ZN JA . -28.67 -2.14 4.36
MG MG KA . -41.37 -7.36 20.13
N1 5Z9 LA . -27.35 -1.61 6.18
C1 5Z9 LA . -28.94 -3.06 9.25
C2 5Z9 LA . -28.39 -1.66 9.48
C3 5Z9 LA . -27.07 -1.40 8.78
C4 5Z9 LA . -26.52 -0.04 9.16
C5 5Z9 LA . -27.23 -1.49 7.31
O1 5Z9 LA . -26.19 -2.44 9.24
C1 EDO MA . -44.14 -17.48 -8.58
O1 EDO MA . -43.37 -18.33 -7.70
C2 EDO MA . -45.54 -17.91 -8.88
O2 EDO MA . -46.60 -17.15 -8.28
C1 BTB NA . -48.89 -5.08 -3.40
O1 BTB NA . -48.15 -5.23 -4.60
C2 BTB NA . -49.87 -3.90 -3.50
C3 BTB NA . -51.08 -4.31 -4.35
O3 BTB NA . -50.69 -4.95 -5.55
C4 BTB NA . -50.40 -3.62 -2.07
O4 BTB NA . -51.32 -2.55 -2.06
N BTB NA . -49.08 -2.74 -4.13
C5 BTB NA . -49.65 -2.14 -5.39
C6 BTB NA . -48.72 -1.24 -6.17
O6 BTB NA . -47.76 -1.99 -6.91
C7 BTB NA . -48.44 -1.79 -3.15
C8 BTB NA . -46.97 -2.07 -2.88
O8 BTB NA . -46.33 -0.91 -2.36
#